data_3BA2
# 
_entry.id   3BA2 
# 
_audit_conform.dict_name       mmcif_pdbx.dic 
_audit_conform.dict_version    5.387 
_audit_conform.dict_location   http://mmcif.pdb.org/dictionaries/ascii/mmcif_pdbx.dic 
# 
loop_
_database_2.database_id 
_database_2.database_code 
_database_2.pdbx_database_accession 
_database_2.pdbx_DOI 
PDB   3BA2         pdb_00003ba2 10.2210/pdb3ba2/pdb 
RCSB  RCSB045267   ?            ?                   
WWPDB D_1000045267 ?            ?                   
# 
loop_
_pdbx_audit_revision_history.ordinal 
_pdbx_audit_revision_history.data_content_type 
_pdbx_audit_revision_history.major_revision 
_pdbx_audit_revision_history.minor_revision 
_pdbx_audit_revision_history.revision_date 
1 'Structure model' 1 0 2008-11-11 
2 'Structure model' 1 1 2011-07-13 
3 'Structure model' 1 2 2024-02-21 
# 
_pdbx_audit_revision_details.ordinal             1 
_pdbx_audit_revision_details.revision_ordinal    1 
_pdbx_audit_revision_details.data_content_type   'Structure model' 
_pdbx_audit_revision_details.provider            repository 
_pdbx_audit_revision_details.type                'Initial release' 
_pdbx_audit_revision_details.description         ? 
_pdbx_audit_revision_details.details             ? 
# 
loop_
_pdbx_audit_revision_group.ordinal 
_pdbx_audit_revision_group.revision_ordinal 
_pdbx_audit_revision_group.data_content_type 
_pdbx_audit_revision_group.group 
1 2 'Structure model' 'Version format compliance' 
2 3 'Structure model' 'Data collection'           
3 3 'Structure model' 'Database references'       
4 3 'Structure model' 'Derived calculations'      
# 
loop_
_pdbx_audit_revision_category.ordinal 
_pdbx_audit_revision_category.revision_ordinal 
_pdbx_audit_revision_category.data_content_type 
_pdbx_audit_revision_category.category 
1 3 'Structure model' chem_comp_atom       
2 3 'Structure model' chem_comp_bond       
3 3 'Structure model' database_2           
4 3 'Structure model' pdbx_validate_chiral 
5 3 'Structure model' struct_site          
# 
loop_
_pdbx_audit_revision_item.ordinal 
_pdbx_audit_revision_item.revision_ordinal 
_pdbx_audit_revision_item.data_content_type 
_pdbx_audit_revision_item.item 
1 3 'Structure model' '_database_2.pdbx_DOI'                
2 3 'Structure model' '_database_2.pdbx_database_accession' 
3 3 'Structure model' '_struct_site.pdbx_auth_asym_id'      
4 3 'Structure model' '_struct_site.pdbx_auth_comp_id'      
5 3 'Structure model' '_struct_site.pdbx_auth_seq_id'       
# 
_pdbx_database_status.entry_id                        3BA2 
_pdbx_database_status.deposit_site                    RCSB 
_pdbx_database_status.process_site                    RCSB 
_pdbx_database_status.recvd_initial_deposition_date   2007-11-07 
_pdbx_database_status.status_code                     REL 
_pdbx_database_status.status_code_sf                  REL 
_pdbx_database_status.status_code_mr                  ? 
_pdbx_database_status.SG_entry                        ? 
_pdbx_database_status.pdb_format_compatible           Y 
_pdbx_database_status.status_code_cs                  ? 
_pdbx_database_status.status_code_nmr_data            ? 
_pdbx_database_status.methods_development_category    ? 
# 
loop_
_audit_author.name 
_audit_author.pdbx_ordinal 
'Yi, J.'             1 
'Copeland, D.M.'     2 
'Richter-Addo, G.B.' 3 
# 
_citation.id                        primary 
_citation.title                     'Cyanide bound Chlorin substituted Myoglobin' 
_citation.journal_abbrev            'To be Published' 
_citation.journal_volume            ? 
_citation.page_first                ? 
_citation.page_last                 ? 
_citation.year                      ? 
_citation.journal_id_ASTM           ? 
_citation.country                   ? 
_citation.journal_id_ISSN           ? 
_citation.journal_id_CSD            0353 
_citation.book_publisher            ? 
_citation.pdbx_database_id_PubMed   ? 
_citation.pdbx_database_id_DOI      ? 
# 
loop_
_citation_author.citation_id 
_citation_author.name 
_citation_author.ordinal 
_citation_author.identifier_ORCID 
primary 'Yi, J.'             1 ? 
primary 'Copeland, D.M.'     2 ? 
primary 'West, A.H.'         3 ? 
primary 'Richter-Addo, G.B.' 4 ? 
# 
loop_
_entity.id 
_entity.type 
_entity.src_method 
_entity.pdbx_description 
_entity.formula_weight 
_entity.pdbx_number_of_molecules 
_entity.pdbx_ec 
_entity.pdbx_mutation 
_entity.pdbx_fragment 
_entity.details 
1 polymer     nat Myoglobin                                 16983.514 1   ? ? ? ? 
2 non-polymer syn 'SULFATE ION'                             96.063    3   ? ? ? ? 
3 non-polymer syn 'CYANIDE ION'                             26.017    1   ? ? ? ? 
4 non-polymer syn 'Fe(III) pyropheophorbide-a methyl ester' 602.504   1   ? ? ? ? 
5 water       nat water                                     18.015    109 ? ? ? ? 
# 
_entity_poly.entity_id                      1 
_entity_poly.type                           'polypeptide(L)' 
_entity_poly.nstd_linkage                   no 
_entity_poly.nstd_monomer                   no 
_entity_poly.pdbx_seq_one_letter_code       
;GLSDGEWQQVLNVWGKVEADIAGHGQEVLIRLFTGHPETLEKFDKFKHLKTEAEMKASEDLKKHGTVVLTALGGILKKKG
HHEAELKPLAQSHATKHKIPIKYLEFISDAIIHVLHSKHPGDFGADAQGAMTKALELFRNDIAAKYKELGFQG
;
_entity_poly.pdbx_seq_one_letter_code_can   
;GLSDGEWQQVLNVWGKVEADIAGHGQEVLIRLFTGHPETLEKFDKFKHLKTEAEMKASEDLKKHGTVVLTALGGILKKKG
HHEAELKPLAQSHATKHKIPIKYLEFISDAIIHVLHSKHPGDFGADAQGAMTKALELFRNDIAAKYKELGFQG
;
_entity_poly.pdbx_strand_id                 A 
_entity_poly.pdbx_target_identifier         ? 
# 
loop_
_pdbx_entity_nonpoly.entity_id 
_pdbx_entity_nonpoly.name 
_pdbx_entity_nonpoly.comp_id 
2 'SULFATE ION'                             SO4 
3 'CYANIDE ION'                             CYN 
4 'Fe(III) pyropheophorbide-a methyl ester' HKL 
5 water                                     HOH 
# 
loop_
_entity_poly_seq.entity_id 
_entity_poly_seq.num 
_entity_poly_seq.mon_id 
_entity_poly_seq.hetero 
1 1   GLY n 
1 2   LEU n 
1 3   SER n 
1 4   ASP n 
1 5   GLY n 
1 6   GLU n 
1 7   TRP n 
1 8   GLN n 
1 9   GLN n 
1 10  VAL n 
1 11  LEU n 
1 12  ASN n 
1 13  VAL n 
1 14  TRP n 
1 15  GLY n 
1 16  LYS n 
1 17  VAL n 
1 18  GLU n 
1 19  ALA n 
1 20  ASP n 
1 21  ILE n 
1 22  ALA n 
1 23  GLY n 
1 24  HIS n 
1 25  GLY n 
1 26  GLN n 
1 27  GLU n 
1 28  VAL n 
1 29  LEU n 
1 30  ILE n 
1 31  ARG n 
1 32  LEU n 
1 33  PHE n 
1 34  THR n 
1 35  GLY n 
1 36  HIS n 
1 37  PRO n 
1 38  GLU n 
1 39  THR n 
1 40  LEU n 
1 41  GLU n 
1 42  LYS n 
1 43  PHE n 
1 44  ASP n 
1 45  LYS n 
1 46  PHE n 
1 47  LYS n 
1 48  HIS n 
1 49  LEU n 
1 50  LYS n 
1 51  THR n 
1 52  GLU n 
1 53  ALA n 
1 54  GLU n 
1 55  MET n 
1 56  LYS n 
1 57  ALA n 
1 58  SER n 
1 59  GLU n 
1 60  ASP n 
1 61  LEU n 
1 62  LYS n 
1 63  LYS n 
1 64  HIS n 
1 65  GLY n 
1 66  THR n 
1 67  VAL n 
1 68  VAL n 
1 69  LEU n 
1 70  THR n 
1 71  ALA n 
1 72  LEU n 
1 73  GLY n 
1 74  GLY n 
1 75  ILE n 
1 76  LEU n 
1 77  LYS n 
1 78  LYS n 
1 79  LYS n 
1 80  GLY n 
1 81  HIS n 
1 82  HIS n 
1 83  GLU n 
1 84  ALA n 
1 85  GLU n 
1 86  LEU n 
1 87  LYS n 
1 88  PRO n 
1 89  LEU n 
1 90  ALA n 
1 91  GLN n 
1 92  SER n 
1 93  HIS n 
1 94  ALA n 
1 95  THR n 
1 96  LYS n 
1 97  HIS n 
1 98  LYS n 
1 99  ILE n 
1 100 PRO n 
1 101 ILE n 
1 102 LYS n 
1 103 TYR n 
1 104 LEU n 
1 105 GLU n 
1 106 PHE n 
1 107 ILE n 
1 108 SER n 
1 109 ASP n 
1 110 ALA n 
1 111 ILE n 
1 112 ILE n 
1 113 HIS n 
1 114 VAL n 
1 115 LEU n 
1 116 HIS n 
1 117 SER n 
1 118 LYS n 
1 119 HIS n 
1 120 PRO n 
1 121 GLY n 
1 122 ASP n 
1 123 PHE n 
1 124 GLY n 
1 125 ALA n 
1 126 ASP n 
1 127 ALA n 
1 128 GLN n 
1 129 GLY n 
1 130 ALA n 
1 131 MET n 
1 132 THR n 
1 133 LYS n 
1 134 ALA n 
1 135 LEU n 
1 136 GLU n 
1 137 LEU n 
1 138 PHE n 
1 139 ARG n 
1 140 ASN n 
1 141 ASP n 
1 142 ILE n 
1 143 ALA n 
1 144 ALA n 
1 145 LYS n 
1 146 TYR n 
1 147 LYS n 
1 148 GLU n 
1 149 LEU n 
1 150 GLY n 
1 151 PHE n 
1 152 GLN n 
1 153 GLY n 
# 
_entity_src_nat.entity_id                  1 
_entity_src_nat.pdbx_src_id                1 
_entity_src_nat.pdbx_alt_source_flag       sample 
_entity_src_nat.pdbx_beg_seq_num           ? 
_entity_src_nat.pdbx_end_seq_num           ? 
_entity_src_nat.common_name                Horse 
_entity_src_nat.pdbx_organism_scientific   'Equus caballus' 
_entity_src_nat.pdbx_ncbi_taxonomy_id      ? 
_entity_src_nat.genus                      ? 
_entity_src_nat.species                    ? 
_entity_src_nat.strain                     ? 
_entity_src_nat.tissue                     ? 
_entity_src_nat.tissue_fraction            ? 
_entity_src_nat.pdbx_secretion             ? 
_entity_src_nat.pdbx_fragment              ? 
_entity_src_nat.pdbx_variant               ? 
_entity_src_nat.pdbx_cell_line             ? 
_entity_src_nat.pdbx_atcc                  ? 
_entity_src_nat.pdbx_cellular_location     ? 
_entity_src_nat.pdbx_organ                 ? 
_entity_src_nat.pdbx_organelle             ? 
_entity_src_nat.pdbx_cell                  ? 
_entity_src_nat.pdbx_plasmid_name          ? 
_entity_src_nat.pdbx_plasmid_details       ? 
_entity_src_nat.details                    'Horse Heart' 
# 
loop_
_chem_comp.id 
_chem_comp.type 
_chem_comp.mon_nstd_flag 
_chem_comp.name 
_chem_comp.pdbx_synonyms 
_chem_comp.formula 
_chem_comp.formula_weight 
ALA 'L-peptide linking' y ALANINE                                   ? 'C3 H7 N O2'       89.093  
ARG 'L-peptide linking' y ARGININE                                  ? 'C6 H15 N4 O2 1'   175.209 
ASN 'L-peptide linking' y ASPARAGINE                                ? 'C4 H8 N2 O3'      132.118 
ASP 'L-peptide linking' y 'ASPARTIC ACID'                           ? 'C4 H7 N O4'       133.103 
CYN non-polymer         . 'CYANIDE ION'                             ? 'C N -1'           26.017  
GLN 'L-peptide linking' y GLUTAMINE                                 ? 'C5 H10 N2 O3'     146.144 
GLU 'L-peptide linking' y 'GLUTAMIC ACID'                           ? 'C5 H9 N O4'       147.129 
GLY 'peptide linking'   y GLYCINE                                   ? 'C2 H5 N O2'       75.067  
HIS 'L-peptide linking' y HISTIDINE                                 ? 'C6 H10 N3 O2 1'   156.162 
HKL non-polymer         . 'Fe(III) pyropheophorbide-a methyl ester' ? 'C34 H34 Fe N4 O3' 602.504 
HOH non-polymer         . WATER                                     ? 'H2 O'             18.015  
ILE 'L-peptide linking' y ISOLEUCINE                                ? 'C6 H13 N O2'      131.173 
LEU 'L-peptide linking' y LEUCINE                                   ? 'C6 H13 N O2'      131.173 
LYS 'L-peptide linking' y LYSINE                                    ? 'C6 H15 N2 O2 1'   147.195 
MET 'L-peptide linking' y METHIONINE                                ? 'C5 H11 N O2 S'    149.211 
PHE 'L-peptide linking' y PHENYLALANINE                             ? 'C9 H11 N O2'      165.189 
PRO 'L-peptide linking' y PROLINE                                   ? 'C5 H9 N O2'       115.130 
SER 'L-peptide linking' y SERINE                                    ? 'C3 H7 N O3'       105.093 
SO4 non-polymer         . 'SULFATE ION'                             ? 'O4 S -2'          96.063  
THR 'L-peptide linking' y THREONINE                                 ? 'C4 H9 N O3'       119.119 
TRP 'L-peptide linking' y TRYPTOPHAN                                ? 'C11 H12 N2 O2'    204.225 
TYR 'L-peptide linking' y TYROSINE                                  ? 'C9 H11 N O3'      181.189 
VAL 'L-peptide linking' y VALINE                                    ? 'C5 H11 N O2'      117.146 
# 
loop_
_pdbx_poly_seq_scheme.asym_id 
_pdbx_poly_seq_scheme.entity_id 
_pdbx_poly_seq_scheme.seq_id 
_pdbx_poly_seq_scheme.mon_id 
_pdbx_poly_seq_scheme.ndb_seq_num 
_pdbx_poly_seq_scheme.pdb_seq_num 
_pdbx_poly_seq_scheme.auth_seq_num 
_pdbx_poly_seq_scheme.pdb_mon_id 
_pdbx_poly_seq_scheme.auth_mon_id 
_pdbx_poly_seq_scheme.pdb_strand_id 
_pdbx_poly_seq_scheme.pdb_ins_code 
_pdbx_poly_seq_scheme.hetero 
A 1 1   GLY 1   1   1   GLY GLY A . n 
A 1 2   LEU 2   2   2   LEU LEU A . n 
A 1 3   SER 3   3   3   SER SER A . n 
A 1 4   ASP 4   4   4   ASP ASP A . n 
A 1 5   GLY 5   5   5   GLY GLY A . n 
A 1 6   GLU 6   6   6   GLU GLU A . n 
A 1 7   TRP 7   7   7   TRP TRP A . n 
A 1 8   GLN 8   8   8   GLN GLN A . n 
A 1 9   GLN 9   9   9   GLN GLN A . n 
A 1 10  VAL 10  10  10  VAL VAL A . n 
A 1 11  LEU 11  11  11  LEU LEU A . n 
A 1 12  ASN 12  12  12  ASN ASN A . n 
A 1 13  VAL 13  13  13  VAL VAL A . n 
A 1 14  TRP 14  14  14  TRP TRP A . n 
A 1 15  GLY 15  15  15  GLY GLY A . n 
A 1 16  LYS 16  16  16  LYS LYS A . n 
A 1 17  VAL 17  17  17  VAL VAL A . n 
A 1 18  GLU 18  18  18  GLU GLU A . n 
A 1 19  ALA 19  19  19  ALA ALA A . n 
A 1 20  ASP 20  20  20  ASP ASP A . n 
A 1 21  ILE 21  21  21  ILE ILE A . n 
A 1 22  ALA 22  22  22  ALA ALA A . n 
A 1 23  GLY 23  23  23  GLY GLY A . n 
A 1 24  HIS 24  24  24  HIS HIS A . n 
A 1 25  GLY 25  25  25  GLY GLY A . n 
A 1 26  GLN 26  26  26  GLN GLN A . n 
A 1 27  GLU 27  27  27  GLU GLU A . n 
A 1 28  VAL 28  28  28  VAL VAL A . n 
A 1 29  LEU 29  29  29  LEU LEU A . n 
A 1 30  ILE 30  30  30  ILE ILE A . n 
A 1 31  ARG 31  31  31  ARG ARG A . n 
A 1 32  LEU 32  32  32  LEU LEU A . n 
A 1 33  PHE 33  33  33  PHE PHE A . n 
A 1 34  THR 34  34  34  THR THR A . n 
A 1 35  GLY 35  35  35  GLY GLY A . n 
A 1 36  HIS 36  36  36  HIS HIS A . n 
A 1 37  PRO 37  37  37  PRO PRO A . n 
A 1 38  GLU 38  38  38  GLU GLU A . n 
A 1 39  THR 39  39  39  THR THR A . n 
A 1 40  LEU 40  40  40  LEU LEU A . n 
A 1 41  GLU 41  41  41  GLU GLU A . n 
A 1 42  LYS 42  42  42  LYS LYS A . n 
A 1 43  PHE 43  43  43  PHE PHE A . n 
A 1 44  ASP 44  44  44  ASP ASP A . n 
A 1 45  LYS 45  45  45  LYS LYS A . n 
A 1 46  PHE 46  46  46  PHE PHE A . n 
A 1 47  LYS 47  47  47  LYS LYS A . n 
A 1 48  HIS 48  48  48  HIS HIS A . n 
A 1 49  LEU 49  49  49  LEU LEU A . n 
A 1 50  LYS 50  50  50  LYS LYS A . n 
A 1 51  THR 51  51  51  THR THR A . n 
A 1 52  GLU 52  52  52  GLU GLU A . n 
A 1 53  ALA 53  53  53  ALA ALA A . n 
A 1 54  GLU 54  54  54  GLU GLU A . n 
A 1 55  MET 55  55  55  MET MET A . n 
A 1 56  LYS 56  56  56  LYS LYS A . n 
A 1 57  ALA 57  57  57  ALA ALA A . n 
A 1 58  SER 58  58  58  SER SER A . n 
A 1 59  GLU 59  59  59  GLU GLU A . n 
A 1 60  ASP 60  60  60  ASP ASP A . n 
A 1 61  LEU 61  61  61  LEU LEU A . n 
A 1 62  LYS 62  62  62  LYS LYS A . n 
A 1 63  LYS 63  63  63  LYS LYS A . n 
A 1 64  HIS 64  64  64  HIS HIS A . n 
A 1 65  GLY 65  65  65  GLY GLY A . n 
A 1 66  THR 66  66  66  THR THR A . n 
A 1 67  VAL 67  67  67  VAL VAL A . n 
A 1 68  VAL 68  68  68  VAL VAL A . n 
A 1 69  LEU 69  69  69  LEU LEU A . n 
A 1 70  THR 70  70  70  THR THR A . n 
A 1 71  ALA 71  71  71  ALA ALA A . n 
A 1 72  LEU 72  72  72  LEU LEU A . n 
A 1 73  GLY 73  73  73  GLY GLY A . n 
A 1 74  GLY 74  74  74  GLY GLY A . n 
A 1 75  ILE 75  75  75  ILE ILE A . n 
A 1 76  LEU 76  76  76  LEU LEU A . n 
A 1 77  LYS 77  77  77  LYS LYS A . n 
A 1 78  LYS 78  78  78  LYS LYS A . n 
A 1 79  LYS 79  79  79  LYS LYS A . n 
A 1 80  GLY 80  80  80  GLY GLY A . n 
A 1 81  HIS 81  81  81  HIS HIS A . n 
A 1 82  HIS 82  82  82  HIS HIS A . n 
A 1 83  GLU 83  83  83  GLU GLU A . n 
A 1 84  ALA 84  84  84  ALA ALA A . n 
A 1 85  GLU 85  85  85  GLU GLU A . n 
A 1 86  LEU 86  86  86  LEU LEU A . n 
A 1 87  LYS 87  87  87  LYS LYS A . n 
A 1 88  PRO 88  88  88  PRO PRO A . n 
A 1 89  LEU 89  89  89  LEU LEU A . n 
A 1 90  ALA 90  90  90  ALA ALA A . n 
A 1 91  GLN 91  91  91  GLN GLN A . n 
A 1 92  SER 92  92  92  SER SER A . n 
A 1 93  HIS 93  93  93  HIS HIS A . n 
A 1 94  ALA 94  94  94  ALA ALA A . n 
A 1 95  THR 95  95  95  THR THR A . n 
A 1 96  LYS 96  96  96  LYS LYS A . n 
A 1 97  HIS 97  97  97  HIS HIS A . n 
A 1 98  LYS 98  98  98  LYS LYS A . n 
A 1 99  ILE 99  99  99  ILE ILE A . n 
A 1 100 PRO 100 100 100 PRO PRO A . n 
A 1 101 ILE 101 101 101 ILE ILE A . n 
A 1 102 LYS 102 102 102 LYS LYS A . n 
A 1 103 TYR 103 103 103 TYR TYR A . n 
A 1 104 LEU 104 104 104 LEU LEU A . n 
A 1 105 GLU 105 105 105 GLU GLU A . n 
A 1 106 PHE 106 106 106 PHE PHE A . n 
A 1 107 ILE 107 107 107 ILE ILE A . n 
A 1 108 SER 108 108 108 SER SER A . n 
A 1 109 ASP 109 109 109 ASP ASP A . n 
A 1 110 ALA 110 110 110 ALA ALA A . n 
A 1 111 ILE 111 111 111 ILE ILE A . n 
A 1 112 ILE 112 112 112 ILE ILE A . n 
A 1 113 HIS 113 113 113 HIS HIS A . n 
A 1 114 VAL 114 114 114 VAL VAL A . n 
A 1 115 LEU 115 115 115 LEU LEU A . n 
A 1 116 HIS 116 116 116 HIS HIS A . n 
A 1 117 SER 117 117 117 SER SER A . n 
A 1 118 LYS 118 118 118 LYS LYS A . n 
A 1 119 HIS 119 119 119 HIS HIS A . n 
A 1 120 PRO 120 120 120 PRO PRO A . n 
A 1 121 GLY 121 121 121 GLY GLY A . n 
A 1 122 ASP 122 122 122 ASP ASP A . n 
A 1 123 PHE 123 123 123 PHE PHE A . n 
A 1 124 GLY 124 124 124 GLY GLY A . n 
A 1 125 ALA 125 125 125 ALA ALA A . n 
A 1 126 ASP 126 126 126 ASP ASP A . n 
A 1 127 ALA 127 127 127 ALA ALA A . n 
A 1 128 GLN 128 128 128 GLN GLN A . n 
A 1 129 GLY 129 129 129 GLY GLY A . n 
A 1 130 ALA 130 130 130 ALA ALA A . n 
A 1 131 MET 131 131 131 MET MET A . n 
A 1 132 THR 132 132 132 THR THR A . n 
A 1 133 LYS 133 133 133 LYS LYS A . n 
A 1 134 ALA 134 134 134 ALA ALA A . n 
A 1 135 LEU 135 135 135 LEU LEU A . n 
A 1 136 GLU 136 136 136 GLU GLU A . n 
A 1 137 LEU 137 137 137 LEU LEU A . n 
A 1 138 PHE 138 138 138 PHE PHE A . n 
A 1 139 ARG 139 139 139 ARG ARG A . n 
A 1 140 ASN 140 140 140 ASN ASN A . n 
A 1 141 ASP 141 141 141 ASP ASP A . n 
A 1 142 ILE 142 142 142 ILE ILE A . n 
A 1 143 ALA 143 143 143 ALA ALA A . n 
A 1 144 ALA 144 144 144 ALA ALA A . n 
A 1 145 LYS 145 145 145 LYS LYS A . n 
A 1 146 TYR 146 146 146 TYR TYR A . n 
A 1 147 LYS 147 147 147 LYS LYS A . n 
A 1 148 GLU 148 148 148 GLU GLU A . n 
A 1 149 LEU 149 149 149 LEU LEU A . n 
A 1 150 GLY 150 150 150 GLY GLY A . n 
A 1 151 PHE 151 151 151 PHE PHE A . n 
A 1 152 GLN 152 152 152 GLN GLN A . n 
A 1 153 GLY 153 153 ?   ?   ?   A . n 
# 
loop_
_pdbx_nonpoly_scheme.asym_id 
_pdbx_nonpoly_scheme.entity_id 
_pdbx_nonpoly_scheme.mon_id 
_pdbx_nonpoly_scheme.ndb_seq_num 
_pdbx_nonpoly_scheme.pdb_seq_num 
_pdbx_nonpoly_scheme.auth_seq_num 
_pdbx_nonpoly_scheme.pdb_mon_id 
_pdbx_nonpoly_scheme.auth_mon_id 
_pdbx_nonpoly_scheme.pdb_strand_id 
_pdbx_nonpoly_scheme.pdb_ins_code 
B 2 SO4 1   154 2   SO4 SO4 A . 
C 2 SO4 1   155 1   SO4 SO4 A . 
D 2 SO4 1   156 3   SO4 SO4 A . 
E 3 CYN 1   157 1   CYN CYN A . 
F 4 HKL 1   158 1   HKL HKL A . 
G 5 HOH 1   159 2   HOH HOH A . 
G 5 HOH 2   160 3   HOH HOH A . 
G 5 HOH 3   161 4   HOH HOH A . 
G 5 HOH 4   162 5   HOH HOH A . 
G 5 HOH 5   163 6   HOH HOH A . 
G 5 HOH 6   164 7   HOH HOH A . 
G 5 HOH 7   165 8   HOH HOH A . 
G 5 HOH 8   166 9   HOH HOH A . 
G 5 HOH 9   167 10  HOH HOH A . 
G 5 HOH 10  168 11  HOH HOH A . 
G 5 HOH 11  169 12  HOH HOH A . 
G 5 HOH 12  170 13  HOH HOH A . 
G 5 HOH 13  171 14  HOH HOH A . 
G 5 HOH 14  172 15  HOH HOH A . 
G 5 HOH 15  173 16  HOH HOH A . 
G 5 HOH 16  174 17  HOH HOH A . 
G 5 HOH 17  175 18  HOH HOH A . 
G 5 HOH 18  176 19  HOH HOH A . 
G 5 HOH 19  177 20  HOH HOH A . 
G 5 HOH 20  178 21  HOH HOH A . 
G 5 HOH 21  179 22  HOH HOH A . 
G 5 HOH 22  180 23  HOH HOH A . 
G 5 HOH 23  181 24  HOH HOH A . 
G 5 HOH 24  182 25  HOH HOH A . 
G 5 HOH 25  183 26  HOH HOH A . 
G 5 HOH 26  184 27  HOH HOH A . 
G 5 HOH 27  185 28  HOH HOH A . 
G 5 HOH 28  186 29  HOH HOH A . 
G 5 HOH 29  187 30  HOH HOH A . 
G 5 HOH 30  188 31  HOH HOH A . 
G 5 HOH 31  189 32  HOH HOH A . 
G 5 HOH 32  190 33  HOH HOH A . 
G 5 HOH 33  191 34  HOH HOH A . 
G 5 HOH 34  192 35  HOH HOH A . 
G 5 HOH 35  193 36  HOH HOH A . 
G 5 HOH 36  194 37  HOH HOH A . 
G 5 HOH 37  195 38  HOH HOH A . 
G 5 HOH 38  196 39  HOH HOH A . 
G 5 HOH 39  197 40  HOH HOH A . 
G 5 HOH 40  198 41  HOH HOH A . 
G 5 HOH 41  199 42  HOH HOH A . 
G 5 HOH 42  200 43  HOH HOH A . 
G 5 HOH 43  201 44  HOH HOH A . 
G 5 HOH 44  202 45  HOH HOH A . 
G 5 HOH 45  203 46  HOH HOH A . 
G 5 HOH 46  204 47  HOH HOH A . 
G 5 HOH 47  205 48  HOH HOH A . 
G 5 HOH 48  206 49  HOH HOH A . 
G 5 HOH 49  207 50  HOH HOH A . 
G 5 HOH 50  208 51  HOH HOH A . 
G 5 HOH 51  209 52  HOH HOH A . 
G 5 HOH 52  210 53  HOH HOH A . 
G 5 HOH 53  211 54  HOH HOH A . 
G 5 HOH 54  212 55  HOH HOH A . 
G 5 HOH 55  213 56  HOH HOH A . 
G 5 HOH 56  214 57  HOH HOH A . 
G 5 HOH 57  215 58  HOH HOH A . 
G 5 HOH 58  216 59  HOH HOH A . 
G 5 HOH 59  217 60  HOH HOH A . 
G 5 HOH 60  218 61  HOH HOH A . 
G 5 HOH 61  219 62  HOH HOH A . 
G 5 HOH 62  220 63  HOH HOH A . 
G 5 HOH 63  221 64  HOH HOH A . 
G 5 HOH 64  222 65  HOH HOH A . 
G 5 HOH 65  223 66  HOH HOH A . 
G 5 HOH 66  224 67  HOH HOH A . 
G 5 HOH 67  225 68  HOH HOH A . 
G 5 HOH 68  226 69  HOH HOH A . 
G 5 HOH 69  227 70  HOH HOH A . 
G 5 HOH 70  228 71  HOH HOH A . 
G 5 HOH 71  229 72  HOH HOH A . 
G 5 HOH 72  230 73  HOH HOH A . 
G 5 HOH 73  231 74  HOH HOH A . 
G 5 HOH 74  232 75  HOH HOH A . 
G 5 HOH 75  233 76  HOH HOH A . 
G 5 HOH 76  234 77  HOH HOH A . 
G 5 HOH 77  235 78  HOH HOH A . 
G 5 HOH 78  236 79  HOH HOH A . 
G 5 HOH 79  237 80  HOH HOH A . 
G 5 HOH 80  238 81  HOH HOH A . 
G 5 HOH 81  239 82  HOH HOH A . 
G 5 HOH 82  240 83  HOH HOH A . 
G 5 HOH 83  241 84  HOH HOH A . 
G 5 HOH 84  242 85  HOH HOH A . 
G 5 HOH 85  243 86  HOH HOH A . 
G 5 HOH 86  244 87  HOH HOH A . 
G 5 HOH 87  245 88  HOH HOH A . 
G 5 HOH 88  246 89  HOH HOH A . 
G 5 HOH 89  247 90  HOH HOH A . 
G 5 HOH 90  248 91  HOH HOH A . 
G 5 HOH 91  249 92  HOH HOH A . 
G 5 HOH 92  250 93  HOH HOH A . 
G 5 HOH 93  251 94  HOH HOH A . 
G 5 HOH 94  252 95  HOH HOH A . 
G 5 HOH 95  253 96  HOH HOH A . 
G 5 HOH 96  254 97  HOH HOH A . 
G 5 HOH 97  255 98  HOH HOH A . 
G 5 HOH 98  256 99  HOH HOH A . 
G 5 HOH 99  257 100 HOH HOH A . 
G 5 HOH 100 258 101 HOH HOH A . 
G 5 HOH 101 259 102 HOH HOH A . 
G 5 HOH 102 260 103 HOH HOH A . 
G 5 HOH 103 261 104 HOH HOH A . 
G 5 HOH 104 262 105 HOH HOH A . 
G 5 HOH 105 263 106 HOH HOH A . 
G 5 HOH 106 264 107 HOH HOH A . 
G 5 HOH 107 265 108 HOH HOH A . 
G 5 HOH 108 266 109 HOH HOH A . 
G 5 HOH 109 267 110 HOH HOH A . 
# 
loop_
_software.name 
_software.version 
_software.date 
_software.type 
_software.contact_author 
_software.contact_author_email 
_software.classification 
_software.location 
_software.language 
_software.citation_id 
_software.pdbx_ordinal 
d*TREK       9.2D     'May 21 2004'        package 'Pflugrath, J.W.' jwp@RigakuMSC.com        'data scaling'    
http://www.msc.com/protein/dtrek.html       ?          ? 1 
MOLREP       .        ?                    other   'A. Vagin'        alexei@ysbl.york.ac.uk   phasing           
http://www.ccp4.ac.uk/dist/html/molrep.html Fortran_77 ? 2 
REFMAC       5.2.0019 ?                    program 'Murshudov, G.N.' ccp4@dl.ac.uk            refinement        
http://www.ccp4.ac.uk/main.html             Fortran_77 ? 3 
PDB_EXTRACT  3.004    'September 10, 2007' package PDB               sw-help@rcsb.rutgers.edu 'data extraction' 
http://pdb.rutgers.edu/software/            C++        ? 4 
CrystalClear .        ?                    ?       ?                 ?                        'data collection' ? ?          ? 5 
d*TREK       .        ?                    ?       ?                 ?                        'data reduction'  ? ?          ? 6 
# 
_cell.length_a           34.123 
_cell.length_b           30.389 
_cell.length_c           64.499 
_cell.angle_alpha        90.000 
_cell.angle_beta         106.010 
_cell.angle_gamma        90.000 
_cell.entry_id           3BA2 
_cell.pdbx_unique_axis   ? 
_cell.Z_PDB              2 
_cell.length_a_esd       ? 
_cell.length_b_esd       ? 
_cell.length_c_esd       ? 
_cell.angle_alpha_esd    ? 
_cell.angle_beta_esd     ? 
_cell.angle_gamma_esd    ? 
# 
_symmetry.space_group_name_H-M             'P 1 21 1' 
_symmetry.entry_id                         3BA2 
_symmetry.Int_Tables_number                4 
_symmetry.pdbx_full_space_group_name_H-M   ? 
_symmetry.cell_setting                     ? 
_symmetry.space_group_name_Hall            ? 
# 
_exptl.crystals_number   1 
_exptl.entry_id          3BA2 
_exptl.method            'X-RAY DIFFRACTION' 
# 
_exptl_crystal.id                    1 
_exptl_crystal.density_Matthews      1.89 
_exptl_crystal.density_meas          ? 
_exptl_crystal.density_percent_sol   35.01 
_exptl_crystal.description           ? 
_exptl_crystal.F_000                 ? 
_exptl_crystal.preparation           ? 
# 
_exptl_crystal_grow.crystal_id      1 
_exptl_crystal_grow.method          'VAPOR DIFFUSION, HANGING DROP' 
_exptl_crystal_grow.pH              7.4 
_exptl_crystal_grow.temp            295 
_exptl_crystal_grow.temp_details    ? 
_exptl_crystal_grow.pdbx_details    
'3.1M ammonium sulfate, 100mM Tris HCl, pH 7.4, VAPOR DIFFUSION, HANGING DROP, temperature 295K' 
_exptl_crystal_grow.pdbx_pH_range   . 
# 
_diffrn.id                     1 
_diffrn.ambient_temp           100 
_diffrn.ambient_temp_details   ? 
_diffrn.crystal_id             1 
# 
_diffrn_detector.diffrn_id              1 
_diffrn_detector.detector               'IMAGE PLATE' 
_diffrn_detector.type                   'RIGAKU RAXIS IV++' 
_diffrn_detector.pdbx_collection_date   2007-02-12 
_diffrn_detector.details                'Osmic blue' 
# 
_diffrn_radiation.diffrn_id                        1 
_diffrn_radiation.wavelength_id                    1 
_diffrn_radiation.pdbx_diffrn_protocol             'SINGLE WAVELENGTH' 
_diffrn_radiation.monochromator                    'Osmic mirrors' 
_diffrn_radiation.pdbx_monochromatic_or_laue_m_l   M 
_diffrn_radiation.pdbx_scattering_type             x-ray 
# 
_diffrn_radiation_wavelength.id           1 
_diffrn_radiation_wavelength.wavelength   1.5418 
_diffrn_radiation_wavelength.wt           1.0 
# 
_diffrn_source.diffrn_id                   1 
_diffrn_source.source                      'ROTATING ANODE' 
_diffrn_source.type                        'RIGAKU RUH3R' 
_diffrn_source.pdbx_wavelength             ? 
_diffrn_source.pdbx_wavelength_list        1.5418 
_diffrn_source.pdbx_synchrotron_site       ? 
_diffrn_source.pdbx_synchrotron_beamline   ? 
# 
_reflns.entry_id                     3BA2 
_reflns.d_resolution_high            1.800 
_reflns.d_resolution_low             22.350 
_reflns.number_obs                   11926 
_reflns.pdbx_scaling_rejects         310 
_reflns.pdbx_Rmerge_I_obs            0.034 
_reflns.pdbx_netI_over_sigmaI        21.900 
_reflns.pdbx_chi_squared             0.980 
_reflns.pdbx_redundancy              3.440 
_reflns.percent_possible_obs         99.000 
_reflns.observed_criterion_sigma_F   ? 
_reflns.observed_criterion_sigma_I   ? 
_reflns.number_all                   12043 
_reflns.pdbx_Rsym_value              ? 
_reflns.B_iso_Wilson_estimate        ? 
_reflns.R_free_details               ? 
_reflns.limit_h_max                  ? 
_reflns.limit_h_min                  ? 
_reflns.limit_k_max                  ? 
_reflns.limit_k_min                  ? 
_reflns.limit_l_max                  ? 
_reflns.limit_l_min                  ? 
_reflns.observed_criterion_F_max     ? 
_reflns.observed_criterion_F_min     ? 
_reflns.pdbx_diffrn_id               1 
_reflns.pdbx_ordinal                 1 
# 
loop_
_reflns_shell.d_res_high 
_reflns_shell.d_res_low 
_reflns_shell.number_measured_obs 
_reflns_shell.number_measured_all 
_reflns_shell.number_unique_obs 
_reflns_shell.Rmerge_I_obs 
_reflns_shell.meanI_over_sigI_obs 
_reflns_shell.pdbx_Rsym_value 
_reflns_shell.pdbx_chi_squared 
_reflns_shell.pdbx_redundancy 
_reflns_shell.percent_possible_obs 
_reflns_shell.number_unique_all 
_reflns_shell.percent_possible_all 
_reflns_shell.pdbx_diffrn_id 
_reflns_shell.pdbx_ordinal 
1.80 1.86  ? 3908 ? 0.130 7.3  ? 1.080 3.33 ? 1160 98.90 ? 1  
1.86 1.94  ? 3869 ? 0.108 8.6  ? 1.040 3.31 ? 1159 97.40 ? 2  
1.94 2.03  ? 4055 ? 0.076 11.5 ? 0.920 3.39 ? 1193 98.40 ? 3  
2.03 2.13  ? 4089 ? 0.060 15.9 ? 1.020 3.44 ? 1182 99.60 ? 4  
2.13 2.27  ? 4083 ? 0.055 17.2 ? 1.020 3.44 ? 1180 99.00 ? 5  
2.27 2.44  ? 4155 ? 0.041 21.6 ? 0.910 3.48 ? 1191 99.60 ? 6  
2.44 2.69  ? 4257 ? 0.038 24.9 ? 0.940 3.51 ? 1208 99.50 ? 7  
2.69 3.08  ? 4256 ? 0.031 28.6 ? 0.910 3.52 ? 1202 99.60 ? 8  
3.08 3.87  ? 4285 ? 0.026 37.3 ? 0.960 3.51 ? 1203 99.30 ? 9  
3.87 22.35 ? 4329 ? 0.022 42.7 ? 1.050 3.42 ? 1248 99.10 ? 10 
# 
_refine.entry_id                                 3BA2 
_refine.ls_d_res_high                            1.800 
_refine.ls_d_res_low                             22.350 
_refine.pdbx_ls_sigma_F                          0.00 
_refine.ls_percent_reflns_obs                    99.010 
_refine.ls_number_reflns_obs                     11924 
_refine.pdbx_ls_cross_valid_method               THROUGHOUT 
_refine.pdbx_R_Free_selection_details            RANDOM 
_refine.details                                  'HYDROGENS HAVE BEEN ADDED IN THE RIDING POSITIONS' 
_refine.ls_R_factor_obs                          0.181 
_refine.ls_R_factor_R_work                       0.179 
_refine.ls_R_factor_R_free                       0.231 
_refine.ls_percent_reflns_R_free                 4.800 
_refine.ls_number_reflns_R_free                  571 
_refine.B_iso_mean                               14.551 
_refine.aniso_B[1][1]                            0.000 
_refine.aniso_B[2][2]                            0.000 
_refine.aniso_B[3][3]                            -0.010 
_refine.aniso_B[1][2]                            0.000 
_refine.aniso_B[1][3]                            0.000 
_refine.aniso_B[2][3]                            0.000 
_refine.correlation_coeff_Fo_to_Fc               0.953 
_refine.correlation_coeff_Fo_to_Fc_free          0.923 
_refine.pdbx_overall_ESU_R                       0.158 
_refine.pdbx_overall_ESU_R_Free                  0.147 
_refine.overall_SU_ML                            0.089 
_refine.overall_SU_B                             2.800 
_refine.solvent_model_details                    MASK 
_refine.pdbx_solvent_vdw_probe_radii             1.400 
_refine.pdbx_solvent_ion_probe_radii             0.800 
_refine.pdbx_solvent_shrinkage_radii             0.800 
_refine.pdbx_method_to_determine_struct          'MOLECULAR REPLACEMENT' 
_refine.pdbx_stereochemistry_target_values       'MAXIMUM LIKELIHOOD' 
_refine.pdbx_ls_sigma_I                          ? 
_refine.ls_number_reflns_all                     12043 
_refine.ls_R_factor_all                          ? 
_refine.ls_redundancy_reflns_obs                 ? 
_refine.pdbx_data_cutoff_high_absF               ? 
_refine.pdbx_data_cutoff_low_absF                ? 
_refine.ls_number_parameters                     ? 
_refine.ls_number_restraints                     ? 
_refine.ls_R_factor_R_free_error                 ? 
_refine.ls_R_factor_R_free_error_details         ? 
_refine.pdbx_starting_model                      ? 
_refine.pdbx_stereochem_target_val_spec_case     ? 
_refine.solvent_model_param_bsol                 ? 
_refine.solvent_model_param_ksol                 ? 
_refine.occupancy_max                            ? 
_refine.occupancy_min                            ? 
_refine.pdbx_isotropic_thermal_model             ? 
_refine.B_iso_min                                ? 
_refine.B_iso_max                                ? 
_refine.overall_SU_R_Cruickshank_DPI             ? 
_refine.overall_SU_R_free                        ? 
_refine.pdbx_data_cutoff_high_rms_absF           ? 
_refine.ls_wR_factor_R_free                      ? 
_refine.ls_wR_factor_R_work                      ? 
_refine.overall_FOM_free_R_set                   ? 
_refine.overall_FOM_work_R_set                   ? 
_refine.pdbx_overall_phase_error                 ? 
_refine.pdbx_refine_id                           'X-RAY DIFFRACTION' 
_refine.pdbx_diffrn_id                           1 
_refine.pdbx_TLS_residual_ADP_flag               ? 
_refine.pdbx_overall_SU_R_free_Cruickshank_DPI   ? 
_refine.pdbx_overall_SU_R_Blow_DPI               ? 
_refine.pdbx_overall_SU_R_free_Blow_DPI          ? 
# 
_refine_hist.pdbx_refine_id                   'X-RAY DIFFRACTION' 
_refine_hist.cycle_id                         LAST 
_refine_hist.pdbx_number_atoms_protein        1194 
_refine_hist.pdbx_number_atoms_nucleic_acid   0 
_refine_hist.pdbx_number_atoms_ligand         59 
_refine_hist.number_atoms_solvent             109 
_refine_hist.number_atoms_total               1362 
_refine_hist.d_res_high                       1.800 
_refine_hist.d_res_low                        22.350 
# 
loop_
_refine_ls_restr.type 
_refine_ls_restr.number 
_refine_ls_restr.dev_ideal 
_refine_ls_restr.dev_ideal_target 
_refine_ls_restr.weight 
_refine_ls_restr.pdbx_refine_id 
_refine_ls_restr.pdbx_restraint_function 
r_bond_refined_d         1285 0.016  0.021  ? 'X-RAY DIFFRACTION' ? 
r_angle_refined_deg      1744 2.873  2.011  ? 'X-RAY DIFFRACTION' ? 
r_dihedral_angle_1_deg   151  4.998  5.000  ? 'X-RAY DIFFRACTION' ? 
r_dihedral_angle_2_deg   53   37.311 25.094 ? 'X-RAY DIFFRACTION' ? 
r_dihedral_angle_3_deg   230  14.357 15.000 ? 'X-RAY DIFFRACTION' ? 
r_dihedral_angle_4_deg   2    19.528 15.000 ? 'X-RAY DIFFRACTION' ? 
r_chiral_restr           181  0.092  0.200  ? 'X-RAY DIFFRACTION' ? 
r_gen_planes_refined     946  0.007  0.020  ? 'X-RAY DIFFRACTION' ? 
r_nbd_refined            712  0.268  0.200  ? 'X-RAY DIFFRACTION' ? 
r_nbtor_refined          863  0.303  0.200  ? 'X-RAY DIFFRACTION' ? 
r_xyhbond_nbd_refined    81   0.182  0.200  ? 'X-RAY DIFFRACTION' ? 
r_symmetry_vdw_refined   56   0.203  0.200  ? 'X-RAY DIFFRACTION' ? 
r_symmetry_hbond_refined 17   0.169  0.200  ? 'X-RAY DIFFRACTION' ? 
r_mcbond_it              750  0.899  1.500  ? 'X-RAY DIFFRACTION' ? 
r_mcangle_it             1191 1.674  2.000  ? 'X-RAY DIFFRACTION' ? 
r_scbond_it              537  2.708  3.000  ? 'X-RAY DIFFRACTION' ? 
r_scangle_it             553  4.129  4.500  ? 'X-RAY DIFFRACTION' ? 
# 
_refine_ls_shell.d_res_high                       1.800 
_refine_ls_shell.d_res_low                        1.847 
_refine_ls_shell.pdbx_total_number_of_bins_used   20 
_refine_ls_shell.percent_reflns_obs               99.420 
_refine_ls_shell.number_reflns_R_work             804 
_refine_ls_shell.R_factor_all                     ? 
_refine_ls_shell.R_factor_R_work                  0.255 
_refine_ls_shell.R_factor_R_free                  0.311 
_refine_ls_shell.percent_reflns_R_free            ? 
_refine_ls_shell.number_reflns_R_free             46 
_refine_ls_shell.R_factor_R_free_error            ? 
_refine_ls_shell.number_reflns_all                850 
_refine_ls_shell.number_reflns_obs                ? 
_refine_ls_shell.redundancy_reflns_obs            ? 
_refine_ls_shell.pdbx_refine_id                   'X-RAY DIFFRACTION' 
# 
_struct.entry_id                  3BA2 
_struct.title                     'Cyanide bound Chlorin substituted Myoglobin' 
_struct.pdbx_model_details        ? 
_struct.pdbx_CASP_flag            ? 
_struct.pdbx_model_type_details   ? 
# 
_struct_keywords.entry_id        3BA2 
_struct_keywords.pdbx_keywords   'TRANSPORT PROTEIN' 
_struct_keywords.text            
;Myoglobin, Heme, Chlorin, Cyanide, CN, reconstituted, Iron, Metal-binding, Muscle protein, Oxygen transport, Transport, TRANSPORT PROTEIN
;
# 
loop_
_struct_asym.id 
_struct_asym.pdbx_blank_PDB_chainid_flag 
_struct_asym.pdbx_modified 
_struct_asym.entity_id 
_struct_asym.details 
A N N 1 ? 
B N N 2 ? 
C N N 2 ? 
D N N 2 ? 
E N N 3 ? 
F N N 4 ? 
G N N 5 ? 
# 
_struct_ref.id                         1 
_struct_ref.db_name                    UNP 
_struct_ref.db_code                    MYG_HORSE 
_struct_ref.pdbx_db_accession          P68082 
_struct_ref.entity_id                  1 
_struct_ref.pdbx_seq_one_letter_code   
;GLSDGEWQQVLNVWGKVEADIAGHGQEVLIRLFTGHPETLEKFDKFKHLKTEAEMKASEDLKKHGTVVLTALGGILKKKG
HHEAELKPLAQSHATKHKIPIKYLEFISDAIIHVLHSKHPGDFGADAQGAMTKALELFRNDIAAKYKELGFQG
;
_struct_ref.pdbx_align_begin           2 
_struct_ref.pdbx_db_isoform            ? 
# 
_struct_ref_seq.align_id                      1 
_struct_ref_seq.ref_id                        1 
_struct_ref_seq.pdbx_PDB_id_code              3BA2 
_struct_ref_seq.pdbx_strand_id                A 
_struct_ref_seq.seq_align_beg                 1 
_struct_ref_seq.pdbx_seq_align_beg_ins_code   ? 
_struct_ref_seq.seq_align_end                 153 
_struct_ref_seq.pdbx_seq_align_end_ins_code   ? 
_struct_ref_seq.pdbx_db_accession             P68082 
_struct_ref_seq.db_align_beg                  2 
_struct_ref_seq.pdbx_db_align_beg_ins_code    ? 
_struct_ref_seq.db_align_end                  154 
_struct_ref_seq.pdbx_db_align_end_ins_code    ? 
_struct_ref_seq.pdbx_auth_seq_align_beg       1 
_struct_ref_seq.pdbx_auth_seq_align_end       153 
# 
_pdbx_struct_assembly.id                   1 
_pdbx_struct_assembly.details              author_defined_assembly 
_pdbx_struct_assembly.method_details       ? 
_pdbx_struct_assembly.oligomeric_details   monomeric 
_pdbx_struct_assembly.oligomeric_count     1 
# 
_pdbx_struct_assembly_gen.assembly_id       1 
_pdbx_struct_assembly_gen.oper_expression   1 
_pdbx_struct_assembly_gen.asym_id_list      A,B,C,D,E,F,G 
# 
_pdbx_struct_oper_list.id                   1 
_pdbx_struct_oper_list.type                 'identity operation' 
_pdbx_struct_oper_list.name                 1_555 
_pdbx_struct_oper_list.symmetry_operation   x,y,z 
_pdbx_struct_oper_list.matrix[1][1]         1.0000000000 
_pdbx_struct_oper_list.matrix[1][2]         0.0000000000 
_pdbx_struct_oper_list.matrix[1][3]         0.0000000000 
_pdbx_struct_oper_list.vector[1]            0.0000000000 
_pdbx_struct_oper_list.matrix[2][1]         0.0000000000 
_pdbx_struct_oper_list.matrix[2][2]         1.0000000000 
_pdbx_struct_oper_list.matrix[2][3]         0.0000000000 
_pdbx_struct_oper_list.vector[2]            0.0000000000 
_pdbx_struct_oper_list.matrix[3][1]         0.0000000000 
_pdbx_struct_oper_list.matrix[3][2]         0.0000000000 
_pdbx_struct_oper_list.matrix[3][3]         1.0000000000 
_pdbx_struct_oper_list.vector[3]            0.0000000000 
# 
_struct_biol.id        1 
_struct_biol.details   ? 
# 
loop_
_struct_conf.conf_type_id 
_struct_conf.id 
_struct_conf.pdbx_PDB_helix_id 
_struct_conf.beg_label_comp_id 
_struct_conf.beg_label_asym_id 
_struct_conf.beg_label_seq_id 
_struct_conf.pdbx_beg_PDB_ins_code 
_struct_conf.end_label_comp_id 
_struct_conf.end_label_asym_id 
_struct_conf.end_label_seq_id 
_struct_conf.pdbx_end_PDB_ins_code 
_struct_conf.beg_auth_comp_id 
_struct_conf.beg_auth_asym_id 
_struct_conf.beg_auth_seq_id 
_struct_conf.end_auth_comp_id 
_struct_conf.end_auth_asym_id 
_struct_conf.end_auth_seq_id 
_struct_conf.pdbx_PDB_helix_class 
_struct_conf.details 
_struct_conf.pdbx_PDB_helix_length 
HELX_P HELX_P1  1  SER A 3   ? GLU A 18  ? SER A 3   GLU A 18  1 ? 16 
HELX_P HELX_P2  2  ASP A 20  ? HIS A 36  ? ASP A 20  HIS A 36  1 ? 17 
HELX_P HELX_P3  3  HIS A 36  ? GLU A 41  ? HIS A 36  GLU A 41  1 ? 6  
HELX_P HELX_P4  4  LYS A 42  ? LYS A 47  ? LYS A 42  LYS A 47  5 ? 6  
HELX_P HELX_P5  5  THR A 51  ? SER A 58  ? THR A 51  SER A 58  1 ? 8  
HELX_P HELX_P6  6  SER A 58  ? LYS A 78  ? SER A 58  LYS A 78  1 ? 21 
HELX_P HELX_P7  7  HIS A 82  ? LYS A 96  ? HIS A 82  LYS A 96  1 ? 15 
HELX_P HELX_P8  8  PRO A 100 ? HIS A 119 ? PRO A 100 HIS A 119 1 ? 20 
HELX_P HELX_P9  9  PRO A 120 ? PHE A 123 ? PRO A 120 PHE A 123 5 ? 4  
HELX_P HELX_P10 10 GLY A 124 ? GLY A 150 ? GLY A 124 GLY A 150 1 ? 27 
# 
_struct_conf_type.id          HELX_P 
_struct_conf_type.criteria    ? 
_struct_conf_type.reference   ? 
# 
_struct_conn.id                            metalc1 
_struct_conn.conn_type_id                  metalc 
_struct_conn.pdbx_leaving_atom_flag        ? 
_struct_conn.pdbx_PDB_id                   ? 
_struct_conn.ptnr1_label_asym_id           A 
_struct_conn.ptnr1_label_comp_id           HIS 
_struct_conn.ptnr1_label_seq_id            93 
_struct_conn.ptnr1_label_atom_id           NE2 
_struct_conn.pdbx_ptnr1_label_alt_id       ? 
_struct_conn.pdbx_ptnr1_PDB_ins_code       ? 
_struct_conn.pdbx_ptnr1_standard_comp_id   ? 
_struct_conn.ptnr1_symmetry                1_555 
_struct_conn.ptnr2_label_asym_id           F 
_struct_conn.ptnr2_label_comp_id           HKL 
_struct_conn.ptnr2_label_seq_id            . 
_struct_conn.ptnr2_label_atom_id           FE 
_struct_conn.pdbx_ptnr2_label_alt_id       ? 
_struct_conn.pdbx_ptnr2_PDB_ins_code       ? 
_struct_conn.ptnr1_auth_asym_id            A 
_struct_conn.ptnr1_auth_comp_id            HIS 
_struct_conn.ptnr1_auth_seq_id             93 
_struct_conn.ptnr2_auth_asym_id            A 
_struct_conn.ptnr2_auth_comp_id            HKL 
_struct_conn.ptnr2_auth_seq_id             158 
_struct_conn.ptnr2_symmetry                1_555 
_struct_conn.pdbx_ptnr3_label_atom_id      ? 
_struct_conn.pdbx_ptnr3_label_seq_id       ? 
_struct_conn.pdbx_ptnr3_label_comp_id      ? 
_struct_conn.pdbx_ptnr3_label_asym_id      ? 
_struct_conn.pdbx_ptnr3_label_alt_id       ? 
_struct_conn.pdbx_ptnr3_PDB_ins_code       ? 
_struct_conn.details                       ? 
_struct_conn.pdbx_dist_value               2.053 
_struct_conn.pdbx_value_order              ? 
_struct_conn.pdbx_role                     ? 
# 
_struct_conn_type.id          metalc 
_struct_conn_type.criteria    ? 
_struct_conn_type.reference   ? 
# 
loop_
_pdbx_struct_conn_angle.id 
_pdbx_struct_conn_angle.ptnr1_label_atom_id 
_pdbx_struct_conn_angle.ptnr1_label_alt_id 
_pdbx_struct_conn_angle.ptnr1_label_asym_id 
_pdbx_struct_conn_angle.ptnr1_label_comp_id 
_pdbx_struct_conn_angle.ptnr1_label_seq_id 
_pdbx_struct_conn_angle.ptnr1_auth_atom_id 
_pdbx_struct_conn_angle.ptnr1_auth_asym_id 
_pdbx_struct_conn_angle.ptnr1_auth_comp_id 
_pdbx_struct_conn_angle.ptnr1_auth_seq_id 
_pdbx_struct_conn_angle.ptnr1_PDB_ins_code 
_pdbx_struct_conn_angle.ptnr1_symmetry 
_pdbx_struct_conn_angle.ptnr2_label_atom_id 
_pdbx_struct_conn_angle.ptnr2_label_alt_id 
_pdbx_struct_conn_angle.ptnr2_label_asym_id 
_pdbx_struct_conn_angle.ptnr2_label_comp_id 
_pdbx_struct_conn_angle.ptnr2_label_seq_id 
_pdbx_struct_conn_angle.ptnr2_auth_atom_id 
_pdbx_struct_conn_angle.ptnr2_auth_asym_id 
_pdbx_struct_conn_angle.ptnr2_auth_comp_id 
_pdbx_struct_conn_angle.ptnr2_auth_seq_id 
_pdbx_struct_conn_angle.ptnr2_PDB_ins_code 
_pdbx_struct_conn_angle.ptnr2_symmetry 
_pdbx_struct_conn_angle.ptnr3_label_atom_id 
_pdbx_struct_conn_angle.ptnr3_label_alt_id 
_pdbx_struct_conn_angle.ptnr3_label_asym_id 
_pdbx_struct_conn_angle.ptnr3_label_comp_id 
_pdbx_struct_conn_angle.ptnr3_label_seq_id 
_pdbx_struct_conn_angle.ptnr3_auth_atom_id 
_pdbx_struct_conn_angle.ptnr3_auth_asym_id 
_pdbx_struct_conn_angle.ptnr3_auth_comp_id 
_pdbx_struct_conn_angle.ptnr3_auth_seq_id 
_pdbx_struct_conn_angle.ptnr3_PDB_ins_code 
_pdbx_struct_conn_angle.ptnr3_symmetry 
_pdbx_struct_conn_angle.value 
_pdbx_struct_conn_angle.value_esd 
1  NE2 ? A HIS 93 ? A HIS 93  ? 1_555 FE ? F HKL . ? A HKL 158 ? 1_555 N1 ? F HKL . ? A HKL 158 ? 1_555 90.8  ? 
2  NE2 ? A HIS 93 ? A HIS 93  ? 1_555 FE ? F HKL . ? A HKL 158 ? 1_555 N2 ? F HKL . ? A HKL 158 ? 1_555 90.1  ? 
3  N1  ? F HKL .  ? A HKL 158 ? 1_555 FE ? F HKL . ? A HKL 158 ? 1_555 N2 ? F HKL . ? A HKL 158 ? 1_555 88.6  ? 
4  NE2 ? A HIS 93 ? A HIS 93  ? 1_555 FE ? F HKL . ? A HKL 158 ? 1_555 N3 ? F HKL . ? A HKL 158 ? 1_555 93.0  ? 
5  N1  ? F HKL .  ? A HKL 158 ? 1_555 FE ? F HKL . ? A HKL 158 ? 1_555 N3 ? F HKL . ? A HKL 158 ? 1_555 173.5 ? 
6  N2  ? F HKL .  ? A HKL 158 ? 1_555 FE ? F HKL . ? A HKL 158 ? 1_555 N3 ? F HKL . ? A HKL 158 ? 1_555 86.1  ? 
7  NE2 ? A HIS 93 ? A HIS 93  ? 1_555 FE ? F HKL . ? A HKL 158 ? 1_555 N4 ? F HKL . ? A HKL 158 ? 1_555 93.0  ? 
8  N1  ? F HKL .  ? A HKL 158 ? 1_555 FE ? F HKL . ? A HKL 158 ? 1_555 N4 ? F HKL . ? A HKL 158 ? 1_555 90.6  ? 
9  N2  ? F HKL .  ? A HKL 158 ? 1_555 FE ? F HKL . ? A HKL 158 ? 1_555 N4 ? F HKL . ? A HKL 158 ? 1_555 176.9 ? 
10 N3  ? F HKL .  ? A HKL 158 ? 1_555 FE ? F HKL . ? A HKL 158 ? 1_555 N4 ? F HKL . ? A HKL 158 ? 1_555 94.4  ? 
# 
loop_
_struct_site.id 
_struct_site.pdbx_evidence_code 
_struct_site.pdbx_auth_asym_id 
_struct_site.pdbx_auth_comp_id 
_struct_site.pdbx_auth_seq_id 
_struct_site.pdbx_auth_ins_code 
_struct_site.pdbx_num_residues 
_struct_site.details 
AC1 Software A SO4 154 ? 8  'BINDING SITE FOR RESIDUE SO4 A 154' 
AC2 Software A SO4 155 ? 3  'BINDING SITE FOR RESIDUE SO4 A 155' 
AC3 Software A SO4 156 ? 2  'BINDING SITE FOR RESIDUE SO4 A 156' 
AC4 Software A CYN 157 ? 2  'BINDING SITE FOR RESIDUE CYN A 157' 
AC5 Software A HKL 158 ? 13 'BINDING SITE FOR RESIDUE HKL A 158' 
# 
loop_
_struct_site_gen.id 
_struct_site_gen.site_id 
_struct_site_gen.pdbx_num_res 
_struct_site_gen.label_comp_id 
_struct_site_gen.label_asym_id 
_struct_site_gen.label_seq_id 
_struct_site_gen.pdbx_auth_ins_code 
_struct_site_gen.auth_comp_id 
_struct_site_gen.auth_asym_id 
_struct_site_gen.auth_seq_id 
_struct_site_gen.label_atom_id 
_struct_site_gen.label_alt_id 
_struct_site_gen.symmetry 
_struct_site_gen.details 
1  AC1 8  ALA A 57  ? ALA A 57  . ? 1_555 ? 
2  AC1 8  SER A 58  ? SER A 58  . ? 1_555 ? 
3  AC1 8  GLU A 59  ? GLU A 59  . ? 1_555 ? 
4  AC1 8  ASP A 60  ? ASP A 60  . ? 1_555 ? 
5  AC1 8  HOH G .   ? HOH A 159 . ? 1_555 ? 
6  AC1 8  HOH G .   ? HOH A 161 . ? 1_555 ? 
7  AC1 8  HOH G .   ? HOH A 225 . ? 1_555 ? 
8  AC1 8  HOH G .   ? HOH A 253 . ? 1_555 ? 
9  AC2 3  HIS A 81  ? HIS A 81  . ? 1_555 ? 
10 AC2 3  HIS A 82  ? HIS A 82  . ? 1_555 ? 
11 AC2 3  GLU A 83  ? GLU A 83  . ? 1_555 ? 
12 AC3 2  LYS A 62  ? LYS A 62  . ? 1_555 ? 
13 AC3 2  HOH G .   ? HOH A 255 . ? 1_555 ? 
14 AC4 2  PHE A 43  ? PHE A 43  . ? 1_555 ? 
15 AC4 2  HIS A 64  ? HIS A 64  . ? 1_555 ? 
16 AC5 13 LYS A 42  ? LYS A 42  . ? 1_555 ? 
17 AC5 13 PHE A 43  ? PHE A 43  . ? 1_555 ? 
18 AC5 13 PRO A 88  ? PRO A 88  . ? 1_555 ? 
19 AC5 13 LEU A 89  ? LEU A 89  . ? 1_555 ? 
20 AC5 13 SER A 92  ? SER A 92  . ? 1_555 ? 
21 AC5 13 HIS A 93  ? HIS A 93  . ? 1_555 ? 
22 AC5 13 HIS A 97  ? HIS A 97  . ? 1_555 ? 
23 AC5 13 ILE A 99  ? ILE A 99  . ? 1_555 ? 
24 AC5 13 TYR A 103 ? TYR A 103 . ? 1_555 ? 
25 AC5 13 LEU A 104 ? LEU A 104 . ? 1_555 ? 
26 AC5 13 ALA A 125 ? ALA A 125 . ? 1_565 ? 
27 AC5 13 GLN A 128 ? GLN A 128 . ? 1_565 ? 
28 AC5 13 PHE A 138 ? PHE A 138 . ? 1_555 ? 
# 
_pdbx_validate_close_contact.id               1 
_pdbx_validate_close_contact.PDB_model_num    1 
_pdbx_validate_close_contact.auth_atom_id_1   C 
_pdbx_validate_close_contact.auth_asym_id_1   A 
_pdbx_validate_close_contact.auth_comp_id_1   CYN 
_pdbx_validate_close_contact.auth_seq_id_1    157 
_pdbx_validate_close_contact.PDB_ins_code_1   ? 
_pdbx_validate_close_contact.label_alt_id_1   ? 
_pdbx_validate_close_contact.auth_atom_id_2   FE 
_pdbx_validate_close_contact.auth_asym_id_2   A 
_pdbx_validate_close_contact.auth_comp_id_2   HKL 
_pdbx_validate_close_contact.auth_seq_id_2    158 
_pdbx_validate_close_contact.PDB_ins_code_2   ? 
_pdbx_validate_close_contact.label_alt_id_2   ? 
_pdbx_validate_close_contact.dist             2.11 
# 
loop_
_pdbx_validate_torsion.id 
_pdbx_validate_torsion.PDB_model_num 
_pdbx_validate_torsion.auth_comp_id 
_pdbx_validate_torsion.auth_asym_id 
_pdbx_validate_torsion.auth_seq_id 
_pdbx_validate_torsion.PDB_ins_code 
_pdbx_validate_torsion.label_alt_id 
_pdbx_validate_torsion.phi 
_pdbx_validate_torsion.psi 
1 1 ASP A 20  ? ? -157.72 66.76 
2 1 PHE A 123 ? ? -148.30 47.72 
# 
_pdbx_validate_chiral.id              1 
_pdbx_validate_chiral.PDB_model_num   1 
_pdbx_validate_chiral.auth_atom_id    N3 
_pdbx_validate_chiral.label_alt_id    ? 
_pdbx_validate_chiral.auth_asym_id    A 
_pdbx_validate_chiral.auth_comp_id    HKL 
_pdbx_validate_chiral.auth_seq_id     158 
_pdbx_validate_chiral.PDB_ins_code    ? 
_pdbx_validate_chiral.details         PLANAR 
_pdbx_validate_chiral.omega           . 
# 
_pdbx_phasing_MR.entry_id                     3BA2 
_pdbx_phasing_MR.method_rotation              ? 
_pdbx_phasing_MR.method_translation           ? 
_pdbx_phasing_MR.model_details                ? 
_pdbx_phasing_MR.R_factor                     0.343 
_pdbx_phasing_MR.R_rigid_body                 ? 
_pdbx_phasing_MR.correlation_coeff_Fo_to_Fc   0.703 
_pdbx_phasing_MR.correlation_coeff_Io_to_Ic   ? 
_pdbx_phasing_MR.d_res_high_rotation          3.000 
_pdbx_phasing_MR.d_res_low_rotation           22.350 
_pdbx_phasing_MR.d_res_high_translation       3.000 
_pdbx_phasing_MR.d_res_low_translation        22.350 
_pdbx_phasing_MR.packing                      ? 
_pdbx_phasing_MR.reflns_percent_rotation      ? 
_pdbx_phasing_MR.reflns_percent_translation   ? 
_pdbx_phasing_MR.sigma_F_rotation             ? 
_pdbx_phasing_MR.sigma_F_translation          ? 
_pdbx_phasing_MR.sigma_I_rotation             ? 
_pdbx_phasing_MR.sigma_I_translation          ? 
# 
_phasing.method   MR 
# 
_pdbx_unobs_or_zero_occ_residues.id               1 
_pdbx_unobs_or_zero_occ_residues.PDB_model_num    1 
_pdbx_unobs_or_zero_occ_residues.polymer_flag     Y 
_pdbx_unobs_or_zero_occ_residues.occupancy_flag   1 
_pdbx_unobs_or_zero_occ_residues.auth_asym_id     A 
_pdbx_unobs_or_zero_occ_residues.auth_comp_id     GLY 
_pdbx_unobs_or_zero_occ_residues.auth_seq_id      153 
_pdbx_unobs_or_zero_occ_residues.PDB_ins_code     ? 
_pdbx_unobs_or_zero_occ_residues.label_asym_id    A 
_pdbx_unobs_or_zero_occ_residues.label_comp_id    GLY 
_pdbx_unobs_or_zero_occ_residues.label_seq_id     153 
# 
loop_
_chem_comp_atom.comp_id 
_chem_comp_atom.atom_id 
_chem_comp_atom.type_symbol 
_chem_comp_atom.pdbx_aromatic_flag 
_chem_comp_atom.pdbx_stereo_config 
_chem_comp_atom.pdbx_ordinal 
ALA N    N  N N 1   
ALA CA   C  N S 2   
ALA C    C  N N 3   
ALA O    O  N N 4   
ALA CB   C  N N 5   
ALA OXT  O  N N 6   
ALA H    H  N N 7   
ALA H2   H  N N 8   
ALA HA   H  N N 9   
ALA HB1  H  N N 10  
ALA HB2  H  N N 11  
ALA HB3  H  N N 12  
ALA HXT  H  N N 13  
ARG N    N  N N 14  
ARG CA   C  N S 15  
ARG C    C  N N 16  
ARG O    O  N N 17  
ARG CB   C  N N 18  
ARG CG   C  N N 19  
ARG CD   C  N N 20  
ARG NE   N  N N 21  
ARG CZ   C  N N 22  
ARG NH1  N  N N 23  
ARG NH2  N  N N 24  
ARG OXT  O  N N 25  
ARG H    H  N N 26  
ARG H2   H  N N 27  
ARG HA   H  N N 28  
ARG HB2  H  N N 29  
ARG HB3  H  N N 30  
ARG HG2  H  N N 31  
ARG HG3  H  N N 32  
ARG HD2  H  N N 33  
ARG HD3  H  N N 34  
ARG HE   H  N N 35  
ARG HH11 H  N N 36  
ARG HH12 H  N N 37  
ARG HH21 H  N N 38  
ARG HH22 H  N N 39  
ARG HXT  H  N N 40  
ASN N    N  N N 41  
ASN CA   C  N S 42  
ASN C    C  N N 43  
ASN O    O  N N 44  
ASN CB   C  N N 45  
ASN CG   C  N N 46  
ASN OD1  O  N N 47  
ASN ND2  N  N N 48  
ASN OXT  O  N N 49  
ASN H    H  N N 50  
ASN H2   H  N N 51  
ASN HA   H  N N 52  
ASN HB2  H  N N 53  
ASN HB3  H  N N 54  
ASN HD21 H  N N 55  
ASN HD22 H  N N 56  
ASN HXT  H  N N 57  
ASP N    N  N N 58  
ASP CA   C  N S 59  
ASP C    C  N N 60  
ASP O    O  N N 61  
ASP CB   C  N N 62  
ASP CG   C  N N 63  
ASP OD1  O  N N 64  
ASP OD2  O  N N 65  
ASP OXT  O  N N 66  
ASP H    H  N N 67  
ASP H2   H  N N 68  
ASP HA   H  N N 69  
ASP HB2  H  N N 70  
ASP HB3  H  N N 71  
ASP HD2  H  N N 72  
ASP HXT  H  N N 73  
CYN C    C  N N 74  
CYN N    N  N N 75  
GLN N    N  N N 76  
GLN CA   C  N S 77  
GLN C    C  N N 78  
GLN O    O  N N 79  
GLN CB   C  N N 80  
GLN CG   C  N N 81  
GLN CD   C  N N 82  
GLN OE1  O  N N 83  
GLN NE2  N  N N 84  
GLN OXT  O  N N 85  
GLN H    H  N N 86  
GLN H2   H  N N 87  
GLN HA   H  N N 88  
GLN HB2  H  N N 89  
GLN HB3  H  N N 90  
GLN HG2  H  N N 91  
GLN HG3  H  N N 92  
GLN HE21 H  N N 93  
GLN HE22 H  N N 94  
GLN HXT  H  N N 95  
GLU N    N  N N 96  
GLU CA   C  N S 97  
GLU C    C  N N 98  
GLU O    O  N N 99  
GLU CB   C  N N 100 
GLU CG   C  N N 101 
GLU CD   C  N N 102 
GLU OE1  O  N N 103 
GLU OE2  O  N N 104 
GLU OXT  O  N N 105 
GLU H    H  N N 106 
GLU H2   H  N N 107 
GLU HA   H  N N 108 
GLU HB2  H  N N 109 
GLU HB3  H  N N 110 
GLU HG2  H  N N 111 
GLU HG3  H  N N 112 
GLU HE2  H  N N 113 
GLU HXT  H  N N 114 
GLY N    N  N N 115 
GLY CA   C  N N 116 
GLY C    C  N N 117 
GLY O    O  N N 118 
GLY OXT  O  N N 119 
GLY H    H  N N 120 
GLY H2   H  N N 121 
GLY HA2  H  N N 122 
GLY HA3  H  N N 123 
GLY HXT  H  N N 124 
HIS N    N  N N 125 
HIS CA   C  N S 126 
HIS C    C  N N 127 
HIS O    O  N N 128 
HIS CB   C  N N 129 
HIS CG   C  Y N 130 
HIS ND1  N  Y N 131 
HIS CD2  C  Y N 132 
HIS CE1  C  Y N 133 
HIS NE2  N  Y N 134 
HIS OXT  O  N N 135 
HIS H    H  N N 136 
HIS H2   H  N N 137 
HIS HA   H  N N 138 
HIS HB2  H  N N 139 
HIS HB3  H  N N 140 
HIS HD1  H  N N 141 
HIS HD2  H  N N 142 
HIS HE1  H  N N 143 
HIS HE2  H  N N 144 
HIS HXT  H  N N 145 
HKL N1   N  Y N 146 
HKL C1   C  Y N 147 
HKL C2   C  Y N 148 
HKL C7   C  Y N 149 
HKL C6   C  N N 150 
HKL C5   C  N N 151 
HKL C4   C  Y N 152 
HKL C3   C  N N 153 
HKL N2   N  N N 154 
HKL O1   O  N N 155 
HKL C21  C  N N 156 
HKL C20  C  N N 157 
HKL C23  C  N N 158 
HKL C24  C  N N 159 
HKL C22  C  N N 160 
HKL C18  C  N N 161 
HKL C19  C  N N 162 
HKL C17  C  N N 163 
HKL N3   N  N R 164 
HKL C16  C  N N 165 
HKL C15  C  N N 166 
HKL C12  C  N N 167 
HKL C13  C  N N 168 
HKL C14  C  N N 169 
HKL C10  C  N N 170 
HKL C11  C  N N 171 
HKL C9   C  N N 172 
HKL C8   C  N N 173 
HKL C34  C  N N 174 
HKL FE   FE N N 175 
HKL N4   N  N N 176 
HKL C25  C  N N 177 
HKL C33  C  N N 178 
HKL C31  C  N S 179 
HKL C32  C  N N 180 
HKL C26  C  N S 181 
HKL C27  C  N N 182 
HKL C28  C  N N 183 
HKL C29  C  N N 184 
HKL O4   O  N N 185 
HKL O2   O  N N 186 
HKL C30  C  N N 187 
HKL H6   H  N N 188 
HKL H6A  H  N N 189 
HKL H5   H  N N 190 
HKL H3   H  N N 191 
HKL H3A  H  N N 192 
HKL H3B  H  N N 193 
HKL H22  H  N N 194 
HKL H22A H  N N 195 
HKL H19  H  N N 196 
HKL H19A H  N N 197 
HKL H19B H  N N 198 
HKL H16  H  N N 199 
HKL H13  H  N N 200 
HKL H13A H  N N 201 
HKL H14  H  N N 202 
HKL H14A H  N N 203 
HKL H14B H  N N 204 
HKL H11  H  N N 205 
HKL H11A H  N N 206 
HKL H11B H  N N 207 
HKL H8   H  N N 208 
HKL H34  H  N N 209 
HKL H32  H  N N 210 
HKL H32A H  N N 211 
HKL H32B H  N N 212 
HKL H27  H  N N 213 
HKL H27A H  N N 214 
HKL H28  H  N N 215 
HKL H28A H  N N 216 
HKL H30  H  N N 217 
HKL H30A H  N N 218 
HKL H30B H  N N 219 
HKL H33  H  N N 220 
HKL H341 H  N N 221 
HOH O    O  N N 222 
HOH H1   H  N N 223 
HOH H2   H  N N 224 
ILE N    N  N N 225 
ILE CA   C  N S 226 
ILE C    C  N N 227 
ILE O    O  N N 228 
ILE CB   C  N S 229 
ILE CG1  C  N N 230 
ILE CG2  C  N N 231 
ILE CD1  C  N N 232 
ILE OXT  O  N N 233 
ILE H    H  N N 234 
ILE H2   H  N N 235 
ILE HA   H  N N 236 
ILE HB   H  N N 237 
ILE HG12 H  N N 238 
ILE HG13 H  N N 239 
ILE HG21 H  N N 240 
ILE HG22 H  N N 241 
ILE HG23 H  N N 242 
ILE HD11 H  N N 243 
ILE HD12 H  N N 244 
ILE HD13 H  N N 245 
ILE HXT  H  N N 246 
LEU N    N  N N 247 
LEU CA   C  N S 248 
LEU C    C  N N 249 
LEU O    O  N N 250 
LEU CB   C  N N 251 
LEU CG   C  N N 252 
LEU CD1  C  N N 253 
LEU CD2  C  N N 254 
LEU OXT  O  N N 255 
LEU H    H  N N 256 
LEU H2   H  N N 257 
LEU HA   H  N N 258 
LEU HB2  H  N N 259 
LEU HB3  H  N N 260 
LEU HG   H  N N 261 
LEU HD11 H  N N 262 
LEU HD12 H  N N 263 
LEU HD13 H  N N 264 
LEU HD21 H  N N 265 
LEU HD22 H  N N 266 
LEU HD23 H  N N 267 
LEU HXT  H  N N 268 
LYS N    N  N N 269 
LYS CA   C  N S 270 
LYS C    C  N N 271 
LYS O    O  N N 272 
LYS CB   C  N N 273 
LYS CG   C  N N 274 
LYS CD   C  N N 275 
LYS CE   C  N N 276 
LYS NZ   N  N N 277 
LYS OXT  O  N N 278 
LYS H    H  N N 279 
LYS H2   H  N N 280 
LYS HA   H  N N 281 
LYS HB2  H  N N 282 
LYS HB3  H  N N 283 
LYS HG2  H  N N 284 
LYS HG3  H  N N 285 
LYS HD2  H  N N 286 
LYS HD3  H  N N 287 
LYS HE2  H  N N 288 
LYS HE3  H  N N 289 
LYS HZ1  H  N N 290 
LYS HZ2  H  N N 291 
LYS HZ3  H  N N 292 
LYS HXT  H  N N 293 
MET N    N  N N 294 
MET CA   C  N S 295 
MET C    C  N N 296 
MET O    O  N N 297 
MET CB   C  N N 298 
MET CG   C  N N 299 
MET SD   S  N N 300 
MET CE   C  N N 301 
MET OXT  O  N N 302 
MET H    H  N N 303 
MET H2   H  N N 304 
MET HA   H  N N 305 
MET HB2  H  N N 306 
MET HB3  H  N N 307 
MET HG2  H  N N 308 
MET HG3  H  N N 309 
MET HE1  H  N N 310 
MET HE2  H  N N 311 
MET HE3  H  N N 312 
MET HXT  H  N N 313 
PHE N    N  N N 314 
PHE CA   C  N S 315 
PHE C    C  N N 316 
PHE O    O  N N 317 
PHE CB   C  N N 318 
PHE CG   C  Y N 319 
PHE CD1  C  Y N 320 
PHE CD2  C  Y N 321 
PHE CE1  C  Y N 322 
PHE CE2  C  Y N 323 
PHE CZ   C  Y N 324 
PHE OXT  O  N N 325 
PHE H    H  N N 326 
PHE H2   H  N N 327 
PHE HA   H  N N 328 
PHE HB2  H  N N 329 
PHE HB3  H  N N 330 
PHE HD1  H  N N 331 
PHE HD2  H  N N 332 
PHE HE1  H  N N 333 
PHE HE2  H  N N 334 
PHE HZ   H  N N 335 
PHE HXT  H  N N 336 
PRO N    N  N N 337 
PRO CA   C  N S 338 
PRO C    C  N N 339 
PRO O    O  N N 340 
PRO CB   C  N N 341 
PRO CG   C  N N 342 
PRO CD   C  N N 343 
PRO OXT  O  N N 344 
PRO H    H  N N 345 
PRO HA   H  N N 346 
PRO HB2  H  N N 347 
PRO HB3  H  N N 348 
PRO HG2  H  N N 349 
PRO HG3  H  N N 350 
PRO HD2  H  N N 351 
PRO HD3  H  N N 352 
PRO HXT  H  N N 353 
SER N    N  N N 354 
SER CA   C  N S 355 
SER C    C  N N 356 
SER O    O  N N 357 
SER CB   C  N N 358 
SER OG   O  N N 359 
SER OXT  O  N N 360 
SER H    H  N N 361 
SER H2   H  N N 362 
SER HA   H  N N 363 
SER HB2  H  N N 364 
SER HB3  H  N N 365 
SER HG   H  N N 366 
SER HXT  H  N N 367 
SO4 S    S  N N 368 
SO4 O1   O  N N 369 
SO4 O2   O  N N 370 
SO4 O3   O  N N 371 
SO4 O4   O  N N 372 
THR N    N  N N 373 
THR CA   C  N S 374 
THR C    C  N N 375 
THR O    O  N N 376 
THR CB   C  N R 377 
THR OG1  O  N N 378 
THR CG2  C  N N 379 
THR OXT  O  N N 380 
THR H    H  N N 381 
THR H2   H  N N 382 
THR HA   H  N N 383 
THR HB   H  N N 384 
THR HG1  H  N N 385 
THR HG21 H  N N 386 
THR HG22 H  N N 387 
THR HG23 H  N N 388 
THR HXT  H  N N 389 
TRP N    N  N N 390 
TRP CA   C  N S 391 
TRP C    C  N N 392 
TRP O    O  N N 393 
TRP CB   C  N N 394 
TRP CG   C  Y N 395 
TRP CD1  C  Y N 396 
TRP CD2  C  Y N 397 
TRP NE1  N  Y N 398 
TRP CE2  C  Y N 399 
TRP CE3  C  Y N 400 
TRP CZ2  C  Y N 401 
TRP CZ3  C  Y N 402 
TRP CH2  C  Y N 403 
TRP OXT  O  N N 404 
TRP H    H  N N 405 
TRP H2   H  N N 406 
TRP HA   H  N N 407 
TRP HB2  H  N N 408 
TRP HB3  H  N N 409 
TRP HD1  H  N N 410 
TRP HE1  H  N N 411 
TRP HE3  H  N N 412 
TRP HZ2  H  N N 413 
TRP HZ3  H  N N 414 
TRP HH2  H  N N 415 
TRP HXT  H  N N 416 
TYR N    N  N N 417 
TYR CA   C  N S 418 
TYR C    C  N N 419 
TYR O    O  N N 420 
TYR CB   C  N N 421 
TYR CG   C  Y N 422 
TYR CD1  C  Y N 423 
TYR CD2  C  Y N 424 
TYR CE1  C  Y N 425 
TYR CE2  C  Y N 426 
TYR CZ   C  Y N 427 
TYR OH   O  N N 428 
TYR OXT  O  N N 429 
TYR H    H  N N 430 
TYR H2   H  N N 431 
TYR HA   H  N N 432 
TYR HB2  H  N N 433 
TYR HB3  H  N N 434 
TYR HD1  H  N N 435 
TYR HD2  H  N N 436 
TYR HE1  H  N N 437 
TYR HE2  H  N N 438 
TYR HH   H  N N 439 
TYR HXT  H  N N 440 
VAL N    N  N N 441 
VAL CA   C  N S 442 
VAL C    C  N N 443 
VAL O    O  N N 444 
VAL CB   C  N N 445 
VAL CG1  C  N N 446 
VAL CG2  C  N N 447 
VAL OXT  O  N N 448 
VAL H    H  N N 449 
VAL H2   H  N N 450 
VAL HA   H  N N 451 
VAL HB   H  N N 452 
VAL HG11 H  N N 453 
VAL HG12 H  N N 454 
VAL HG13 H  N N 455 
VAL HG21 H  N N 456 
VAL HG22 H  N N 457 
VAL HG23 H  N N 458 
VAL HXT  H  N N 459 
# 
loop_
_chem_comp_bond.comp_id 
_chem_comp_bond.atom_id_1 
_chem_comp_bond.atom_id_2 
_chem_comp_bond.value_order 
_chem_comp_bond.pdbx_aromatic_flag 
_chem_comp_bond.pdbx_stereo_config 
_chem_comp_bond.pdbx_ordinal 
ALA N   CA   sing N N 1   
ALA N   H    sing N N 2   
ALA N   H2   sing N N 3   
ALA CA  C    sing N N 4   
ALA CA  CB   sing N N 5   
ALA CA  HA   sing N N 6   
ALA C   O    doub N N 7   
ALA C   OXT  sing N N 8   
ALA CB  HB1  sing N N 9   
ALA CB  HB2  sing N N 10  
ALA CB  HB3  sing N N 11  
ALA OXT HXT  sing N N 12  
ARG N   CA   sing N N 13  
ARG N   H    sing N N 14  
ARG N   H2   sing N N 15  
ARG CA  C    sing N N 16  
ARG CA  CB   sing N N 17  
ARG CA  HA   sing N N 18  
ARG C   O    doub N N 19  
ARG C   OXT  sing N N 20  
ARG CB  CG   sing N N 21  
ARG CB  HB2  sing N N 22  
ARG CB  HB3  sing N N 23  
ARG CG  CD   sing N N 24  
ARG CG  HG2  sing N N 25  
ARG CG  HG3  sing N N 26  
ARG CD  NE   sing N N 27  
ARG CD  HD2  sing N N 28  
ARG CD  HD3  sing N N 29  
ARG NE  CZ   sing N N 30  
ARG NE  HE   sing N N 31  
ARG CZ  NH1  sing N N 32  
ARG CZ  NH2  doub N N 33  
ARG NH1 HH11 sing N N 34  
ARG NH1 HH12 sing N N 35  
ARG NH2 HH21 sing N N 36  
ARG NH2 HH22 sing N N 37  
ARG OXT HXT  sing N N 38  
ASN N   CA   sing N N 39  
ASN N   H    sing N N 40  
ASN N   H2   sing N N 41  
ASN CA  C    sing N N 42  
ASN CA  CB   sing N N 43  
ASN CA  HA   sing N N 44  
ASN C   O    doub N N 45  
ASN C   OXT  sing N N 46  
ASN CB  CG   sing N N 47  
ASN CB  HB2  sing N N 48  
ASN CB  HB3  sing N N 49  
ASN CG  OD1  doub N N 50  
ASN CG  ND2  sing N N 51  
ASN ND2 HD21 sing N N 52  
ASN ND2 HD22 sing N N 53  
ASN OXT HXT  sing N N 54  
ASP N   CA   sing N N 55  
ASP N   H    sing N N 56  
ASP N   H2   sing N N 57  
ASP CA  C    sing N N 58  
ASP CA  CB   sing N N 59  
ASP CA  HA   sing N N 60  
ASP C   O    doub N N 61  
ASP C   OXT  sing N N 62  
ASP CB  CG   sing N N 63  
ASP CB  HB2  sing N N 64  
ASP CB  HB3  sing N N 65  
ASP CG  OD1  doub N N 66  
ASP CG  OD2  sing N N 67  
ASP OD2 HD2  sing N N 68  
ASP OXT HXT  sing N N 69  
CYN C   N    trip N N 70  
GLN N   CA   sing N N 71  
GLN N   H    sing N N 72  
GLN N   H2   sing N N 73  
GLN CA  C    sing N N 74  
GLN CA  CB   sing N N 75  
GLN CA  HA   sing N N 76  
GLN C   O    doub N N 77  
GLN C   OXT  sing N N 78  
GLN CB  CG   sing N N 79  
GLN CB  HB2  sing N N 80  
GLN CB  HB3  sing N N 81  
GLN CG  CD   sing N N 82  
GLN CG  HG2  sing N N 83  
GLN CG  HG3  sing N N 84  
GLN CD  OE1  doub N N 85  
GLN CD  NE2  sing N N 86  
GLN NE2 HE21 sing N N 87  
GLN NE2 HE22 sing N N 88  
GLN OXT HXT  sing N N 89  
GLU N   CA   sing N N 90  
GLU N   H    sing N N 91  
GLU N   H2   sing N N 92  
GLU CA  C    sing N N 93  
GLU CA  CB   sing N N 94  
GLU CA  HA   sing N N 95  
GLU C   O    doub N N 96  
GLU C   OXT  sing N N 97  
GLU CB  CG   sing N N 98  
GLU CB  HB2  sing N N 99  
GLU CB  HB3  sing N N 100 
GLU CG  CD   sing N N 101 
GLU CG  HG2  sing N N 102 
GLU CG  HG3  sing N N 103 
GLU CD  OE1  doub N N 104 
GLU CD  OE2  sing N N 105 
GLU OE2 HE2  sing N N 106 
GLU OXT HXT  sing N N 107 
GLY N   CA   sing N N 108 
GLY N   H    sing N N 109 
GLY N   H2   sing N N 110 
GLY CA  C    sing N N 111 
GLY CA  HA2  sing N N 112 
GLY CA  HA3  sing N N 113 
GLY C   O    doub N N 114 
GLY C   OXT  sing N N 115 
GLY OXT HXT  sing N N 116 
HIS N   CA   sing N N 117 
HIS N   H    sing N N 118 
HIS N   H2   sing N N 119 
HIS CA  C    sing N N 120 
HIS CA  CB   sing N N 121 
HIS CA  HA   sing N N 122 
HIS C   O    doub N N 123 
HIS C   OXT  sing N N 124 
HIS CB  CG   sing N N 125 
HIS CB  HB2  sing N N 126 
HIS CB  HB3  sing N N 127 
HIS CG  ND1  sing Y N 128 
HIS CG  CD2  doub Y N 129 
HIS ND1 CE1  doub Y N 130 
HIS ND1 HD1  sing N N 131 
HIS CD2 NE2  sing Y N 132 
HIS CD2 HD2  sing N N 133 
HIS CE1 NE2  sing Y N 134 
HIS CE1 HE1  sing N N 135 
HIS NE2 HE2  sing N N 136 
HIS OXT HXT  sing N N 137 
HKL N1  C1   sing Y N 138 
HKL N1  FE   sing N N 139 
HKL C1  C34  sing N N 140 
HKL C2  C1   doub Y N 141 
HKL C7  N1   sing Y N 142 
HKL C6  H6   sing N N 143 
HKL C6  H6A  sing N N 144 
HKL C5  C6   doub N N 145 
HKL C5  C4   sing N N 146 
HKL C5  H5   sing N N 147 
HKL C4  C2   sing Y N 148 
HKL C4  C7   doub Y N 149 
HKL C3  C2   sing N N 150 
HKL C3  H3   sing N N 151 
HKL C3  H3A  sing N N 152 
HKL C3  H3B  sing N N 153 
HKL N2  C15  doub N N 154 
HKL N2  FE   sing N N 155 
HKL C21 O1   doub N N 156 
HKL C20 C21  sing N N 157 
HKL C23 C20  sing N N 158 
HKL C23 C24  doub N N 159 
HKL C24 C22  sing N N 160 
HKL C22 C21  sing N N 161 
HKL C22 H22  sing N N 162 
HKL C22 H22A sing N N 163 
HKL C18 C20  doub N N 164 
HKL C18 C19  sing N N 165 
HKL C19 H19  sing N N 166 
HKL C19 H19A sing N N 167 
HKL C19 H19B sing N N 168 
HKL C17 C18  sing N N 169 
HKL N3  C23  sing N N 170 
HKL N3  C17  sing N N 171 
HKL C16 C17  doub N N 172 
HKL C16 H16  sing N N 173 
HKL C15 C16  sing N N 174 
HKL C12 C15  sing N N 175 
HKL C12 C13  sing N N 176 
HKL C13 C14  sing N N 177 
HKL C13 H13  sing N N 178 
HKL C13 H13A sing N N 179 
HKL C14 H14  sing N N 180 
HKL C14 H14A sing N N 181 
HKL C14 H14B sing N N 182 
HKL C10 C12  doub N N 183 
HKL C10 C9   sing N N 184 
HKL C11 C10  sing N N 185 
HKL C11 H11  sing N N 186 
HKL C11 H11A sing N N 187 
HKL C11 H11B sing N N 188 
HKL C9  N2   sing N N 189 
HKL C8  C7   sing N N 190 
HKL C8  C9   doub N N 191 
HKL C8  H8   sing N N 192 
HKL C34 C33  doub N N 193 
HKL C34 H34  sing N N 194 
HKL FE  N3   sing N N 195 
HKL FE  N4   sing N N 196 
HKL N4  C33  sing N N 197 
HKL N4  C25  doub N N 198 
HKL C25 C24  sing N N 199 
HKL C25 C26  sing N N 200 
HKL C33 C31  sing N N 201 
HKL C31 C32  sing N N 202 
HKL C32 H32  sing N N 203 
HKL C32 H32A sing N N 204 
HKL C32 H32B sing N N 205 
HKL C26 C31  sing N N 206 
HKL C27 C26  sing N N 207 
HKL C27 H27  sing N N 208 
HKL C27 H27A sing N N 209 
HKL C28 C27  sing N N 210 
HKL C28 H28  sing N N 211 
HKL C28 H28A sing N N 212 
HKL C29 C28  sing N N 213 
HKL O4  C29  doub N N 214 
HKL O2  C29  sing N N 215 
HKL C30 O2   sing N N 216 
HKL C30 H30  sing N N 217 
HKL C30 H30A sing N N 218 
HKL C30 H30B sing N N 219 
HKL C31 H33  sing N N 220 
HKL C26 H341 sing N N 221 
HOH O   H1   sing N N 222 
HOH O   H2   sing N N 223 
ILE N   CA   sing N N 224 
ILE N   H    sing N N 225 
ILE N   H2   sing N N 226 
ILE CA  C    sing N N 227 
ILE CA  CB   sing N N 228 
ILE CA  HA   sing N N 229 
ILE C   O    doub N N 230 
ILE C   OXT  sing N N 231 
ILE CB  CG1  sing N N 232 
ILE CB  CG2  sing N N 233 
ILE CB  HB   sing N N 234 
ILE CG1 CD1  sing N N 235 
ILE CG1 HG12 sing N N 236 
ILE CG1 HG13 sing N N 237 
ILE CG2 HG21 sing N N 238 
ILE CG2 HG22 sing N N 239 
ILE CG2 HG23 sing N N 240 
ILE CD1 HD11 sing N N 241 
ILE CD1 HD12 sing N N 242 
ILE CD1 HD13 sing N N 243 
ILE OXT HXT  sing N N 244 
LEU N   CA   sing N N 245 
LEU N   H    sing N N 246 
LEU N   H2   sing N N 247 
LEU CA  C    sing N N 248 
LEU CA  CB   sing N N 249 
LEU CA  HA   sing N N 250 
LEU C   O    doub N N 251 
LEU C   OXT  sing N N 252 
LEU CB  CG   sing N N 253 
LEU CB  HB2  sing N N 254 
LEU CB  HB3  sing N N 255 
LEU CG  CD1  sing N N 256 
LEU CG  CD2  sing N N 257 
LEU CG  HG   sing N N 258 
LEU CD1 HD11 sing N N 259 
LEU CD1 HD12 sing N N 260 
LEU CD1 HD13 sing N N 261 
LEU CD2 HD21 sing N N 262 
LEU CD2 HD22 sing N N 263 
LEU CD2 HD23 sing N N 264 
LEU OXT HXT  sing N N 265 
LYS N   CA   sing N N 266 
LYS N   H    sing N N 267 
LYS N   H2   sing N N 268 
LYS CA  C    sing N N 269 
LYS CA  CB   sing N N 270 
LYS CA  HA   sing N N 271 
LYS C   O    doub N N 272 
LYS C   OXT  sing N N 273 
LYS CB  CG   sing N N 274 
LYS CB  HB2  sing N N 275 
LYS CB  HB3  sing N N 276 
LYS CG  CD   sing N N 277 
LYS CG  HG2  sing N N 278 
LYS CG  HG3  sing N N 279 
LYS CD  CE   sing N N 280 
LYS CD  HD2  sing N N 281 
LYS CD  HD3  sing N N 282 
LYS CE  NZ   sing N N 283 
LYS CE  HE2  sing N N 284 
LYS CE  HE3  sing N N 285 
LYS NZ  HZ1  sing N N 286 
LYS NZ  HZ2  sing N N 287 
LYS NZ  HZ3  sing N N 288 
LYS OXT HXT  sing N N 289 
MET N   CA   sing N N 290 
MET N   H    sing N N 291 
MET N   H2   sing N N 292 
MET CA  C    sing N N 293 
MET CA  CB   sing N N 294 
MET CA  HA   sing N N 295 
MET C   O    doub N N 296 
MET C   OXT  sing N N 297 
MET CB  CG   sing N N 298 
MET CB  HB2  sing N N 299 
MET CB  HB3  sing N N 300 
MET CG  SD   sing N N 301 
MET CG  HG2  sing N N 302 
MET CG  HG3  sing N N 303 
MET SD  CE   sing N N 304 
MET CE  HE1  sing N N 305 
MET CE  HE2  sing N N 306 
MET CE  HE3  sing N N 307 
MET OXT HXT  sing N N 308 
PHE N   CA   sing N N 309 
PHE N   H    sing N N 310 
PHE N   H2   sing N N 311 
PHE CA  C    sing N N 312 
PHE CA  CB   sing N N 313 
PHE CA  HA   sing N N 314 
PHE C   O    doub N N 315 
PHE C   OXT  sing N N 316 
PHE CB  CG   sing N N 317 
PHE CB  HB2  sing N N 318 
PHE CB  HB3  sing N N 319 
PHE CG  CD1  doub Y N 320 
PHE CG  CD2  sing Y N 321 
PHE CD1 CE1  sing Y N 322 
PHE CD1 HD1  sing N N 323 
PHE CD2 CE2  doub Y N 324 
PHE CD2 HD2  sing N N 325 
PHE CE1 CZ   doub Y N 326 
PHE CE1 HE1  sing N N 327 
PHE CE2 CZ   sing Y N 328 
PHE CE2 HE2  sing N N 329 
PHE CZ  HZ   sing N N 330 
PHE OXT HXT  sing N N 331 
PRO N   CA   sing N N 332 
PRO N   CD   sing N N 333 
PRO N   H    sing N N 334 
PRO CA  C    sing N N 335 
PRO CA  CB   sing N N 336 
PRO CA  HA   sing N N 337 
PRO C   O    doub N N 338 
PRO C   OXT  sing N N 339 
PRO CB  CG   sing N N 340 
PRO CB  HB2  sing N N 341 
PRO CB  HB3  sing N N 342 
PRO CG  CD   sing N N 343 
PRO CG  HG2  sing N N 344 
PRO CG  HG3  sing N N 345 
PRO CD  HD2  sing N N 346 
PRO CD  HD3  sing N N 347 
PRO OXT HXT  sing N N 348 
SER N   CA   sing N N 349 
SER N   H    sing N N 350 
SER N   H2   sing N N 351 
SER CA  C    sing N N 352 
SER CA  CB   sing N N 353 
SER CA  HA   sing N N 354 
SER C   O    doub N N 355 
SER C   OXT  sing N N 356 
SER CB  OG   sing N N 357 
SER CB  HB2  sing N N 358 
SER CB  HB3  sing N N 359 
SER OG  HG   sing N N 360 
SER OXT HXT  sing N N 361 
SO4 S   O1   doub N N 362 
SO4 S   O2   doub N N 363 
SO4 S   O3   sing N N 364 
SO4 S   O4   sing N N 365 
THR N   CA   sing N N 366 
THR N   H    sing N N 367 
THR N   H2   sing N N 368 
THR CA  C    sing N N 369 
THR CA  CB   sing N N 370 
THR CA  HA   sing N N 371 
THR C   O    doub N N 372 
THR C   OXT  sing N N 373 
THR CB  OG1  sing N N 374 
THR CB  CG2  sing N N 375 
THR CB  HB   sing N N 376 
THR OG1 HG1  sing N N 377 
THR CG2 HG21 sing N N 378 
THR CG2 HG22 sing N N 379 
THR CG2 HG23 sing N N 380 
THR OXT HXT  sing N N 381 
TRP N   CA   sing N N 382 
TRP N   H    sing N N 383 
TRP N   H2   sing N N 384 
TRP CA  C    sing N N 385 
TRP CA  CB   sing N N 386 
TRP CA  HA   sing N N 387 
TRP C   O    doub N N 388 
TRP C   OXT  sing N N 389 
TRP CB  CG   sing N N 390 
TRP CB  HB2  sing N N 391 
TRP CB  HB3  sing N N 392 
TRP CG  CD1  doub Y N 393 
TRP CG  CD2  sing Y N 394 
TRP CD1 NE1  sing Y N 395 
TRP CD1 HD1  sing N N 396 
TRP CD2 CE2  doub Y N 397 
TRP CD2 CE3  sing Y N 398 
TRP NE1 CE2  sing Y N 399 
TRP NE1 HE1  sing N N 400 
TRP CE2 CZ2  sing Y N 401 
TRP CE3 CZ3  doub Y N 402 
TRP CE3 HE3  sing N N 403 
TRP CZ2 CH2  doub Y N 404 
TRP CZ2 HZ2  sing N N 405 
TRP CZ3 CH2  sing Y N 406 
TRP CZ3 HZ3  sing N N 407 
TRP CH2 HH2  sing N N 408 
TRP OXT HXT  sing N N 409 
TYR N   CA   sing N N 410 
TYR N   H    sing N N 411 
TYR N   H2   sing N N 412 
TYR CA  C    sing N N 413 
TYR CA  CB   sing N N 414 
TYR CA  HA   sing N N 415 
TYR C   O    doub N N 416 
TYR C   OXT  sing N N 417 
TYR CB  CG   sing N N 418 
TYR CB  HB2  sing N N 419 
TYR CB  HB3  sing N N 420 
TYR CG  CD1  doub Y N 421 
TYR CG  CD2  sing Y N 422 
TYR CD1 CE1  sing Y N 423 
TYR CD1 HD1  sing N N 424 
TYR CD2 CE2  doub Y N 425 
TYR CD2 HD2  sing N N 426 
TYR CE1 CZ   doub Y N 427 
TYR CE1 HE1  sing N N 428 
TYR CE2 CZ   sing Y N 429 
TYR CE2 HE2  sing N N 430 
TYR CZ  OH   sing N N 431 
TYR OH  HH   sing N N 432 
TYR OXT HXT  sing N N 433 
VAL N   CA   sing N N 434 
VAL N   H    sing N N 435 
VAL N   H2   sing N N 436 
VAL CA  C    sing N N 437 
VAL CA  CB   sing N N 438 
VAL CA  HA   sing N N 439 
VAL C   O    doub N N 440 
VAL C   OXT  sing N N 441 
VAL CB  CG1  sing N N 442 
VAL CB  CG2  sing N N 443 
VAL CB  HB   sing N N 444 
VAL CG1 HG11 sing N N 445 
VAL CG1 HG12 sing N N 446 
VAL CG1 HG13 sing N N 447 
VAL CG2 HG21 sing N N 448 
VAL CG2 HG22 sing N N 449 
VAL CG2 HG23 sing N N 450 
VAL OXT HXT  sing N N 451 
# 
_atom_sites.entry_id                    3BA2 
_atom_sites.fract_transf_matrix[1][1]   -0.01208259 
_atom_sites.fract_transf_matrix[1][2]   -0.01682816 
_atom_sites.fract_transf_matrix[1][3]   -0.02236817 
_atom_sites.fract_transf_matrix[2][1]   0.00707056 
_atom_sites.fract_transf_matrix[2][2]   0.02373111 
_atom_sites.fract_transf_matrix[2][3]   -0.02167284 
_atom_sites.fract_transf_matrix[3][1]   0.01207602 
_atom_sites.fract_transf_matrix[3][2]   -0.00894678 
_atom_sites.fract_transf_matrix[3][3]   -0.00585677 
_atom_sites.fract_transf_vector[1]      -0.505120 
_atom_sites.fract_transf_vector[2]      -0.016331 
_atom_sites.fract_transf_vector[3]      0.249855 
# 
loop_
_atom_type.symbol 
C  
FE 
N  
O  
S  
# 
loop_
_atom_site.group_PDB 
_atom_site.id 
_atom_site.type_symbol 
_atom_site.label_atom_id 
_atom_site.label_alt_id 
_atom_site.label_comp_id 
_atom_site.label_asym_id 
_atom_site.label_entity_id 
_atom_site.label_seq_id 
_atom_site.pdbx_PDB_ins_code 
_atom_site.Cartn_x 
_atom_site.Cartn_y 
_atom_site.Cartn_z 
_atom_site.occupancy 
_atom_site.B_iso_or_equiv 
_atom_site.pdbx_formal_charge 
_atom_site.auth_seq_id 
_atom_site.auth_comp_id 
_atom_site.auth_asym_id 
_atom_site.auth_atom_id 
_atom_site.pdbx_PDB_model_num 
ATOM   1    N  N   . GLY A 1 1   ? -6.385  9.073   15.562  1.00 24.45 ? 1   GLY A N   1 
ATOM   2    C  CA  . GLY A 1 1   ? -4.899  8.937   15.667  1.00 23.09 ? 1   GLY A CA  1 
ATOM   3    C  C   . GLY A 1 1   ? -4.407  7.571   16.130  1.00 22.02 ? 1   GLY A C   1 
ATOM   4    O  O   . GLY A 1 1   ? -5.185  6.707   16.594  1.00 23.33 ? 1   GLY A O   1 
ATOM   5    N  N   . LEU A 1 2   ? -3.107  7.365   15.982  1.00 19.89 ? 2   LEU A N   1 
ATOM   6    C  CA  . LEU A 1 2   ? -2.432  6.219   16.579  1.00 18.46 ? 2   LEU A CA  1 
ATOM   7    C  C   . LEU A 1 2   ? -1.675  6.773   17.770  1.00 17.50 ? 2   LEU A C   1 
ATOM   8    O  O   . LEU A 1 2   ? -1.343  7.952   17.775  1.00 17.89 ? 2   LEU A O   1 
ATOM   9    C  CB  . LEU A 1 2   ? -1.433  5.611   15.596  1.00 17.29 ? 2   LEU A CB  1 
ATOM   10   C  CG  . LEU A 1 2   ? -1.950  4.644   14.531  1.00 15.59 ? 2   LEU A CG  1 
ATOM   11   C  CD1 . LEU A 1 2   ? -2.822  5.336   13.478  1.00 15.39 ? 2   LEU A CD1 1 
ATOM   12   C  CD2 . LEU A 1 2   ? -0.735  3.978   13.877  1.00 15.24 ? 2   LEU A CD2 1 
ATOM   13   N  N   . SER A 1 3   ? -1.374  5.921   18.745  1.00 16.69 ? 3   SER A N   1 
ATOM   14   C  CA  . SER A 1 3   ? -0.535  6.327   19.881  1.00 16.08 ? 3   SER A CA  1 
ATOM   15   C  C   . SER A 1 3   ? 0.936   6.289   19.490  1.00 15.66 ? 3   SER A C   1 
ATOM   16   O  O   . SER A 1 3   ? 1.288   5.763   18.446  1.00 14.12 ? 3   SER A O   1 
ATOM   17   C  CB  . SER A 1 3   ? -0.756  5.380   21.049  1.00 15.89 ? 3   SER A CB  1 
ATOM   18   O  OG  . SER A 1 3   ? -0.259  4.094   20.753  1.00 16.80 ? 3   SER A OG  1 
ATOM   19   N  N   . ASP A 1 4   ? 1.805   6.818   20.342  1.00 15.78 ? 4   ASP A N   1 
ATOM   20   C  CA  . ASP A 1 4   ? 3.230   6.726   20.067  1.00 15.47 ? 4   ASP A CA  1 
ATOM   21   C  C   . ASP A 1 4   ? 3.692   5.285   19.980  1.00 14.55 ? 4   ASP A C   1 
ATOM   22   O  O   . ASP A 1 4   ? 4.454   4.961   19.099  1.00 14.22 ? 4   ASP A O   1 
ATOM   23   C  CB  . ASP A 1 4   ? 4.053   7.553   21.060  1.00 16.97 ? 4   ASP A CB  1 
ATOM   24   C  CG  . ASP A 1 4   ? 3.672   9.020   21.020  1.00 19.37 ? 4   ASP A CG  1 
ATOM   25   O  OD1 . ASP A 1 4   ? 3.643   9.609   19.917  1.00 20.68 ? 4   ASP A OD1 1 
ATOM   26   O  OD2 . ASP A 1 4   ? 3.366   9.567   22.094  1.00 25.60 ? 4   ASP A OD2 1 
ATOM   27   N  N   . GLY A 1 5   ? 3.220   4.419   20.883  1.00 12.89 ? 5   GLY A N   1 
ATOM   28   C  CA  . GLY A 1 5   ? 3.563   3.003   20.807  1.00 13.01 ? 5   GLY A CA  1 
ATOM   29   C  C   . GLY A 1 5   ? 3.079   2.337   19.520  1.00 12.13 ? 5   GLY A C   1 
ATOM   30   O  O   . GLY A 1 5   ? 3.784   1.503   18.947  1.00 11.22 ? 5   GLY A O   1 
ATOM   31   N  N   . GLU A 1 6   ? 1.879   2.699   19.061  1.00 10.60 ? 6   GLU A N   1 
ATOM   32   C  CA  . GLU A 1 6   ? 1.388   2.192   17.775  1.00 11.19 ? 6   GLU A CA  1 
ATOM   33   C  C   . GLU A 1 6   ? 2.279   2.642   16.617  1.00 10.26 ? 6   GLU A C   1 
ATOM   34   O  O   . GLU A 1 6   ? 2.738   1.799   15.828  1.00 8.69  ? 6   GLU A O   1 
ATOM   35   C  CB  . GLU A 1 6   ? -0.049  2.601   17.554  1.00 10.87 ? 6   GLU A CB  1 
ATOM   36   C  CG  . GLU A 1 6   ? -0.949  1.753   18.452  1.00 13.67 ? 6   GLU A CG  1 
ATOM   37   C  CD  . GLU A 1 6   ? -2.378  2.210   18.493  1.00 17.28 ? 6   GLU A CD  1 
ATOM   38   O  OE1 . GLU A 1 6   ? -2.658  3.409   18.292  1.00 15.53 ? 6   GLU A OE1 1 
ATOM   39   O  OE2 . GLU A 1 6   ? -3.244  1.330   18.745  1.00 19.97 ? 6   GLU A OE2 1 
ATOM   40   N  N   . TRP A 1 7   ? 2.565   3.950   16.548  1.00 10.30 ? 7   TRP A N   1 
ATOM   41   C  CA  . TRP A 1 7   ? 3.523   4.429   15.540  1.00 10.04 ? 7   TRP A CA  1 
ATOM   42   C  C   . TRP A 1 7   ? 4.843   3.687   15.601  1.00 9.85  ? 7   TRP A C   1 
ATOM   43   O  O   . TRP A 1 7   ? 5.406   3.336   14.552  1.00 9.67  ? 7   TRP A O   1 
ATOM   44   C  CB  . TRP A 1 7   ? 3.746   5.950   15.588  1.00 10.52 ? 7   TRP A CB  1 
ATOM   45   C  CG  . TRP A 1 7   ? 2.585   6.730   15.006  1.00 11.13 ? 7   TRP A CG  1 
ATOM   46   C  CD1 . TRP A 1 7   ? 1.790   7.627   15.672  1.00 8.64  ? 7   TRP A CD1 1 
ATOM   47   C  CD2 . TRP A 1 7   ? 2.059   6.634   13.665  1.00 11.85 ? 7   TRP A CD2 1 
ATOM   48   N  NE1 . TRP A 1 7   ? 0.825   8.126   14.826  1.00 10.95 ? 7   TRP A NE1 1 
ATOM   49   C  CE2 . TRP A 1 7   ? 0.955   7.527   13.591  1.00 10.34 ? 7   TRP A CE2 1 
ATOM   50   C  CE3 . TRP A 1 7   ? 2.408   5.876   12.522  1.00 9.58  ? 7   TRP A CE3 1 
ATOM   51   C  CZ2 . TRP A 1 7   ? 0.202   7.694   12.418  1.00 11.41 ? 7   TRP A CZ2 1 
ATOM   52   C  CZ3 . TRP A 1 7   ? 1.650   6.041   11.341  1.00 10.79 ? 7   TRP A CZ3 1 
ATOM   53   C  CH2 . TRP A 1 7   ? 0.561   6.960   11.308  1.00 10.49 ? 7   TRP A CH2 1 
ATOM   54   N  N   . GLN A 1 8   ? 5.339   3.426   16.814  1.00 10.02 ? 8   GLN A N   1 
ATOM   55   C  CA  . GLN A 1 8   ? 6.610   2.700   16.936  1.00 11.61 ? 8   GLN A CA  1 
ATOM   56   C  C   . GLN A 1 8   ? 6.501   1.275   16.387  1.00 10.71 ? 8   GLN A C   1 
ATOM   57   O  O   . GLN A 1 8   ? 7.403   0.809   15.689  1.00 10.08 ? 8   GLN A O   1 
ATOM   58   C  CB  . GLN A 1 8   ? 7.139   2.715   18.380  1.00 11.58 ? 8   GLN A CB  1 
ATOM   59   C  CG  . GLN A 1 8   ? 8.425   1.896   18.603  1.00 19.04 ? 8   GLN A CG  1 
ATOM   60   C  CD  . GLN A 1 8   ? 8.836   1.851   20.085  1.00 24.71 ? 8   GLN A CD  1 
ATOM   61   O  OE1 . GLN A 1 8   ? 8.538   2.767   20.851  1.00 29.96 ? 8   GLN A OE1 1 
ATOM   62   N  NE2 . GLN A 1 8   ? 9.531   0.790   20.475  1.00 28.31 ? 8   GLN A NE2 1 
ATOM   63   N  N   . GLN A 1 9   ? 5.387   0.598   16.661  1.00 9.36  ? 9   GLN A N   1 
ATOM   64   C  CA  . GLN A 1 9   ? 5.173   -0.764  16.090  1.00 9.17  ? 9   GLN A CA  1 
ATOM   65   C  C   . GLN A 1 9   ? 5.147   -0.763  14.535  1.00 8.21  ? 9   GLN A C   1 
ATOM   66   O  O   . GLN A 1 9   ? 5.726   -1.635  13.886  1.00 7.87  ? 9   GLN A O   1 
ATOM   67   C  CB  . GLN A 1 9   ? 3.879   -1.349  16.620  1.00 8.75  ? 9   GLN A CB  1 
ATOM   68   C  CG  . GLN A 1 9   ? 3.978   -1.841  18.057  1.00 13.34 ? 9   GLN A CG  1 
ATOM   69   C  CD  . GLN A 1 9   ? 2.650   -2.392  18.591  1.00 19.94 ? 9   GLN A CD  1 
ATOM   70   O  OE1 . GLN A 1 9   ? 2.576   -3.556  18.973  1.00 28.21 ? 9   GLN A OE1 1 
ATOM   71   N  NE2 . GLN A 1 9   ? 1.619   -1.547  18.659  1.00 20.75 ? 9   GLN A NE2 1 
ATOM   72   N  N   . VAL A 1 10  ? 4.437   0.208   13.984  1.00 7.94  ? 10  VAL A N   1 
ATOM   73   C  CA  . VAL A 1 10  ? 4.307   0.405   12.534  1.00 7.72  ? 10  VAL A CA  1 
ATOM   74   C  C   . VAL A 1 10  ? 5.688   0.596   11.879  1.00 8.15  ? 10  VAL A C   1 
ATOM   75   O  O   . VAL A 1 10  ? 6.035   -0.059  10.890  1.00 8.13  ? 10  VAL A O   1 
ATOM   76   C  CB  . VAL A 1 10  ? 3.411   1.626   12.250  1.00 7.42  ? 10  VAL A CB  1 
ATOM   77   C  CG1 . VAL A 1 10  ? 3.519   2.061   10.748  1.00 7.58  ? 10  VAL A CG1 1 
ATOM   78   C  CG2 . VAL A 1 10  ? 1.922   1.305   12.673  1.00 6.43  ? 10  VAL A CG2 1 
ATOM   79   N  N   . LEU A 1 11  ? 6.485   1.505   12.431  1.00 8.62  ? 11  LEU A N   1 
ATOM   80   C  CA  . LEU A 1 11  ? 7.760   1.825   11.786  1.00 9.17  ? 11  LEU A CA  1 
ATOM   81   C  C   . LEU A 1 11  ? 8.824   0.775   12.103  1.00 9.75  ? 11  LEU A C   1 
ATOM   82   O  O   . LEU A 1 11  ? 9.824   0.642   11.366  1.00 9.78  ? 11  LEU A O   1 
ATOM   83   C  CB  . LEU A 1 11  ? 8.233   3.219   12.188  1.00 8.93  ? 11  LEU A CB  1 
ATOM   84   C  CG  . LEU A 1 11  ? 7.293   4.353   11.762  1.00 8.49  ? 11  LEU A CG  1 
ATOM   85   C  CD1 . LEU A 1 11  ? 7.726   5.700   12.334  1.00 8.60  ? 11  LEU A CD1 1 
ATOM   86   C  CD2 . LEU A 1 11  ? 7.148   4.419   10.224  1.00 11.58 ? 11  LEU A CD2 1 
ATOM   87   N  N   . ASN A 1 12  ? 8.633   0.065   13.213  1.00 10.52 ? 12  ASN A N   1 
ATOM   88   C  CA  . ASN A 1 12  ? 9.482   -1.088  13.500  1.00 11.38 ? 12  ASN A CA  1 
ATOM   89   C  C   . ASN A 1 12  ? 9.343   -2.147  12.415  1.00 11.85 ? 12  ASN A C   1 
ATOM   90   O  O   . ASN A 1 12  ? 10.344  -2.601  11.872  1.00 11.85 ? 12  ASN A O   1 
ATOM   91   C  CB  . ASN A 1 12  ? 9.180   -1.718  14.866  1.00 11.81 ? 12  ASN A CB  1 
ATOM   92   C  CG  . ASN A 1 12  ? 10.036  -2.957  15.125  1.00 14.44 ? 12  ASN A CG  1 
ATOM   93   O  OD1 . ASN A 1 12  ? 9.545   -4.101  15.098  1.00 17.97 ? 12  ASN A OD1 1 
ATOM   94   N  ND2 . ASN A 1 12  ? 11.331  -2.739  15.307  1.00 14.86 ? 12  ASN A ND2 1 
ATOM   95   N  N   . VAL A 1 13  ? 8.109   -2.578  12.118  1.00 11.62 ? 13  VAL A N   1 
ATOM   96   C  CA  . VAL A 1 13  ? 7.955   -3.573  11.056  1.00 11.82 ? 13  VAL A CA  1 
ATOM   97   C  C   . VAL A 1 13  ? 8.360   -2.955  9.706   1.00 11.49 ? 13  VAL A C   1 
ATOM   98   O  O   . VAL A 1 13  ? 8.889   -3.654  8.835   1.00 12.64 ? 13  VAL A O   1 
ATOM   99   C  CB  . VAL A 1 13  ? 6.560   -4.178  10.980  1.00 12.68 ? 13  VAL A CB  1 
ATOM   100  C  CG1 . VAL A 1 13  ? 5.550   -3.172  10.371  1.00 11.19 ? 13  VAL A CG1 1 
ATOM   101  C  CG2 . VAL A 1 13  ? 6.585   -5.471  10.179  1.00 12.47 ? 13  VAL A CG2 1 
ATOM   102  N  N   . TRP A 1 14  ? 8.118   -1.655  9.532   1.00 10.52 ? 14  TRP A N   1 
ATOM   103  C  CA  . TRP A 1 14  ? 8.525   -1.019  8.268   1.00 10.79 ? 14  TRP A CA  1 
ATOM   104  C  C   . TRP A 1 14  ? 10.029  -1.049  8.029   1.00 11.55 ? 14  TRP A C   1 
ATOM   105  O  O   . TRP A 1 14  ? 10.453  -1.271  6.907   1.00 12.32 ? 14  TRP A O   1 
ATOM   106  C  CB  . TRP A 1 14  ? 8.011   0.402   8.118   1.00 10.68 ? 14  TRP A CB  1 
ATOM   107  C  CG  . TRP A 1 14  ? 7.975   0.733   6.668   1.00 11.03 ? 14  TRP A CG  1 
ATOM   108  C  CD1 . TRP A 1 14  ? 8.876   1.473   5.958   1.00 13.14 ? 14  TRP A CD1 1 
ATOM   109  C  CD2 . TRP A 1 14  ? 7.030   0.234   5.734   1.00 11.88 ? 14  TRP A CD2 1 
ATOM   110  N  NE1 . TRP A 1 14  ? 8.523   1.489   4.622   1.00 11.13 ? 14  TRP A NE1 1 
ATOM   111  C  CE2 . TRP A 1 14  ? 7.372   0.766   4.462   1.00 12.85 ? 14  TRP A CE2 1 
ATOM   112  C  CE3 . TRP A 1 14  ? 5.902   -0.565  5.846   1.00 10.29 ? 14  TRP A CE3 1 
ATOM   113  C  CZ2 . TRP A 1 14  ? 6.645   0.485   3.317   1.00 12.56 ? 14  TRP A CZ2 1 
ATOM   114  C  CZ3 . TRP A 1 14  ? 5.156   -0.839  4.678   1.00 16.10 ? 14  TRP A CZ3 1 
ATOM   115  C  CH2 . TRP A 1 14  ? 5.535   -0.299  3.444   1.00 12.96 ? 14  TRP A CH2 1 
ATOM   116  N  N   . GLY A 1 15  ? 10.818  -0.871  9.087   1.00 12.35 ? 15  GLY A N   1 
ATOM   117  C  CA  . GLY A 1 15  ? 12.283  -1.058  9.014   1.00 13.41 ? 15  GLY A CA  1 
ATOM   118  C  C   . GLY A 1 15  ? 12.677  -2.420  8.458   1.00 15.02 ? 15  GLY A C   1 
ATOM   119  O  O   . GLY A 1 15  ? 13.666  -2.519  7.709   1.00 17.32 ? 15  GLY A O   1 
ATOM   120  N  N   . LYS A 1 16  ? 11.904  -3.461  8.788   1.00 14.47 ? 16  LYS A N   1 
ATOM   121  C  CA  . LYS A 1 16  ? 12.107  -4.814  8.261   1.00 16.25 ? 16  LYS A CA  1 
ATOM   122  C  C   . LYS A 1 16  ? 11.815  -4.881  6.753   1.00 16.43 ? 16  LYS A C   1 
ATOM   123  O  O   . LYS A 1 16  ? 12.506  -5.568  5.993   1.00 15.83 ? 16  LYS A O   1 
ATOM   124  C  CB  . LYS A 1 16  ? 11.242  -5.831  9.018   1.00 16.16 ? 16  LYS A CB  1 
ATOM   125  C  CG  . LYS A 1 16  ? 11.345  -5.748  10.568  1.00 19.22 ? 16  LYS A CG  1 
ATOM   126  C  CD  . LYS A 1 16  ? 12.768  -6.081  11.037  1.00 20.16 ? 16  LYS A CD  1 
ATOM   127  C  CE  . LYS A 1 16  ? 12.923  -6.060  12.547  1.00 21.65 ? 16  LYS A CE  1 
ATOM   128  N  NZ  . LYS A 1 16  ? 14.296  -6.555  12.952  1.00 23.77 ? 16  LYS A NZ  1 
ATOM   129  N  N   . VAL A 1 17  ? 10.801  -4.133  6.332   1.00 17.12 ? 17  VAL A N   1 
ATOM   130  C  CA  . VAL A 1 17  ? 10.369  -4.086  4.928   1.00 17.46 ? 17  VAL A CA  1 
ATOM   131  C  C   . VAL A 1 17  ? 11.459  -3.486  4.101   1.00 18.10 ? 17  VAL A C   1 
ATOM   132  O  O   . VAL A 1 17  ? 11.767  -3.957  2.998   1.00 18.11 ? 17  VAL A O   1 
ATOM   133  C  CB  . VAL A 1 17  ? 9.079   -3.250  4.759   1.00 16.57 ? 17  VAL A CB  1 
ATOM   134  C  CG1 . VAL A 1 17  ? 8.768   -3.023  3.265   1.00 16.04 ? 17  VAL A CG1 1 
ATOM   135  C  CG2 . VAL A 1 17  ? 7.921   -3.956  5.414   1.00 16.78 ? 17  VAL A CG2 1 
ATOM   136  N  N   . GLU A 1 18  ? 12.073  -2.456  4.655   1.00 19.66 ? 18  GLU A N   1 
ATOM   137  C  CA  . GLU A 1 18  ? 13.076  -1.711  3.956   1.00 22.30 ? 18  GLU A CA  1 
ATOM   138  C  C   . GLU A 1 18  ? 14.364  -2.479  3.641   1.00 23.72 ? 18  GLU A C   1 
ATOM   139  O  O   . GLU A 1 18  ? 15.150  -2.018  2.825   1.00 24.74 ? 18  GLU A O   1 
ATOM   140  C  CB  . GLU A 1 18  ? 13.388  -0.444  4.713   1.00 22.44 ? 18  GLU A CB  1 
ATOM   141  C  CG  . GLU A 1 18  ? 12.277  0.538   4.649   1.00 24.30 ? 18  GLU A CG  1 
ATOM   142  C  CD  . GLU A 1 18  ? 12.712  1.868   5.194   1.00 25.44 ? 18  GLU A CD  1 
ATOM   143  O  OE1 . GLU A 1 18  ? 13.661  1.888   6.009   1.00 30.13 ? 18  GLU A OE1 1 
ATOM   144  O  OE2 . GLU A 1 18  ? 12.127  2.881   4.803   1.00 24.04 ? 18  GLU A OE2 1 
ATOM   145  N  N   . ALA A 1 19  ? 14.552  -3.646  4.263   1.00 24.39 ? 19  ALA A N   1 
ATOM   146  C  CA  . ALA A 1 19  ? 15.694  -4.522  3.974   1.00 24.94 ? 19  ALA A CA  1 
ATOM   147  C  C   . ALA A 1 19  ? 15.581  -5.199  2.608   1.00 24.65 ? 19  ALA A C   1 
ATOM   148  O  O   . ALA A 1 19  ? 16.563  -5.703  2.064   1.00 25.29 ? 19  ALA A O   1 
ATOM   149  C  CB  . ALA A 1 19  ? 15.830  -5.568  5.054   1.00 24.97 ? 19  ALA A CB  1 
ATOM   150  N  N   . ASP A 1 20  ? 14.372  -5.250  2.068   1.00 23.73 ? 20  ASP A N   1 
ATOM   151  C  CA  . ASP A 1 20  ? 14.164  -5.805  0.735   1.00 22.87 ? 20  ASP A CA  1 
ATOM   152  C  C   . ASP A 1 20  ? 12.863  -5.197  0.270   1.00 21.00 ? 20  ASP A C   1 
ATOM   153  O  O   . ASP A 1 20  ? 11.855  -5.873  0.124   1.00 20.00 ? 20  ASP A O   1 
ATOM   154  C  CB  . ASP A 1 20  ? 14.131  -7.352  0.744   1.00 23.78 ? 20  ASP A CB  1 
ATOM   155  C  CG  . ASP A 1 20  ? 13.712  -7.959  -0.615  1.00 25.25 ? 20  ASP A CG  1 
ATOM   156  O  OD1 . ASP A 1 20  ? 13.923  -7.341  -1.687  1.00 26.63 ? 20  ASP A OD1 1 
ATOM   157  O  OD2 . ASP A 1 20  ? 13.163  -9.082  -0.600  1.00 30.00 ? 20  ASP A OD2 1 
ATOM   158  N  N   . ILE A 1 21  ? 12.906  -3.892  0.069   1.00 19.99 ? 21  ILE A N   1 
ATOM   159  C  CA  . ILE A 1 21  ? 11.731  -3.155  -0.395  1.00 19.53 ? 21  ILE A CA  1 
ATOM   160  C  C   . ILE A 1 21  ? 11.181  -3.757  -1.704  1.00 18.49 ? 21  ILE A C   1 
ATOM   161  O  O   . ILE A 1 21  ? 9.973   -3.916  -1.880  1.00 17.51 ? 21  ILE A O   1 
ATOM   162  C  CB  . ILE A 1 21  ? 12.050  -1.663  -0.565  1.00 18.75 ? 21  ILE A CB  1 
ATOM   163  C  CG1 . ILE A 1 21  ? 10.782  -0.867  -0.880  1.00 20.78 ? 21  ILE A CG1 1 
ATOM   164  C  CG2 . ILE A 1 21  ? 13.161  -1.421  -1.615  1.00 21.70 ? 21  ILE A CG2 1 
ATOM   165  C  CD1 . ILE A 1 21  ? 10.245  -0.150  0.322   1.00 21.02 ? 21  ILE A CD1 1 
ATOM   166  N  N   . ALA A 1 22  ? 12.087  -4.110  -2.611  1.00 18.37 ? 22  ALA A N   1 
ATOM   167  C  CA  . ALA A 1 22  ? 11.703  -4.640  -3.914  1.00 17.64 ? 22  ALA A CA  1 
ATOM   168  C  C   . ALA A 1 22  ? 10.946  -5.977  -3.805  1.00 17.51 ? 22  ALA A C   1 
ATOM   169  O  O   . ALA A 1 22  ? 9.863   -6.134  -4.398  1.00 18.01 ? 22  ALA A O   1 
ATOM   170  C  CB  . ALA A 1 22  ? 12.945  -4.763  -4.802  1.00 18.61 ? 22  ALA A CB  1 
ATOM   171  N  N   . GLY A 1 23  ? 11.482  -6.895  -3.000  1.00 17.05 ? 23  GLY A N   1 
ATOM   172  C  CA  . GLY A 1 23  ? 10.856  -8.208  -2.748  1.00 15.79 ? 23  GLY A CA  1 
ATOM   173  C  C   . GLY A 1 23  ? 9.463   -8.023  -2.151  1.00 15.09 ? 23  GLY A C   1 
ATOM   174  O  O   . GLY A 1 23  ? 8.479   -8.682  -2.562  1.00 14.71 ? 23  GLY A O   1 
ATOM   175  N  N   . HIS A 1 24  ? 9.365   -7.090  -1.212  1.00 13.99 ? 24  HIS A N   1 
ATOM   176  C  CA  . HIS A 1 24  ? 8.093   -6.830  -0.564  1.00 13.37 ? 24  HIS A CA  1 
ATOM   177  C  C   . HIS A 1 24  ? 7.109   -6.231  -1.551  1.00 12.49 ? 24  HIS A C   1 
ATOM   178  O  O   . HIS A 1 24  ? 5.951   -6.606  -1.560  1.00 10.80 ? 24  HIS A O   1 
ATOM   179  C  CB  . HIS A 1 24  ? 8.276   -5.887  0.604   1.00 13.62 ? 24  HIS A CB  1 
ATOM   180  C  CG  . HIS A 1 24  ? 8.806   -6.565  1.832   1.00 16.86 ? 24  HIS A CG  1 
ATOM   181  N  ND1 . HIS A 1 24  ? 10.142  -6.859  1.993   1.00 16.99 ? 24  HIS A ND1 1 
ATOM   182  C  CD2 . HIS A 1 24  ? 8.183   -7.003  2.951   1.00 16.99 ? 24  HIS A CD2 1 
ATOM   183  C  CE1 . HIS A 1 24  ? 10.322  -7.452  3.162   1.00 17.70 ? 24  HIS A CE1 1 
ATOM   184  N  NE2 . HIS A 1 24  ? 9.147   -7.550  3.764   1.00 18.53 ? 24  HIS A NE2 1 
ATOM   185  N  N   . GLY A 1 25  ? 7.582   -5.306  -2.368  1.00 11.37 ? 25  GLY A N   1 
ATOM   186  C  CA  . GLY A 1 25  ? 6.713   -4.619  -3.338  1.00 12.05 ? 25  GLY A CA  1 
ATOM   187  C  C   . GLY A 1 25  ? 6.123   -5.598  -4.336  1.00 11.75 ? 25  GLY A C   1 
ATOM   188  O  O   . GLY A 1 25  ? 4.945   -5.550  -4.651  1.00 11.63 ? 25  GLY A O   1 
ATOM   189  N  N   . GLN A 1 26  ? 6.967   -6.493  -4.821  1.00 12.69 ? 26  GLN A N   1 
ATOM   190  C  CA  . GLN A 1 26  ? 6.586   -7.500  -5.777  1.00 13.06 ? 26  GLN A CA  1 
ATOM   191  C  C   . GLN A 1 26  ? 5.496   -8.391  -5.174  1.00 12.57 ? 26  GLN A C   1 
ATOM   192  O  O   . GLN A 1 26  ? 4.461   -8.628  -5.819  1.00 12.23 ? 26  GLN A O   1 
ATOM   193  C  CB  . GLN A 1 26  ? 7.844   -8.300  -6.118  1.00 14.16 ? 26  GLN A CB  1 
ATOM   194  C  CG  . GLN A 1 26  ? 7.688   -9.253  -7.232  1.00 19.17 ? 26  GLN A CG  1 
ATOM   195  C  CD  . GLN A 1 26  ? 8.881   -10.189 -7.322  1.00 21.99 ? 26  GLN A CD  1 
ATOM   196  O  OE1 . GLN A 1 26  ? 9.463   -10.349 -8.383  1.00 22.30 ? 26  GLN A OE1 1 
ATOM   197  N  NE2 . GLN A 1 26  ? 9.270   -10.781 -6.185  1.00 21.50 ? 26  GLN A NE2 1 
ATOM   198  N  N   . GLU A 1 27  ? 5.714   -8.866  -3.939  1.00 11.41 ? 27  GLU A N   1 
ATOM   199  C  CA  . GLU A 1 27  ? 4.756   -9.769  -3.291  1.00 11.27 ? 27  GLU A CA  1 
ATOM   200  C  C   . GLU A 1 27  ? 3.417   -9.071  -3.035  1.00 9.96  ? 27  GLU A C   1 
ATOM   201  O  O   . GLU A 1 27  ? 2.362   -9.677  -3.221  1.00 8.98  ? 27  GLU A O   1 
ATOM   202  C  CB  . GLU A 1 27  ? 5.311   -10.340 -1.996  1.00 13.52 ? 27  GLU A CB  1 
ATOM   203  C  CG  . GLU A 1 27  ? 6.362   -11.413 -2.236  1.00 16.61 ? 27  GLU A CG  1 
ATOM   204  C  CD  . GLU A 1 27  ? 6.880   -12.049 -0.951  1.00 23.07 ? 27  GLU A CD  1 
ATOM   205  O  OE1 . GLU A 1 27  ? 6.102   -12.314 0.004   1.00 24.78 ? 27  GLU A OE1 1 
ATOM   206  O  OE2 . GLU A 1 27  ? 8.095   -12.297 -0.922  1.00 29.02 ? 27  GLU A OE2 1 
ATOM   207  N  N   . VAL A 1 28  ? 3.484   -7.801  -2.629  1.00 8.30  ? 28  VAL A N   1 
ATOM   208  C  CA  . VAL A 1 28  ? 2.267   -7.023  -2.355  1.00 8.60  ? 28  VAL A CA  1 
ATOM   209  C  C   . VAL A 1 28  ? 1.440   -6.896  -3.643  1.00 7.69  ? 28  VAL A C   1 
ATOM   210  O  O   . VAL A 1 28  ? 0.247   -7.177  -3.631  1.00 8.81  ? 28  VAL A O   1 
ATOM   211  C  CB  . VAL A 1 28  ? 2.548   -5.624  -1.711  1.00 8.22  ? 28  VAL A CB  1 
ATOM   212  C  CG1 . VAL A 1 28  ? 1.284   -4.728  -1.764  1.00 8.29  ? 28  VAL A CG1 1 
ATOM   213  C  CG2 . VAL A 1 28  ? 3.061   -5.763  -0.252  1.00 5.39  ? 28  VAL A CG2 1 
ATOM   214  N  N   . LEU A 1 29  ? 2.082   -6.507  -4.740  1.00 7.23  ? 29  LEU A N   1 
ATOM   215  C  CA  . LEU A 1 29  ? 1.352   -6.333  -6.015  1.00 8.37  ? 29  LEU A CA  1 
ATOM   216  C  C   . LEU A 1 29  ? 0.802   -7.649  -6.546  1.00 7.43  ? 29  LEU A C   1 
ATOM   217  O  O   . LEU A 1 29  ? -0.325  -7.702  -7.032  1.00 7.29  ? 29  LEU A O   1 
ATOM   218  C  CB  . LEU A 1 29  ? 2.207   -5.634  -7.087  1.00 8.43  ? 29  LEU A CB  1 
ATOM   219  C  CG  . LEU A 1 29  ? 2.605   -4.182  -6.720  1.00 7.72  ? 29  LEU A CG  1 
ATOM   220  C  CD1 . LEU A 1 29  ? 3.564   -3.607  -7.763  1.00 11.20 ? 29  LEU A CD1 1 
ATOM   221  C  CD2 . LEU A 1 29  ? 1.367   -3.278  -6.510  1.00 8.09  ? 29  LEU A CD2 1 
ATOM   222  N  N   . ILE A 1 30  ? 1.594   -8.713  -6.441  1.00 9.23  ? 30  ILE A N   1 
ATOM   223  C  CA  . ILE A 1 30  ? 1.106   -10.028 -6.849  1.00 9.63  ? 30  ILE A CA  1 
ATOM   224  C  C   . ILE A 1 30  ? -0.129  -10.483 -6.036  1.00 10.18 ? 30  ILE A C   1 
ATOM   225  O  O   . ILE A 1 30  ? -1.103  -10.983 -6.580  1.00 9.53  ? 30  ILE A O   1 
ATOM   226  C  CB  . ILE A 1 30  ? 2.233   -11.071 -6.745  1.00 10.21 ? 30  ILE A CB  1 
ATOM   227  C  CG1 . ILE A 1 30  ? 3.215   -10.806 -7.904  1.00 11.66 ? 30  ILE A CG1 1 
ATOM   228  C  CG2 . ILE A 1 30  ? 1.651   -12.498 -6.757  1.00 11.13 ? 30  ILE A CG2 1 
ATOM   229  C  CD1 . ILE A 1 30  ? 4.435   -11.683 -7.913  1.00 10.82 ? 30  ILE A CD1 1 
ATOM   230  N  N   . ARG A 1 31  ? -0.079  -10.279 -4.736  1.00 10.77 ? 31  ARG A N   1 
ATOM   231  C  CA  . ARG A 1 31  ? -1.195  -10.648 -3.854  1.00 11.64 ? 31  ARG A CA  1 
ATOM   232  C  C   . ARG A 1 31  ? -2.441  -9.829  -4.224  1.00 11.07 ? 31  ARG A C   1 
ATOM   233  O  O   . ARG A 1 31  ? -3.561  -10.368 -4.326  1.00 10.11 ? 31  ARG A O   1 
ATOM   234  C  CB  . ARG A 1 31  ? -0.779  -10.445 -2.392  1.00 11.88 ? 31  ARG A CB  1 
ATOM   235  C  CG  . ARG A 1 31  ? -1.930  -10.595 -1.363  1.00 17.20 ? 31  ARG A CG  1 
ATOM   236  C  CD  . ARG A 1 31  ? -2.200  -12.069 -1.048  1.00 22.65 ? 31  ARG A CD  1 
ATOM   237  N  NE  . ARG A 1 31  ? -3.303  -12.209 -0.106  1.00 26.03 ? 31  ARG A NE  1 
ATOM   238  C  CZ  . ARG A 1 31  ? -3.635  -13.345 0.489   1.00 27.08 ? 31  ARG A CZ  1 
ATOM   239  N  NH1 . ARG A 1 31  ? -2.928  -14.441 0.259   1.00 28.24 ? 31  ARG A NH1 1 
ATOM   240  N  NH2 . ARG A 1 31  ? -4.666  -13.374 1.320   1.00 28.35 ? 31  ARG A NH2 1 
ATOM   241  N  N   . LEU A 1 32  ? -2.233  -8.540  -4.480  1.00 9.71  ? 32  LEU A N   1 
ATOM   242  C  CA  . LEU A 1 32  ? -3.318  -7.622  -4.881  1.00 9.88  ? 32  LEU A CA  1 
ATOM   243  C  C   . LEU A 1 32  ? -3.959  -8.014  -6.224  1.00 9.59  ? 32  LEU A C   1 
ATOM   244  O  O   . LEU A 1 32  ? -5.202  -8.137  -6.339  1.00 9.40  ? 32  LEU A O   1 
ATOM   245  C  CB  . LEU A 1 32  ? -2.781  -6.182  -5.013  1.00 9.27  ? 32  LEU A CB  1 
ATOM   246  C  CG  . LEU A 1 32  ? -3.737  -5.112  -5.552  1.00 9.47  ? 32  LEU A CG  1 
ATOM   247  C  CD1 . LEU A 1 32  ? -4.909  -4.837  -4.547  1.00 13.10 ? 32  LEU A CD1 1 
ATOM   248  C  CD2 . LEU A 1 32  ? -2.974  -3.832  -5.760  1.00 11.29 ? 32  LEU A CD2 1 
ATOM   249  N  N   . PHE A 1 33  ? -3.099  -8.205  -7.231  1.00 9.96  ? 33  PHE A N   1 
ATOM   250  C  CA  . PHE A 1 33  ? -3.560  -8.439  -8.600  1.00 10.49 ? 33  PHE A CA  1 
ATOM   251  C  C   . PHE A 1 33  ? -4.225  -9.816  -8.744  1.00 12.08 ? 33  PHE A C   1 
ATOM   252  O  O   . PHE A 1 33  ? -5.180  -9.972  -9.520  1.00 12.84 ? 33  PHE A O   1 
ATOM   253  C  CB  . PHE A 1 33  ? -2.411  -8.305  -9.594  1.00 9.47  ? 33  PHE A CB  1 
ATOM   254  C  CG  . PHE A 1 33  ? -1.869  -6.923  -9.743  1.00 10.13 ? 33  PHE A CG  1 
ATOM   255  C  CD1 . PHE A 1 33  ? -2.654  -5.775  -9.492  1.00 9.99  ? 33  PHE A CD1 1 
ATOM   256  C  CD2 . PHE A 1 33  ? -0.560  -6.759  -10.183 1.00 10.34 ? 33  PHE A CD2 1 
ATOM   257  C  CE1 . PHE A 1 33  ? -2.130  -4.501  -9.694  1.00 10.98 ? 33  PHE A CE1 1 
ATOM   258  C  CE2 . PHE A 1 33  ? -0.021  -5.486  -10.369 1.00 10.36 ? 33  PHE A CE2 1 
ATOM   259  C  CZ  . PHE A 1 33  ? -0.814  -4.361  -10.137 1.00 8.50  ? 33  PHE A CZ  1 
ATOM   260  N  N   . THR A 1 34  ? -3.750  -10.795 -7.971  1.00 12.95 ? 34  THR A N   1 
ATOM   261  C  CA  . THR A 1 34  ? -4.315  -12.151 -8.019  1.00 13.77 ? 34  THR A CA  1 
ATOM   262  C  C   . THR A 1 34  ? -5.564  -12.267 -7.131  1.00 13.78 ? 34  THR A C   1 
ATOM   263  O  O   . THR A 1 34  ? -6.547  -12.945 -7.498  1.00 14.67 ? 34  THR A O   1 
ATOM   264  C  CB  . THR A 1 34  ? -3.249  -13.222 -7.690  1.00 14.17 ? 34  THR A CB  1 
ATOM   265  O  OG1 . THR A 1 34  ? -2.848  -13.109 -6.312  1.00 15.23 ? 34  THR A OG1 1 
ATOM   266  C  CG2 . THR A 1 34  ? -2.041  -13.091 -8.632  1.00 15.37 ? 34  THR A CG2 1 
ATOM   267  N  N   . GLY A 1 35  ? -5.564  -11.583 -5.981  1.00 12.41 ? 35  GLY A N   1 
ATOM   268  C  CA  . GLY A 1 35  ? -6.725  -11.586 -5.101  1.00 12.54 ? 35  GLY A CA  1 
ATOM   269  C  C   . GLY A 1 35  ? -7.882  -10.729 -5.610  1.00 11.87 ? 35  GLY A C   1 
ATOM   270  O  O   . GLY A 1 35  ? -9.043  -10.999 -5.314  1.00 12.28 ? 35  GLY A O   1 
ATOM   271  N  N   . HIS A 1 36  ? -7.564  -9.700  -6.394  1.00 11.53 ? 36  HIS A N   1 
ATOM   272  C  CA  . HIS A 1 36  ? -8.561  -8.745  -6.874  1.00 10.83 ? 36  HIS A CA  1 
ATOM   273  C  C   . HIS A 1 36  ? -8.208  -8.347  -8.312  1.00 10.97 ? 36  HIS A C   1 
ATOM   274  O  O   . HIS A 1 36  ? -7.632  -7.282  -8.534  1.00 10.80 ? 36  HIS A O   1 
ATOM   275  C  CB  . HIS A 1 36  ? -8.575  -7.494  -5.975  1.00 10.54 ? 36  HIS A CB  1 
ATOM   276  C  CG  . HIS A 1 36  ? -8.801  -7.794  -4.528  1.00 11.41 ? 36  HIS A CG  1 
ATOM   277  N  ND1 . HIS A 1 36  ? -10.060 -7.987  -3.993  1.00 14.02 ? 36  HIS A ND1 1 
ATOM   278  C  CD2 . HIS A 1 36  ? -7.925  -7.999  -3.515  1.00 12.25 ? 36  HIS A CD2 1 
ATOM   279  C  CE1 . HIS A 1 36  ? -9.945  -8.282  -2.707  1.00 15.61 ? 36  HIS A CE1 1 
ATOM   280  N  NE2 . HIS A 1 36  ? -8.659  -8.304  -2.395  1.00 15.42 ? 36  HIS A NE2 1 
ATOM   281  N  N   . PRO A 1 37  ? -8.517  -9.222  -9.295  1.00 11.11 ? 37  PRO A N   1 
ATOM   282  C  CA  . PRO A 1 37  ? -8.078  -8.997  -10.697 1.00 10.47 ? 37  PRO A CA  1 
ATOM   283  C  C   . PRO A 1 37  ? -8.565  -7.683  -11.346 1.00 9.36  ? 37  PRO A C   1 
ATOM   284  O  O   . PRO A 1 37  ? -7.934  -7.173  -12.279 1.00 10.30 ? 37  PRO A O   1 
ATOM   285  C  CB  . PRO A 1 37  ? -8.626  -10.240 -11.441 1.00 11.26 ? 37  PRO A CB  1 
ATOM   286  C  CG  . PRO A 1 37  ? -8.755  -11.316 -10.355 1.00 11.30 ? 37  PRO A CG  1 
ATOM   287  C  CD  . PRO A 1 37  ? -9.225  -10.513 -9.130  1.00 11.46 ? 37  PRO A CD  1 
ATOM   288  N  N   . GLU A 1 38  ? -9.655  -7.120  -10.859 1.00 9.31  ? 38  GLU A N   1 
ATOM   289  C  CA  . GLU A 1 38  ? -10.084 -5.790  -11.333 1.00 9.78  ? 38  GLU A CA  1 
ATOM   290  C  C   . GLU A 1 38  ? -9.021  -4.692  -11.111 1.00 11.42 ? 38  GLU A C   1 
ATOM   291  O  O   . GLU A 1 38  ? -8.967  -3.723  -11.866 1.00 12.40 ? 38  GLU A O   1 
ATOM   292  C  CB  . GLU A 1 38  ? -11.428 -5.366  -10.722 1.00 9.95  ? 38  GLU A CB  1 
ATOM   293  C  CG  . GLU A 1 38  ? -11.435 -4.976  -9.224  1.00 9.45  ? 38  GLU A CG  1 
ATOM   294  C  CD  . GLU A 1 38  ? -11.604 -6.162  -8.249  1.00 9.89  ? 38  GLU A CD  1 
ATOM   295  O  OE1 . GLU A 1 38  ? -11.044 -7.247  -8.492  1.00 10.22 ? 38  GLU A OE1 1 
ATOM   296  O  OE2 . GLU A 1 38  ? -12.302 -5.993  -7.227  1.00 10.61 ? 38  GLU A OE2 1 
ATOM   297  N  N   . THR A 1 39  ? -8.176  -4.859  -10.088 1.00 11.23 ? 39  THR A N   1 
ATOM   298  C  CA  . THR A 1 39  ? -7.143  -3.867  -9.785  1.00 10.35 ? 39  THR A CA  1 
ATOM   299  C  C   . THR A 1 39  ? -6.055  -3.813  -10.899 1.00 10.38 ? 39  THR A C   1 
ATOM   300  O  O   . THR A 1 39  ? -5.563  -2.756  -11.230 1.00 10.42 ? 39  THR A O   1 
ATOM   301  C  CB  . THR A 1 39  ? -6.541  -4.070  -8.378  1.00 9.95  ? 39  THR A CB  1 
ATOM   302  O  OG1 . THR A 1 39  ? -5.797  -5.279  -8.328  1.00 9.22  ? 39  THR A OG1 1 
ATOM   303  C  CG2 . THR A 1 39  ? -7.647  -4.061  -7.303  1.00 8.32  ? 39  THR A CG2 1 
ATOM   304  N  N   . LEU A 1 40  ? -5.699  -4.964  -11.450 1.00 10.18 ? 40  LEU A N   1 
ATOM   305  C  CA  . LEU A 1 40  ? -4.728  -5.050  -12.531 1.00 12.25 ? 40  LEU A CA  1 
ATOM   306  C  C   . LEU A 1 40  ? -5.133  -4.188  -13.757 1.00 13.26 ? 40  LEU A C   1 
ATOM   307  O  O   . LEU A 1 40  ? -4.286  -3.615  -14.435 1.00 13.08 ? 40  LEU A O   1 
ATOM   308  C  CB  . LEU A 1 40  ? -4.552  -6.523  -12.924 1.00 13.44 ? 40  LEU A CB  1 
ATOM   309  C  CG  . LEU A 1 40  ? -3.509  -6.898  -13.976 1.00 14.29 ? 40  LEU A CG  1 
ATOM   310  C  CD1 . LEU A 1 40  ? -2.125  -6.633  -13.414 1.00 16.45 ? 40  LEU A CD1 1 
ATOM   311  C  CD2 . LEU A 1 40  ? -3.684  -8.360  -14.336 1.00 15.51 ? 40  LEU A CD2 1 
ATOM   312  N  N   . GLU A 1 41  ? -6.431  -4.100  -14.036 1.00 14.23 ? 41  GLU A N   1 
ATOM   313  C  CA  . GLU A 1 41  ? -6.906  -3.303  -15.182 1.00 15.46 ? 41  GLU A CA  1 
ATOM   314  C  C   . GLU A 1 41  ? -6.565  -1.816  -15.141 1.00 15.32 ? 41  GLU A C   1 
ATOM   315  O  O   . GLU A 1 41  ? -6.523  -1.161  -16.190 1.00 15.91 ? 41  GLU A O   1 
ATOM   316  C  CB  . GLU A 1 41  ? -8.417  -3.497  -15.380 1.00 16.90 ? 41  GLU A CB  1 
ATOM   317  C  CG  . GLU A 1 41  ? -8.787  -4.901  -15.796 1.00 22.05 ? 41  GLU A CG  1 
ATOM   318  C  CD  . GLU A 1 41  ? -7.917  -5.423  -16.946 1.00 28.46 ? 41  GLU A CD  1 
ATOM   319  O  OE1 . GLU A 1 41  ? -8.142  -4.978  -18.089 1.00 30.49 ? 41  GLU A OE1 1 
ATOM   320  O  OE2 . GLU A 1 41  ? -6.991  -6.255  -16.704 1.00 32.35 ? 41  GLU A OE2 1 
ATOM   321  N  N   . LYS A 1 42  ? -6.291  -1.294  -13.950 1.00 14.59 ? 42  LYS A N   1 
ATOM   322  C  CA  . LYS A 1 42  ? -5.921  0.113   -13.762 1.00 15.86 ? 42  LYS A CA  1 
ATOM   323  C  C   . LYS A 1 42  ? -4.488  0.390   -14.202 1.00 16.00 ? 42  LYS A C   1 
ATOM   324  O  O   . LYS A 1 42  ? -4.073  1.553   -14.323 1.00 16.26 ? 42  LYS A O   1 
ATOM   325  C  CB  . LYS A 1 42  ? -6.122  0.532   -12.296 1.00 15.71 ? 42  LYS A CB  1 
ATOM   326  C  CG  . LYS A 1 42  ? -7.575  0.593   -11.894 1.00 18.17 ? 42  LYS A CG  1 
ATOM   327  C  CD  . LYS A 1 42  ? -8.344  1.735   -12.606 1.00 19.31 ? 42  LYS A CD  1 
ATOM   328  C  CE  . LYS A 1 42  ? -9.864  1.528   -12.572 1.00 20.00 ? 42  LYS A CE  1 
ATOM   329  N  NZ  . LYS A 1 42  ? -10.639 2.766   -12.963 1.00 19.07 ? 42  LYS A NZ  1 
ATOM   330  N  N   . PHE A 1 43  ? -3.717  -0.681  -14.409 1.00 15.68 ? 43  PHE A N   1 
ATOM   331  C  CA  . PHE A 1 43  ? -2.337  -0.545  -14.862 1.00 15.52 ? 43  PHE A CA  1 
ATOM   332  C  C   . PHE A 1 43  ? -2.191  -1.063  -16.262 1.00 15.95 ? 43  PHE A C   1 
ATOM   333  O  O   . PHE A 1 43  ? -2.029  -2.287  -16.489 1.00 14.59 ? 43  PHE A O   1 
ATOM   334  C  CB  . PHE A 1 43  ? -1.379  -1.341  -13.971 1.00 16.07 ? 43  PHE A CB  1 
ATOM   335  C  CG  . PHE A 1 43  ? -1.016  -0.649  -12.705 1.00 16.72 ? 43  PHE A CG  1 
ATOM   336  C  CD1 . PHE A 1 43  ? -1.618  -1.026  -11.503 1.00 20.96 ? 43  PHE A CD1 1 
ATOM   337  C  CD2 . PHE A 1 43  ? -0.057  0.338   -12.705 1.00 20.07 ? 43  PHE A CD2 1 
ATOM   338  C  CE1 . PHE A 1 43  ? -1.265  -0.385  -10.303 1.00 21.22 ? 43  PHE A CE1 1 
ATOM   339  C  CE2 . PHE A 1 43  ? 0.312   0.974   -11.515 1.00 22.06 ? 43  PHE A CE2 1 
ATOM   340  C  CZ  . PHE A 1 43  ? -0.307  0.611   -10.330 1.00 18.99 ? 43  PHE A CZ  1 
ATOM   341  N  N   . ASP A 1 44  ? -2.227  -0.126  -17.201 1.00 15.53 ? 44  ASP A N   1 
ATOM   342  C  CA  . ASP A 1 44  ? -2.052  -0.442  -18.596 1.00 16.25 ? 44  ASP A CA  1 
ATOM   343  C  C   . ASP A 1 44  ? -0.777  -1.272  -18.802 1.00 15.17 ? 44  ASP A C   1 
ATOM   344  O  O   . ASP A 1 44  ? -0.775  -2.269  -19.525 1.00 15.18 ? 44  ASP A O   1 
ATOM   345  C  CB  . ASP A 1 44  ? -2.034  0.843   -19.446 1.00 17.66 ? 44  ASP A CB  1 
ATOM   346  C  CG  . ASP A 1 44  ? -3.449  1.381   -19.755 1.00 22.64 ? 44  ASP A CG  1 
ATOM   347  O  OD1 . ASP A 1 44  ? -4.426  0.578   -19.797 1.00 25.57 ? 44  ASP A OD1 1 
ATOM   348  O  OD2 . ASP A 1 44  ? -3.575  2.610   -19.979 1.00 26.85 ? 44  ASP A OD2 1 
ATOM   349  N  N   . LYS A 1 45  ? 0.287   -0.891  -18.118 1.00 14.43 ? 45  LYS A N   1 
ATOM   350  C  CA  . LYS A 1 45  ? 1.580   -1.567  -18.337 1.00 14.24 ? 45  LYS A CA  1 
ATOM   351  C  C   . LYS A 1 45  ? 1.704   -2.927  -17.644 1.00 12.91 ? 45  LYS A C   1 
ATOM   352  O  O   . LYS A 1 45  ? 2.728   -3.616  -17.807 1.00 12.09 ? 45  LYS A O   1 
ATOM   353  C  CB  . LYS A 1 45  ? 2.748   -0.656  -17.923 1.00 14.68 ? 45  LYS A CB  1 
ATOM   354  C  CG  . LYS A 1 45  ? 2.766   -0.314  -16.447 1.00 15.63 ? 45  LYS A CG  1 
ATOM   355  C  CD  . LYS A 1 45  ? 4.034   0.473   -16.107 1.00 20.53 ? 45  LYS A CD  1 
ATOM   356  C  CE  . LYS A 1 45  ? 4.057   0.860   -14.648 1.00 22.11 ? 45  LYS A CE  1 
ATOM   357  N  NZ  . LYS A 1 45  ? 5.381   1.427   -14.238 1.00 24.93 ? 45  LYS A NZ  1 
ATOM   358  N  N   . PHE A 1 46  ? 0.700   -3.313  -16.861 1.00 12.10 ? 46  PHE A N   1 
ATOM   359  C  CA  . PHE A 1 46  ? 0.689   -4.668  -16.258 1.00 12.70 ? 46  PHE A CA  1 
ATOM   360  C  C   . PHE A 1 46  ? -0.399  -5.631  -16.787 1.00 13.66 ? 46  PHE A C   1 
ATOM   361  O  O   . PHE A 1 46  ? -0.396  -6.820  -16.457 1.00 11.68 ? 46  PHE A O   1 
ATOM   362  C  CB  . PHE A 1 46  ? 0.659   -4.592  -14.709 1.00 11.10 ? 46  PHE A CB  1 
ATOM   363  C  CG  . PHE A 1 46  ? 1.846   -3.895  -14.126 1.00 11.36 ? 46  PHE A CG  1 
ATOM   364  C  CD1 . PHE A 1 46  ? 3.128   -4.120  -14.644 1.00 8.81  ? 46  PHE A CD1 1 
ATOM   365  C  CD2 . PHE A 1 46  ? 1.698   -2.978  -13.071 1.00 13.82 ? 46  PHE A CD2 1 
ATOM   366  C  CE1 . PHE A 1 46  ? 4.251   -3.462  -14.115 1.00 11.59 ? 46  PHE A CE1 1 
ATOM   367  C  CE2 . PHE A 1 46  ? 2.811   -2.306  -12.541 1.00 14.38 ? 46  PHE A CE2 1 
ATOM   368  C  CZ  . PHE A 1 46  ? 4.082   -2.544  -13.059 1.00 11.93 ? 46  PHE A CZ  1 
ATOM   369  N  N   . LYS A 1 47  ? -1.294  -5.115  -17.640 1.00 15.07 ? 47  LYS A N   1 
ATOM   370  C  CA  . LYS A 1 47  ? -2.420  -5.870  -18.199 1.00 16.81 ? 47  LYS A CA  1 
ATOM   371  C  C   . LYS A 1 47  ? -2.077  -7.149  -18.952 1.00 17.27 ? 47  LYS A C   1 
ATOM   372  O  O   . LYS A 1 47  ? -2.905  -8.053  -19.056 1.00 17.96 ? 47  LYS A O   1 
ATOM   373  C  CB  . LYS A 1 47  ? -3.202  -4.982  -19.162 0.50 16.76 ? 47  LYS A CB  1 
ATOM   374  C  CG  . LYS A 1 47  ? -4.102  -3.999  -18.504 0.50 17.04 ? 47  LYS A CG  1 
ATOM   375  C  CD  . LYS A 1 47  ? -4.773  -3.182  -19.585 0.50 18.54 ? 47  LYS A CD  1 
ATOM   376  C  CE  . LYS A 1 47  ? -5.815  -2.256  -19.007 0.50 20.80 ? 47  LYS A CE  1 
ATOM   377  N  NZ  . LYS A 1 47  ? -5.178  -1.297  -18.092 0.50 22.60 ? 47  LYS A NZ  1 
ATOM   378  N  N   . HIS A 1 48  ? -0.878  -7.230  -19.508 1.00 17.30 ? 48  HIS A N   1 
ATOM   379  C  CA  . HIS A 1 48  ? -0.498  -8.419  -20.261 1.00 17.43 ? 48  HIS A CA  1 
ATOM   380  C  C   . HIS A 1 48  ? -0.116  -9.607  -19.337 1.00 17.68 ? 48  HIS A C   1 
ATOM   381  O  O   . HIS A 1 48  ? 0.148   -10.724 -19.803 1.00 18.14 ? 48  HIS A O   1 
ATOM   382  C  CB  . HIS A 1 48  ? 0.686   -8.064  -21.140 1.00 18.58 ? 48  HIS A CB  1 
ATOM   383  C  CG  . HIS A 1 48  ? 1.914   -7.672  -20.382 1.00 16.14 ? 48  HIS A CG  1 
ATOM   384  N  ND1 . HIS A 1 48  ? 2.975   -8.533  -20.192 1.00 17.31 ? 48  HIS A ND1 1 
ATOM   385  C  CD2 . HIS A 1 48  ? 2.266   -6.506  -19.790 1.00 15.58 ? 48  HIS A CD2 1 
ATOM   386  C  CE1 . HIS A 1 48  ? 3.923   -7.913  -19.517 1.00 14.63 ? 48  HIS A CE1 1 
ATOM   387  N  NE2 . HIS A 1 48  ? 3.522   -6.684  -19.269 1.00 17.31 ? 48  HIS A NE2 1 
ATOM   388  N  N   . LEU A 1 49  ? -0.025  -9.341  -18.030 1.00 16.77 ? 49  LEU A N   1 
ATOM   389  C  CA  . LEU A 1 49  ? 0.425   -10.352 -17.066 1.00 16.34 ? 49  LEU A CA  1 
ATOM   390  C  C   . LEU A 1 49  ? -0.757  -11.230 -16.659 1.00 16.98 ? 49  LEU A C   1 
ATOM   391  O  O   . LEU A 1 49  ? -1.676  -10.777 -15.976 1.00 17.68 ? 49  LEU A O   1 
ATOM   392  C  CB  . LEU A 1 49  ? 1.098   -9.687  -15.838 1.00 15.60 ? 49  LEU A CB  1 
ATOM   393  C  CG  . LEU A 1 49  ? 2.387   -8.900  -16.132 1.00 14.22 ? 49  LEU A CG  1 
ATOM   394  C  CD1 . LEU A 1 49  ? 2.897   -8.160  -14.900 1.00 13.83 ? 49  LEU A CD1 1 
ATOM   395  C  CD2 . LEU A 1 49  ? 3.500   -9.811  -16.677 1.00 14.11 ? 49  LEU A CD2 1 
ATOM   396  N  N   . LYS A 1 50  ? -0.727  -12.495 -17.055 1.00 16.59 ? 50  LYS A N   1 
ATOM   397  C  CA  . LYS A 1 50  ? -1.908  -13.322 -16.907 1.00 17.92 ? 50  LYS A CA  1 
ATOM   398  C  C   . LYS A 1 50  ? -1.742  -14.387 -15.812 1.00 17.33 ? 50  LYS A C   1 
ATOM   399  O  O   . LYS A 1 50  ? -2.743  -14.957 -15.355 1.00 19.71 ? 50  LYS A O   1 
ATOM   400  C  CB  . LYS A 1 50  ? -2.255  -14.018 -18.238 1.00 18.30 ? 50  LYS A CB  1 
ATOM   401  C  CG  . LYS A 1 50  ? -2.284  -13.125 -19.512 1.00 23.05 ? 50  LYS A CG  1 
ATOM   402  C  CD  . LYS A 1 50  ? -3.120  -11.839 -19.403 1.00 26.88 ? 50  LYS A CD  1 
ATOM   403  C  CE  . LYS A 1 50  ? -3.442  -11.231 -20.792 1.00 28.33 ? 50  LYS A CE  1 
ATOM   404  N  NZ  . LYS A 1 50  ? -2.283  -11.316 -21.783 1.00 29.62 ? 50  LYS A NZ  1 
ATOM   405  N  N   . THR A 1 51  ? -0.507  -14.697 -15.443 1.00 15.17 ? 51  THR A N   1 
ATOM   406  C  CA  . THR A 1 51  ? -0.247  -15.744 -14.443 1.00 13.01 ? 51  THR A CA  1 
ATOM   407  C  C   . THR A 1 51  ? 0.627   -15.216 -13.323 1.00 11.92 ? 51  THR A C   1 
ATOM   408  O  O   . THR A 1 51  ? 1.345   -14.223 -13.490 1.00 12.09 ? 51  THR A O   1 
ATOM   409  C  CB  . THR A 1 51  ? 0.482   -16.963 -15.061 1.00 12.87 ? 51  THR A CB  1 
ATOM   410  O  OG1 . THR A 1 51  ? 1.819   -16.594 -15.444 1.00 11.69 ? 51  THR A OG1 1 
ATOM   411  C  CG2 . THR A 1 51  ? -0.277  -17.530 -16.280 1.00 13.68 ? 51  THR A CG2 1 
ATOM   412  N  N   . GLU A 1 52  ? 0.629   -15.895 -12.185 1.00 10.14 ? 52  GLU A N   1 
ATOM   413  C  CA  . GLU A 1 52  ? 1.511   -15.405 -11.139 1.00 10.13 ? 52  GLU A CA  1 
ATOM   414  C  C   . GLU A 1 52  ? 2.982   -15.545 -11.570 1.00 9.02  ? 52  GLU A C   1 
ATOM   415  O  O   . GLU A 1 52  ? 3.774   -14.683 -11.250 1.00 8.61  ? 52  GLU A O   1 
ATOM   416  C  CB  . GLU A 1 52  ? 1.210   -16.041 -9.780  1.00 11.34 ? 52  GLU A CB  1 
ATOM   417  C  CG  . GLU A 1 52  ? 2.286   -15.817 -8.742  1.00 11.27 ? 52  GLU A CG  1 
ATOM   418  C  CD  . GLU A 1 52  ? 1.873   -16.335 -7.372  1.00 16.81 ? 52  GLU A CD  1 
ATOM   419  O  OE1 . GLU A 1 52  ? 0.799   -16.954 -7.273  1.00 18.08 ? 52  GLU A OE1 1 
ATOM   420  O  OE2 . GLU A 1 52  ? 2.629   -16.095 -6.411  1.00 18.13 ? 52  GLU A OE2 1 
ATOM   421  N  N   . ALA A 1 53  ? 3.326   -16.605 -12.314 1.00 10.53 ? 53  ALA A N   1 
ATOM   422  C  CA  . ALA A 1 53  ? 4.691   -16.760 -12.866 1.00 9.82  ? 53  ALA A CA  1 
ATOM   423  C  C   . ALA A 1 53  ? 5.109   -15.550 -13.727 1.00 10.12 ? 53  ALA A C   1 
ATOM   424  O  O   . ALA A 1 53  ? 6.216   -15.064 -13.581 1.00 10.08 ? 53  ALA A O   1 
ATOM   425  C  CB  . ALA A 1 53  ? 4.829   -18.043 -13.668 1.00 10.66 ? 53  ALA A CB  1 
ATOM   426  N  N   . GLU A 1 54  ? 4.219   -15.101 -14.607 1.00 9.24  ? 54  GLU A N   1 
ATOM   427  C  CA  . GLU A 1 54  ? 4.479   -13.921 -15.443 1.00 9.33  ? 54  GLU A CA  1 
ATOM   428  C  C   . GLU A 1 54  ? 4.711   -12.674 -14.608 1.00 8.50  ? 54  GLU A C   1 
ATOM   429  O  O   . GLU A 1 54  ? 5.657   -11.894 -14.860 1.00 8.93  ? 54  GLU A O   1 
ATOM   430  C  CB  . GLU A 1 54  ? 3.347   -13.739 -16.435 1.00 9.95  ? 54  GLU A CB  1 
ATOM   431  C  CG  . GLU A 1 54  ? 3.374   -14.783 -17.599 1.00 12.13 ? 54  GLU A CG  1 
ATOM   432  C  CD  . GLU A 1 54  ? 2.160   -14.699 -18.477 1.00 17.86 ? 54  GLU A CD  1 
ATOM   433  O  OE1 . GLU A 1 54  ? 1.259   -13.867 -18.172 1.00 18.53 ? 54  GLU A OE1 1 
ATOM   434  O  OE2 . GLU A 1 54  ? 2.111   -15.459 -19.484 1.00 16.43 ? 54  GLU A OE2 1 
ATOM   435  N  N   . MET A 1 55  ? 3.886   -12.497 -13.575 1.00 8.81  ? 55  MET A N   1 
ATOM   436  C  CA  . MET A 1 55  ? 4.062   -11.371 -12.661 1.00 7.83  ? 55  MET A CA  1 
ATOM   437  C  C   . MET A 1 55  ? 5.401   -11.442 -11.959 1.00 8.26  ? 55  MET A C   1 
ATOM   438  O  O   . MET A 1 55  ? 6.081   -10.439 -11.849 1.00 9.03  ? 55  MET A O   1 
ATOM   439  C  CB  . MET A 1 55  ? 2.935   -11.376 -11.638 1.00 7.52  ? 55  MET A CB  1 
ATOM   440  C  CG  . MET A 1 55  ? 1.551   -11.149 -12.255 1.00 8.02  ? 55  MET A CG  1 
ATOM   441  S  SD  . MET A 1 55  ? 0.271   -11.129 -10.961 1.00 9.37  ? 55  MET A SD  1 
ATOM   442  C  CE  . MET A 1 55  ? -1.201  -11.244 -11.977 1.00 10.24 ? 55  MET A CE  1 
ATOM   443  N  N   . LYS A 1 56  ? 5.753   -12.633 -11.451 1.00 8.08  ? 56  LYS A N   1 
ATOM   444  C  CA  . LYS A 1 56  ? 6.995   -12.852 -10.685 1.00 10.11 ? 56  LYS A CA  1 
ATOM   445  C  C   . LYS A 1 56  ? 8.230   -12.589 -11.557 1.00 9.30  ? 56  LYS A C   1 
ATOM   446  O  O   . LYS A 1 56  ? 9.271   -12.109 -11.045 1.00 10.19 ? 56  LYS A O   1 
ATOM   447  C  CB  . LYS A 1 56  ? 7.070   -14.291 -10.166 1.00 10.11 ? 56  LYS A CB  1 
ATOM   448  C  CG  . LYS A 1 56  ? 6.275   -14.548 -8.889  1.00 16.49 ? 56  LYS A CG  1 
ATOM   449  C  CD  . LYS A 1 56  ? 6.932   -15.622 -8.027  1.00 22.23 ? 56  LYS A CD  1 
ATOM   450  C  CE  . LYS A 1 56  ? 6.538   -15.510 -6.540  1.00 26.85 ? 56  LYS A CE  1 
ATOM   451  N  NZ  . LYS A 1 56  ? 5.062   -15.386 -6.365  1.00 27.02 ? 56  LYS A NZ  1 
ATOM   452  N  N   . ALA A 1 57  ? 8.099   -12.886 -12.854 1.00 8.57  ? 57  ALA A N   1 
ATOM   453  C  CA  . ALA A 1 57  ? 9.153   -12.649 -13.863 1.00 8.89  ? 57  ALA A CA  1 
ATOM   454  C  C   . ALA A 1 57  ? 9.298   -11.186 -14.357 1.00 9.46  ? 57  ALA A C   1 
ATOM   455  O  O   . ALA A 1 57  ? 10.291  -10.829 -15.015 1.00 9.24  ? 57  ALA A O   1 
ATOM   456  C  CB  . ALA A 1 57  ? 8.981   -13.607 -15.058 1.00 9.14  ? 57  ALA A CB  1 
ATOM   457  N  N   . SER A 1 58  ? 8.298   -10.356 -14.070 1.00 7.69  ? 58  SER A N   1 
ATOM   458  C  CA  . SER A 1 58  ? 8.282   -8.976  -14.563 1.00 8.50  ? 58  SER A CA  1 
ATOM   459  C  C   . SER A 1 58  ? 9.177   -8.046  -13.731 1.00 7.50  ? 58  SER A C   1 
ATOM   460  O  O   . SER A 1 58  ? 8.843   -7.707  -12.609 1.00 6.42  ? 58  SER A O   1 
ATOM   461  C  CB  . SER A 1 58  ? 6.852   -8.406  -14.607 1.00 7.40  ? 58  SER A CB  1 
ATOM   462  O  OG  . SER A 1 58  ? 6.913   -7.010  -14.969 1.00 7.44  ? 58  SER A OG  1 
ATOM   463  N  N   . GLU A 1 59  ? 10.296  -7.610  -14.304 1.00 7.64  ? 59  GLU A N   1 
ATOM   464  C  CA  . GLU A 1 59  ? 11.184  -6.657  -13.612 1.00 8.74  ? 59  GLU A CA  1 
ATOM   465  C  C   . GLU A 1 59  ? 10.515  -5.312  -13.429 1.00 8.37  ? 59  GLU A C   1 
ATOM   466  O  O   . GLU A 1 59  ? 10.709  -4.656  -12.411 1.00 8.06  ? 59  GLU A O   1 
ATOM   467  C  CB  . GLU A 1 59  ? 12.515  -6.483  -14.342 1.00 8.94  ? 59  GLU A CB  1 
ATOM   468  C  CG  . GLU A 1 59  ? 13.556  -5.666  -13.578 1.00 11.36 ? 59  GLU A CG  1 
ATOM   469  C  CD  . GLU A 1 59  ? 14.049  -6.307  -12.281 1.00 14.69 ? 59  GLU A CD  1 
ATOM   470  O  OE1 . GLU A 1 59  ? 14.772  -5.615  -11.539 1.00 16.82 ? 59  GLU A OE1 1 
ATOM   471  O  OE2 . GLU A 1 59  ? 13.738  -7.485  -12.003 1.00 14.43 ? 59  GLU A OE2 1 
ATOM   472  N  N   . ASP A 1 60  ? 9.721   -4.906  -14.412 1.00 9.33  ? 60  ASP A N   1 
ATOM   473  C  CA  . ASP A 1 60  ? 8.988   -3.656  -14.252 1.00 9.75  ? 60  ASP A CA  1 
ATOM   474  C  C   . ASP A 1 60  ? 7.969   -3.711  -13.105 1.00 9.10  ? 60  ASP A C   1 
ATOM   475  O  O   . ASP A 1 60  ? 7.776   -2.713  -12.414 1.00 8.02  ? 60  ASP A O   1 
ATOM   476  C  CB  . ASP A 1 60  ? 8.325   -3.227  -15.542 1.00 10.88 ? 60  ASP A CB  1 
ATOM   477  C  CG  . ASP A 1 60  ? 7.929   -1.757  -15.516 1.00 15.67 ? 60  ASP A CG  1 
ATOM   478  O  OD1 . ASP A 1 60  ? 8.811   -0.895  -15.307 1.00 17.59 ? 60  ASP A OD1 1 
ATOM   479  O  OD2 . ASP A 1 60  ? 6.730   -1.472  -15.684 1.00 19.07 ? 60  ASP A OD2 1 
ATOM   480  N  N   . LEU A 1 61  ? 7.329   -4.864  -12.900 1.00 7.81  ? 61  LEU A N   1 
ATOM   481  C  CA  . LEU A 1 61  ? 6.395   -4.994  -11.791 1.00 8.72  ? 61  LEU A CA  1 
ATOM   482  C  C   . LEU A 1 61  ? 7.196   -4.878  -10.468 1.00 8.67  ? 61  LEU A C   1 
ATOM   483  O  O   . LEU A 1 61  ? 6.776   -4.177  -9.553  1.00 8.03  ? 61  LEU A O   1 
ATOM   484  C  CB  . LEU A 1 61  ? 5.620   -6.304  -11.858 1.00 8.93  ? 61  LEU A CB  1 
ATOM   485  C  CG  . LEU A 1 61  ? 4.540   -6.563  -10.790 1.00 8.93  ? 61  LEU A CG  1 
ATOM   486  C  CD1 . LEU A 1 61  ? 3.457   -7.508  -11.321 1.00 14.80 ? 61  LEU A CD1 1 
ATOM   487  C  CD2 . LEU A 1 61  ? 5.162   -7.139  -9.522  1.00 14.23 ? 61  LEU A CD2 1 
ATOM   488  N  N   . LYS A 1 62  ? 8.335   -5.568  -10.376 1.00 8.10  ? 62  LYS A N   1 
ATOM   489  C  CA  . LYS A 1 62  ? 9.191   -5.461  -9.179  1.00 9.34  ? 62  LYS A CA  1 
ATOM   490  C  C   . LYS A 1 62  ? 9.643   -4.019  -8.929  1.00 9.01  ? 62  LYS A C   1 
ATOM   491  O  O   . LYS A 1 62  ? 9.561   -3.534  -7.790  1.00 8.32  ? 62  LYS A O   1 
ATOM   492  C  CB  . LYS A 1 62  ? 10.387  -6.425  -9.302  1.00 9.75  ? 62  LYS A CB  1 
ATOM   493  C  CG  . LYS A 1 62  ? 11.231  -6.607  -8.021  1.00 12.55 ? 62  LYS A CG  1 
ATOM   494  C  CD  . LYS A 1 62  ? 12.391  -7.583  -8.308  1.00 13.71 ? 62  LYS A CD  1 
ATOM   495  C  CE  . LYS A 1 62  ? 13.369  -7.597  -7.161  1.00 15.99 ? 62  LYS A CE  1 
ATOM   496  N  NZ  . LYS A 1 62  ? 14.444  -8.596  -7.422  1.00 15.51 ? 62  LYS A NZ  1 
ATOM   497  N  N   . LYS A 1 63  ? 10.086  -3.338  -9.993  1.00 9.15  ? 63  LYS A N   1 
ATOM   498  C  CA  . LYS A 1 63  ? 10.490  -1.918  -9.920  1.00 10.45 ? 63  LYS A CA  1 
ATOM   499  C  C   . LYS A 1 63  ? 9.328   -1.062  -9.374  1.00 10.53 ? 63  LYS A C   1 
ATOM   500  O  O   . LYS A 1 63  ? 9.526   -0.230  -8.470  1.00 8.80  ? 63  LYS A O   1 
ATOM   501  C  CB  . LYS A 1 63  ? 10.918  -1.388  -11.295 1.00 11.33 ? 63  LYS A CB  1 
ATOM   502  C  CG  . LYS A 1 63  ? 11.488  0.041   -11.262 1.00 14.46 ? 63  LYS A CG  1 
ATOM   503  C  CD  . LYS A 1 63  ? 12.440  0.307   -12.447 1.00 19.76 ? 63  LYS A CD  1 
ATOM   504  C  CE  . LYS A 1 63  ? 11.725  0.869   -13.657 1.00 25.09 ? 63  LYS A CE  1 
ATOM   505  N  NZ  . LYS A 1 63  ? 12.667  1.727   -14.464 1.00 26.47 ? 63  LYS A NZ  1 
ATOM   506  N  N   . HIS A 1 64  ? 8.146   -1.277  -9.930  1.00 10.29 ? 64  HIS A N   1 
ATOM   507  C  CA  . HIS A 1 64  ? 6.973   -0.561  -9.444  1.00 10.64 ? 64  HIS A CA  1 
ATOM   508  C  C   . HIS A 1 64  ? 6.617   -0.875  -7.988  1.00 10.94 ? 64  HIS A C   1 
ATOM   509  O  O   . HIS A 1 64  ? 6.214   0.014   -7.235  1.00 11.55 ? 64  HIS A O   1 
ATOM   510  C  CB  . HIS A 1 64  ? 5.767   -0.773  -10.319 1.00 10.55 ? 64  HIS A CB  1 
ATOM   511  C  CG  . HIS A 1 64  ? 4.671   0.176   -9.977  1.00 11.06 ? 64  HIS A CG  1 
ATOM   512  N  ND1 . HIS A 1 64  ? 4.740   1.519   -10.304 1.00 12.10 ? 64  HIS A ND1 1 
ATOM   513  C  CD2 . HIS A 1 64  ? 3.575   0.029   -9.201  1.00 11.73 ? 64  HIS A CD2 1 
ATOM   514  C  CE1 . HIS A 1 64  ? 3.684   2.142   -9.812  1.00 13.82 ? 64  HIS A CE1 1 
ATOM   515  N  NE2 . HIS A 1 64  ? 2.957   1.259   -9.146  1.00 11.92 ? 64  HIS A NE2 1 
ATOM   516  N  N   . GLY A 1 65  ? 6.745   -2.135  -7.590  1.00 10.66 ? 65  GLY A N   1 
ATOM   517  C  CA  . GLY A 1 65  ? 6.620   -2.479  -6.177  1.00 10.51 ? 65  GLY A CA  1 
ATOM   518  C  C   . GLY A 1 65  ? 7.529   -1.607  -5.306  1.00 10.99 ? 65  GLY A C   1 
ATOM   519  O  O   . GLY A 1 65  ? 7.105   -1.070  -4.277  1.00 10.55 ? 65  GLY A O   1 
ATOM   520  N  N   . THR A 1 66  ? 8.779   -1.452  -5.728  1.00 9.94  ? 66  THR A N   1 
ATOM   521  C  CA  . THR A 1 66  ? 9.686   -0.594  -5.022  1.00 10.40 ? 66  THR A CA  1 
ATOM   522  C  C   . THR A 1 66  ? 9.174   0.853   -4.948  1.00 9.04  ? 66  THR A C   1 
ATOM   523  O  O   . THR A 1 66  ? 9.207   1.459   -3.888  1.00 7.77  ? 66  THR A O   1 
ATOM   524  C  CB  . THR A 1 66  ? 11.099  -0.604  -5.636  1.00 10.87 ? 66  THR A CB  1 
ATOM   525  O  OG1 . THR A 1 66  ? 11.568  -1.948  -5.654  1.00 15.23 ? 66  THR A OG1 1 
ATOM   526  C  CG2 . THR A 1 66  ? 12.045  0.211   -4.782  1.00 12.64 ? 66  THR A CG2 1 
ATOM   527  N  N   . VAL A 1 67  ? 8.697   1.371   -6.068  1.00 8.28  ? 67  VAL A N   1 
ATOM   528  C  CA  . VAL A 1 67  ? 8.168   2.733   -6.116  1.00 8.62  ? 67  VAL A CA  1 
ATOM   529  C  C   . VAL A 1 67  ? 7.010   2.934   -5.100  1.00 7.52  ? 67  VAL A C   1 
ATOM   530  O  O   . VAL A 1 67  ? 7.022   3.882   -4.273  1.00 6.83  ? 67  VAL A O   1 
ATOM   531  C  CB  . VAL A 1 67  ? 7.720   3.110   -7.526  1.00 8.85  ? 67  VAL A CB  1 
ATOM   532  C  CG1 . VAL A 1 67  ? 6.999   4.471   -7.491  1.00 11.33 ? 67  VAL A CG1 1 
ATOM   533  C  CG2 . VAL A 1 67  ? 8.975   3.187   -8.470  1.00 10.31 ? 67  VAL A CG2 1 
ATOM   534  N  N   . VAL A 1 68  ? 6.037   2.038   -5.155  1.00 6.87  ? 68  VAL A N   1 
ATOM   535  C  CA  . VAL A 1 68  ? 4.824   2.225   -4.330  1.00 6.66  ? 68  VAL A CA  1 
ATOM   536  C  C   . VAL A 1 68  ? 5.119   2.081   -2.815  1.00 5.94  ? 68  VAL A C   1 
ATOM   537  O  O   . VAL A 1 68  ? 4.675   2.910   -1.985  1.00 4.45  ? 68  VAL A O   1 
ATOM   538  C  CB  . VAL A 1 68  ? 3.614   1.349   -4.788  1.00 6.53  ? 68  VAL A CB  1 
ATOM   539  C  CG1 . VAL A 1 68  ? 3.886   -0.179  -4.639  1.00 8.21  ? 68  VAL A CG1 1 
ATOM   540  C  CG2 . VAL A 1 68  ? 2.384   1.795   -3.949  1.00 7.79  ? 68  VAL A CG2 1 
ATOM   541  N  N   . LEU A 1 69  ? 5.887   1.055   -2.449  1.00 6.73  ? 69  LEU A N   1 
ATOM   542  C  CA  . LEU A 1 69  ? 6.203   0.886   -1.028  1.00 7.23  ? 69  LEU A CA  1 
ATOM   543  C  C   . LEU A 1 69  ? 7.134   1.988   -0.511  1.00 7.21  ? 69  LEU A C   1 
ATOM   544  O  O   . LEU A 1 69  ? 7.071   2.334   0.661   1.00 6.70  ? 69  LEU A O   1 
ATOM   545  C  CB  . LEU A 1 69  ? 6.769   -0.507  -0.745  1.00 6.95  ? 69  LEU A CB  1 
ATOM   546  C  CG  . LEU A 1 69  ? 5.784   -1.626  -1.087  1.00 5.52  ? 69  LEU A CG  1 
ATOM   547  C  CD1 . LEU A 1 69  ? 6.253   -2.957  -0.407  1.00 7.11  ? 69  LEU A CD1 1 
ATOM   548  C  CD2 . LEU A 1 69  ? 4.343   -1.259  -0.674  1.00 7.31  ? 69  LEU A CD2 1 
ATOM   549  N  N   . THR A 1 70  ? 8.022   2.493   -1.376  1.00 7.98  ? 70  THR A N   1 
ATOM   550  C  CA  . THR A 1 70  ? 8.889   3.588   -0.961  1.00 9.31  ? 70  THR A CA  1 
ATOM   551  C  C   . THR A 1 70  ? 8.027   4.841   -0.671  1.00 9.12  ? 70  THR A C   1 
ATOM   552  O  O   . THR A 1 70  ? 8.213   5.502   0.362   1.00 9.06  ? 70  THR A O   1 
ATOM   553  C  CB  . THR A 1 70  ? 10.008  3.878   -1.980  1.00 9.46  ? 70  THR A CB  1 
ATOM   554  O  OG1 . THR A 1 70  ? 10.898  2.750   -2.016  1.00 8.91  ? 70  THR A OG1 1 
ATOM   555  C  CG2 . THR A 1 70  ? 10.806  5.120   -1.564  1.00 11.75 ? 70  THR A CG2 1 
ATOM   556  N  N   . ALA A 1 71  ? 7.048   5.112   -1.528  1.00 8.32  ? 71  ALA A N   1 
ATOM   557  C  CA  . ALA A 1 71  ? 6.120   6.237   -1.297  1.00 8.54  ? 71  ALA A CA  1 
ATOM   558  C  C   . ALA A 1 71  ? 5.339   6.018   0.027   1.00 7.76  ? 71  ALA A C   1 
ATOM   559  O  O   . ALA A 1 71  ? 5.181   6.938   0.859   1.00 7.20  ? 71  ALA A O   1 
ATOM   560  C  CB  . ALA A 1 71  ? 5.155   6.396   -2.510  1.00 8.97  ? 71  ALA A CB  1 
ATOM   561  N  N   . LEU A 1 72  ? 4.891   4.796   0.249   1.00 7.48  ? 72  LEU A N   1 
ATOM   562  C  CA  . LEU A 1 72  ? 4.100   4.538   1.437   1.00 7.95  ? 72  LEU A CA  1 
ATOM   563  C  C   . LEU A 1 72  ? 4.994   4.718   2.682   1.00 7.62  ? 72  LEU A C   1 
ATOM   564  O  O   . LEU A 1 72  ? 4.542   5.213   3.686   1.00 6.84  ? 72  LEU A O   1 
ATOM   565  C  CB  . LEU A 1 72  ? 3.504   3.141   1.394   1.00 7.65  ? 72  LEU A CB  1 
ATOM   566  C  CG  . LEU A 1 72  ? 2.675   2.724   2.619   1.00 7.56  ? 72  LEU A CG  1 
ATOM   567  C  CD1 . LEU A 1 72  ? 1.485   3.646   2.897   1.00 8.45  ? 72  LEU A CD1 1 
ATOM   568  C  CD2 . LEU A 1 72  ? 2.198   1.268   2.414   1.00 7.99  ? 72  LEU A CD2 1 
ATOM   569  N  N   . GLY A 1 73  ? 6.259   4.294   2.586   1.00 8.49  ? 73  GLY A N   1 
ATOM   570  C  CA  . GLY A 1 73  ? 7.210   4.402   3.687   1.00 7.77  ? 73  GLY A CA  1 
ATOM   571  C  C   . GLY A 1 73  ? 7.376   5.840   4.137   1.00 8.59  ? 73  GLY A C   1 
ATOM   572  O  O   . GLY A 1 73  ? 7.384   6.151   5.338   1.00 7.02  ? 73  GLY A O   1 
ATOM   573  N  N   . GLY A 1 74  ? 7.503   6.738   3.167   1.00 8.48  ? 74  GLY A N   1 
ATOM   574  C  CA  . GLY A 1 74  ? 7.638   8.151   3.478   1.00 9.39  ? 74  GLY A CA  1 
ATOM   575  C  C   . GLY A 1 74  ? 6.389   8.683   4.191   1.00 9.25  ? 74  GLY A C   1 
ATOM   576  O  O   . GLY A 1 74  ? 6.488   9.535   5.094   1.00 10.70 ? 74  GLY A O   1 
ATOM   577  N  N   . ILE A 1 75  ? 5.224   8.206   3.770   1.00 8.27  ? 75  ILE A N   1 
ATOM   578  C  CA  . ILE A 1 75  ? 3.958   8.606   4.390   1.00 8.96  ? 75  ILE A CA  1 
ATOM   579  C  C   . ILE A 1 75  ? 3.880   8.096   5.839   1.00 7.67  ? 75  ILE A C   1 
ATOM   580  O  O   . ILE A 1 75  ? 3.568   8.857   6.770   1.00 8.38  ? 75  ILE A O   1 
ATOM   581  C  CB  . ILE A 1 75  ? 2.726   8.111   3.556   1.00 8.76  ? 75  ILE A CB  1 
ATOM   582  C  CG1 . ILE A 1 75  ? 2.629   8.939   2.257   1.00 12.85 ? 75  ILE A CG1 1 
ATOM   583  C  CG2 . ILE A 1 75  ? 1.422   8.230   4.382   1.00 9.89  ? 75  ILE A CG2 1 
ATOM   584  C  CD1 . ILE A 1 75  ? 1.857   8.212   1.171   1.00 17.49 ? 75  ILE A CD1 1 
ATOM   585  N  N   . LEU A 1 76  ? 4.150   6.810   6.023   1.00 7.41  ? 76  LEU A N   1 
ATOM   586  C  CA  . LEU A 1 76  ? 4.131   6.210   7.366   1.00 7.45  ? 76  LEU A CA  1 
ATOM   587  C  C   . LEU A 1 76  ? 5.057   6.948   8.345   1.00 7.95  ? 76  LEU A C   1 
ATOM   588  O  O   . LEU A 1 76  ? 4.716   7.160   9.486   1.00 8.66  ? 76  LEU A O   1 
ATOM   589  C  CB  . LEU A 1 76  ? 4.492   4.739   7.310   1.00 7.41  ? 76  LEU A CB  1 
ATOM   590  C  CG  . LEU A 1 76  ? 3.419   3.841   6.646   1.00 6.72  ? 76  LEU A CG  1 
ATOM   591  C  CD1 . LEU A 1 76  ? 3.928   2.437   6.626   1.00 8.29  ? 76  LEU A CD1 1 
ATOM   592  C  CD2 . LEU A 1 76  ? 2.061   3.936   7.345   1.00 6.64  ? 76  LEU A CD2 1 
ATOM   593  N  N   . LYS A 1 77  ? 6.226   7.334   7.864   1.00 8.56  ? 77  LYS A N   1 
ATOM   594  C  CA  . LYS A 1 77  ? 7.217   8.017   8.670   1.00 9.47  ? 77  LYS A CA  1 
ATOM   595  C  C   . LYS A 1 77  ? 6.791   9.445   9.087   1.00 10.14 ? 77  LYS A C   1 
ATOM   596  O  O   . LYS A 1 77  ? 7.366   10.008  10.036  1.00 11.31 ? 77  LYS A O   1 
ATOM   597  C  CB  . LYS A 1 77  ? 8.566   8.009   7.943   1.00 10.13 ? 77  LYS A CB  1 
ATOM   598  C  CG  . LYS A 1 77  ? 9.241   6.629   7.962   1.00 9.83  ? 77  LYS A CG  1 
ATOM   599  C  CD  . LYS A 1 77  ? 10.455  6.586   7.002   1.00 11.14 ? 77  LYS A CD  1 
ATOM   600  C  CE  . LYS A 1 77  ? 10.853  5.162   6.652   1.00 12.72 ? 77  LYS A CE  1 
ATOM   601  N  NZ  . LYS A 1 77  ? 12.043  5.208   5.786   1.00 14.75 ? 77  LYS A NZ  1 
ATOM   602  N  N   . LYS A 1 78  ? 5.769   10.012  8.424   1.00 9.10  ? 78  LYS A N   1 
ATOM   603  C  CA  . LYS A 1 78  ? 5.159   11.276  8.867   1.00 9.44  ? 78  LYS A CA  1 
ATOM   604  C  C   . LYS A 1 78  ? 4.214   11.108  10.070  1.00 9.41  ? 78  LYS A C   1 
ATOM   605  O  O   . LYS A 1 78  ? 3.730   12.107  10.632  1.00 9.16  ? 78  LYS A O   1 
ATOM   606  C  CB  . LYS A 1 78  ? 4.348   11.926  7.727   1.00 9.81  ? 78  LYS A CB  1 
ATOM   607  C  CG  . LYS A 1 78  ? 5.143   12.227  6.432   1.00 13.49 ? 78  LYS A CG  1 
ATOM   608  C  CD  . LYS A 1 78  ? 6.317   13.171  6.677   1.00 20.66 ? 78  LYS A CD  1 
ATOM   609  C  CE  . LYS A 1 78  ? 7.231   13.282  5.446   1.00 25.71 ? 78  LYS A CE  1 
ATOM   610  N  NZ  . LYS A 1 78  ? 6.994   14.397  4.503   1.00 29.88 ? 78  LYS A NZ  1 
ATOM   611  N  N   . LYS A 1 79  ? 3.921   9.857   10.431  1.00 8.25  ? 79  LYS A N   1 
ATOM   612  C  CA  . LYS A 1 79  ? 3.033   9.540   11.565  1.00 9.84  ? 79  LYS A CA  1 
ATOM   613  C  C   . LYS A 1 79  ? 1.786   10.431  11.559  1.00 11.24 ? 79  LYS A C   1 
ATOM   614  O  O   . LYS A 1 79  ? 1.449   11.104  12.570  1.00 11.75 ? 79  LYS A O   1 
ATOM   615  C  CB  . LYS A 1 79  ? 3.802   9.620   12.914  1.00 9.58  ? 79  LYS A CB  1 
ATOM   616  C  CG  . LYS A 1 79  ? 5.081   8.749   12.930  1.00 8.91  ? 79  LYS A CG  1 
ATOM   617  C  CD  . LYS A 1 79  ? 5.737   8.739   14.321  1.00 10.61 ? 79  LYS A CD  1 
ATOM   618  C  CE  . LYS A 1 79  ? 6.230   10.121  14.778  1.00 11.00 ? 79  LYS A CE  1 
ATOM   619  N  NZ  . LYS A 1 79  ? 7.007   9.952   16.066  1.00 12.32 ? 79  LYS A NZ  1 
ATOM   620  N  N   . GLY A 1 80  ? 1.101   10.408  10.412  1.00 10.67 ? 80  GLY A N   1 
ATOM   621  C  CA  . GLY A 1 80  ? -0.158  11.132  10.232  1.00 11.97 ? 80  GLY A CA  1 
ATOM   622  C  C   . GLY A 1 80  ? -0.072  12.574  9.763   1.00 12.62 ? 80  GLY A C   1 
ATOM   623  O  O   . GLY A 1 80  ? -1.088  13.147  9.324   1.00 12.14 ? 80  GLY A O   1 
ATOM   624  N  N   . HIS A 1 81  ? 1.125   13.162  9.832   1.00 12.47 ? 81  HIS A N   1 
ATOM   625  C  CA  . HIS A 1 81  ? 1.354   14.528  9.349   1.00 13.71 ? 81  HIS A CA  1 
ATOM   626  C  C   . HIS A 1 81  ? 1.751   14.514  7.890   1.00 13.39 ? 81  HIS A C   1 
ATOM   627  O  O   . HIS A 1 81  ? 2.879   14.909  7.551   1.00 13.08 ? 81  HIS A O   1 
ATOM   628  C  CB  . HIS A 1 81  ? 2.485   15.191  10.139  1.00 14.54 ? 81  HIS A CB  1 
ATOM   629  C  CG  . HIS A 1 81  ? 2.148   15.444  11.564  1.00 17.99 ? 81  HIS A CG  1 
ATOM   630  N  ND1 . HIS A 1 81  ? 2.650   14.675  12.588  1.00 23.98 ? 81  HIS A ND1 1 
ATOM   631  C  CD2 . HIS A 1 81  ? 1.372   16.388  12.141  1.00 22.68 ? 81  HIS A CD2 1 
ATOM   632  C  CE1 . HIS A 1 81  ? 2.194   15.135  13.742  1.00 25.03 ? 81  HIS A CE1 1 
ATOM   633  N  NE2 . HIS A 1 81  ? 1.420   16.176  13.498  1.00 24.70 ? 81  HIS A NE2 1 
ATOM   634  N  N   . HIS A 1 82  ? 0.825   14.069  7.039   1.00 12.48 ? 82  HIS A N   1 
ATOM   635  C  CA  . HIS A 1 82  ? 1.147   13.696  5.661   1.00 12.22 ? 82  HIS A CA  1 
ATOM   636  C  C   . HIS A 1 82  ? 0.363   14.513  4.643   1.00 12.26 ? 82  HIS A C   1 
ATOM   637  O  O   . HIS A 1 82  ? 0.219   14.106  3.484   1.00 12.02 ? 82  HIS A O   1 
ATOM   638  C  CB  . HIS A 1 82  ? 0.957   12.176  5.447   1.00 11.91 ? 82  HIS A CB  1 
ATOM   639  C  CG  . HIS A 1 82  ? -0.371  11.660  5.916   1.00 11.67 ? 82  HIS A CG  1 
ATOM   640  N  ND1 . HIS A 1 82  ? -0.505  10.469  6.591   1.00 10.81 ? 82  HIS A ND1 1 
ATOM   641  C  CD2 . HIS A 1 82  ? -1.615  12.204  5.869   1.00 12.48 ? 82  HIS A CD2 1 
ATOM   642  C  CE1 . HIS A 1 82  ? -1.777  10.273  6.897   1.00 14.16 ? 82  HIS A CE1 1 
ATOM   643  N  NE2 . HIS A 1 82  ? -2.469  11.325  6.495   1.00 11.54 ? 82  HIS A NE2 1 
ATOM   644  N  N   . GLU A 1 83  ? -0.143  15.679  5.058   1.00 13.72 ? 83  GLU A N   1 
ATOM   645  C  CA  . GLU A 1 83  ? -0.923  16.496  4.139   1.00 15.61 ? 83  GLU A CA  1 
ATOM   646  C  C   . GLU A 1 83  ? -0.183  16.817  2.826   1.00 15.51 ? 83  GLU A C   1 
ATOM   647  O  O   . GLU A 1 83  ? -0.780  16.741  1.743   1.00 15.63 ? 83  GLU A O   1 
ATOM   648  C  CB  . GLU A 1 83  ? -1.439  17.780  4.809   1.00 16.09 ? 83  GLU A CB  1 
ATOM   649  C  CG  . GLU A 1 83  ? -2.177  18.688  3.811   1.00 20.32 ? 83  GLU A CG  1 
ATOM   650  C  CD  . GLU A 1 83  ? -3.570  18.181  3.401   1.00 26.09 ? 83  GLU A CD  1 
ATOM   651  O  OE1 . GLU A 1 83  ? -4.072  17.226  4.023   1.00 25.27 ? 83  GLU A OE1 1 
ATOM   652  O  OE2 . GLU A 1 83  ? -4.157  18.757  2.443   1.00 26.75 ? 83  GLU A OE2 1 
ATOM   653  N  N   . ALA A 1 84  ? 1.101   17.157  2.912   1.00 16.47 ? 84  ALA A N   1 
ATOM   654  C  CA  . ALA A 1 84  ? 1.875   17.518  1.714   1.00 17.44 ? 84  ALA A CA  1 
ATOM   655  C  C   . ALA A 1 84  ? 1.917   16.388  0.681   1.00 17.72 ? 84  ALA A C   1 
ATOM   656  O  O   . ALA A 1 84  ? 1.924   16.640  -0.542  1.00 17.67 ? 84  ALA A O   1 
ATOM   657  C  CB  . ALA A 1 84  ? 3.298   17.935  2.091   1.00 17.91 ? 84  ALA A CB  1 
ATOM   658  N  N   . GLU A 1 85  ? 2.003   15.154  1.177   1.00 17.89 ? 85  GLU A N   1 
ATOM   659  C  CA  . GLU A 1 85  ? 1.986   13.946  0.317   1.00 18.65 ? 85  GLU A CA  1 
ATOM   660  C  C   . GLU A 1 85  ? 0.584   13.559  -0.142  1.00 19.28 ? 85  GLU A C   1 
ATOM   661  O  O   . GLU A 1 85  ? 0.340   13.231  -1.314  1.00 18.10 ? 85  GLU A O   1 
ATOM   662  C  CB  . GLU A 1 85  ? 2.528   12.730  1.074   1.00 19.02 ? 85  GLU A CB  1 
ATOM   663  C  CG  . GLU A 1 85  ? 4.011   12.698  1.294   1.00 18.59 ? 85  GLU A CG  1 
ATOM   664  C  CD  . GLU A 1 85  ? 4.454   13.599  2.425   1.00 20.26 ? 85  GLU A CD  1 
ATOM   665  O  OE1 . GLU A 1 85  ? 3.608   14.053  3.262   1.00 19.30 ? 85  GLU A OE1 1 
ATOM   666  O  OE2 . GLU A 1 85  ? 5.672   13.849  2.485   1.00 23.49 ? 85  GLU A OE2 1 
ATOM   667  N  N   . LEU A 1 86  ? -0.340  13.554  0.808   1.00 19.34 ? 86  LEU A N   1 
ATOM   668  C  CA  . LEU A 1 86  ? -1.636  12.948  0.567   1.00 20.91 ? 86  LEU A CA  1 
ATOM   669  C  C   . LEU A 1 86  ? -2.455  13.751  -0.428  1.00 20.76 ? 86  LEU A C   1 
ATOM   670  O  O   . LEU A 1 86  ? -3.146  13.194  -1.293  1.00 19.95 ? 86  LEU A O   1 
ATOM   671  C  CB  . LEU A 1 86  ? -2.359  12.784  1.895   1.00 22.39 ? 86  LEU A CB  1 
ATOM   672  C  CG  . LEU A 1 86  ? -3.576  11.868  1.927   1.00 24.26 ? 86  LEU A CG  1 
ATOM   673  C  CD1 . LEU A 1 86  ? -3.497  11.020  3.168   1.00 26.08 ? 86  LEU A CD1 1 
ATOM   674  C  CD2 . LEU A 1 86  ? -4.832  12.724  1.882   1.00 25.28 ? 86  LEU A CD2 1 
ATOM   675  N  N   . LYS A 1 87  ? -2.336  15.071  -0.351  1.00 20.00 ? 87  LYS A N   1 
ATOM   676  C  CA  . LYS A 1 87  ? -3.105  15.946  -1.251  1.00 20.15 ? 87  LYS A CA  1 
ATOM   677  C  C   . LYS A 1 87  ? -2.895  15.645  -2.768  1.00 18.89 ? 87  LYS A C   1 
ATOM   678  O  O   . LYS A 1 87  ? -3.866  15.328  -3.482  1.00 18.85 ? 87  LYS A O   1 
ATOM   679  C  CB  . LYS A 1 87  ? -2.853  17.418  -0.887  1.00 21.39 ? 87  LYS A CB  1 
ATOM   680  C  CG  . LYS A 1 87  ? -4.093  18.257  -0.897  1.00 25.44 ? 87  LYS A CG  1 
ATOM   681  C  CD  . LYS A 1 87  ? -3.875  19.547  -1.660  1.00 29.31 ? 87  LYS A CD  1 
ATOM   682  C  CE  . LYS A 1 87  ? -5.140  19.953  -2.386  1.00 30.31 ? 87  LYS A CE  1 
ATOM   683  N  NZ  . LYS A 1 87  ? -5.049  21.366  -2.845  1.00 33.42 ? 87  LYS A NZ  1 
ATOM   684  N  N   . PRO A 1 88  ? -1.640  15.710  -3.267  1.00 17.24 ? 88  PRO A N   1 
ATOM   685  C  CA  . PRO A 1 88  ? -1.376  15.334  -4.658  1.00 15.87 ? 88  PRO A CA  1 
ATOM   686  C  C   . PRO A 1 88  ? -1.572  13.845  -4.988  1.00 14.50 ? 88  PRO A C   1 
ATOM   687  O  O   . PRO A 1 88  ? -1.922  13.517  -6.119  1.00 13.38 ? 88  PRO A O   1 
ATOM   688  C  CB  . PRO A 1 88  ? 0.105   15.744  -4.859  1.00 17.36 ? 88  PRO A CB  1 
ATOM   689  C  CG  . PRO A 1 88  ? 0.684   15.705  -3.498  1.00 16.13 ? 88  PRO A CG  1 
ATOM   690  C  CD  . PRO A 1 88  ? -0.413  16.155  -2.581  1.00 16.73 ? 88  PRO A CD  1 
ATOM   691  N  N   . LEU A 1 89  ? -1.337  12.952  -4.020  1.00 12.83 ? 89  LEU A N   1 
ATOM   692  C  CA  . LEU A 1 89  ? -1.601  11.527  -4.220  1.00 12.75 ? 89  LEU A CA  1 
ATOM   693  C  C   . LEU A 1 89  ? -3.104  11.278  -4.438  1.00 12.50 ? 89  LEU A C   1 
ATOM   694  O  O   . LEU A 1 89  ? -3.493  10.494  -5.274  1.00 11.70 ? 89  LEU A O   1 
ATOM   695  C  CB  . LEU A 1 89  ? -1.089  10.709  -3.035  1.00 13.21 ? 89  LEU A CB  1 
ATOM   696  C  CG  . LEU A 1 89  ? 0.380   10.257  -3.102  1.00 15.47 ? 89  LEU A CG  1 
ATOM   697  C  CD1 . LEU A 1 89  ? 0.818   9.676   -1.751  1.00 20.48 ? 89  LEU A CD1 1 
ATOM   698  C  CD2 . LEU A 1 89  ? 0.638   9.260   -4.185  1.00 18.11 ? 89  LEU A CD2 1 
ATOM   699  N  N   . ALA A 1 90  ? -3.942  11.967  -3.661  1.00 12.61 ? 90  ALA A N   1 
ATOM   700  C  CA  . ALA A 1 90  ? -5.405  11.862  -3.817  1.00 12.96 ? 90  ALA A CA  1 
ATOM   701  C  C   . ALA A 1 90  ? -5.805  12.328  -5.216  1.00 13.55 ? 90  ALA A C   1 
ATOM   702  O  O   . ALA A 1 90  ? -6.558  11.663  -5.928  1.00 13.77 ? 90  ALA A O   1 
ATOM   703  C  CB  . ALA A 1 90  ? -6.110  12.709  -2.748  1.00 12.96 ? 90  ALA A CB  1 
ATOM   704  N  N   . GLN A 1 91  ? -5.283  13.485  -5.620  1.00 14.99 ? 91  GLN A N   1 
ATOM   705  C  CA  . GLN A 1 91  ? -5.711  14.103  -6.863  1.00 16.30 ? 91  GLN A CA  1 
ATOM   706  C  C   . GLN A 1 91  ? -5.311  13.239  -8.032  1.00 15.98 ? 91  GLN A C   1 
ATOM   707  O  O   . GLN A 1 91  ? -6.117  12.987  -8.945  1.00 16.92 ? 91  GLN A O   1 
ATOM   708  C  CB  . GLN A 1 91  ? -5.233  15.570  -6.948  1.00 16.96 ? 91  GLN A CB  1 
ATOM   709  C  CG  . GLN A 1 91  ? -5.799  16.397  -5.766  1.00 22.44 ? 91  GLN A CG  1 
ATOM   710  C  CD  . GLN A 1 91  ? -5.888  17.891  -6.028  1.00 27.78 ? 91  GLN A CD  1 
ATOM   711  O  OE1 . GLN A 1 91  ? -4.979  18.497  -6.617  1.00 31.24 ? 91  GLN A OE1 1 
ATOM   712  N  NE2 . GLN A 1 91  ? -6.988  18.505  -5.569  1.00 29.28 ? 91  GLN A NE2 1 
ATOM   713  N  N   . SER A 1 92  ? -4.107  12.670  -7.966  1.00 15.12 ? 92  SER A N   1 
ATOM   714  C  CA  . SER A 1 92  ? -3.672  11.766  -9.015  1.00 14.01 ? 92  SER A CA  1 
ATOM   715  C  C   . SER A 1 92  ? -4.465  10.441  -9.071  1.00 13.73 ? 92  SER A C   1 
ATOM   716  O  O   . SER A 1 92  ? -4.853  10.006  -10.158 1.00 14.62 ? 92  SER A O   1 
ATOM   717  C  CB  . SER A 1 92  ? -2.157  11.548  -8.929  1.00 14.30 ? 92  SER A CB  1 
ATOM   718  O  OG  . SER A 1 92  ? -1.809  10.603  -7.933  1.00 15.12 ? 92  SER A OG  1 
ATOM   719  N  N   . HIS A 1 93  ? -4.720  9.812   -7.922  1.00 11.46 ? 93  HIS A N   1 
ATOM   720  C  CA  . HIS A 1 93  ? -5.472  8.570   -7.901  1.00 11.86 ? 93  HIS A CA  1 
ATOM   721  C  C   . HIS A 1 93  ? -6.944  8.766   -8.234  1.00 12.09 ? 93  HIS A C   1 
ATOM   722  O  O   . HIS A 1 93  ? -7.533  7.901   -8.823  1.00 13.11 ? 93  HIS A O   1 
ATOM   723  C  CB  . HIS A 1 93  ? -5.280  7.807   -6.583  1.00 11.55 ? 93  HIS A CB  1 
ATOM   724  C  CG  . HIS A 1 93  ? -3.925  7.167   -6.474  1.00 11.41 ? 93  HIS A CG  1 
ATOM   725  N  ND1 . HIS A 1 93  ? -2.803  7.877   -6.116  1.00 12.02 ? 93  HIS A ND1 1 
ATOM   726  C  CD2 . HIS A 1 93  ? -3.505  5.911   -6.751  1.00 12.80 ? 93  HIS A CD2 1 
ATOM   727  C  CE1 . HIS A 1 93  ? -1.756  7.076   -6.134  1.00 11.90 ? 93  HIS A CE1 1 
ATOM   728  N  NE2 . HIS A 1 93  ? -2.150  5.886   -6.541  1.00 12.73 ? 93  HIS A NE2 1 
ATOM   729  N  N   . ALA A 1 94  ? -7.512  9.914   -7.888  1.00 13.56 ? 94  ALA A N   1 
ATOM   730  C  CA  . ALA A 1 94  ? -8.936  10.162  -8.193  1.00 15.30 ? 94  ALA A CA  1 
ATOM   731  C  C   . ALA A 1 94  ? -9.117  10.474  -9.669  1.00 16.64 ? 94  ALA A C   1 
ATOM   732  O  O   . ALA A 1 94  ? -9.952  9.849   -10.361 1.00 17.64 ? 94  ALA A O   1 
ATOM   733  C  CB  . ALA A 1 94  ? -9.490  11.282  -7.340  1.00 14.30 ? 94  ALA A CB  1 
ATOM   734  N  N   . THR A 1 95  ? -8.294  11.403  -10.138 1.00 17.83 ? 95  THR A N   1 
ATOM   735  C  CA  . THR A 1 95  ? -8.488  12.090  -11.420 1.00 20.21 ? 95  THR A CA  1 
ATOM   736  C  C   . THR A 1 95  ? -7.701  11.404  -12.520 1.00 20.93 ? 95  THR A C   1 
ATOM   737  O  O   . THR A 1 95  ? -8.253  11.076  -13.587 1.00 22.17 ? 95  THR A O   1 
ATOM   738  C  CB  . THR A 1 95  ? -8.022  13.554  -11.290 1.00 20.19 ? 95  THR A CB  1 
ATOM   739  O  OG1 . THR A 1 95  ? -8.861  14.205  -10.334 1.00 24.19 ? 95  THR A OG1 1 
ATOM   740  C  CG2 . THR A 1 95  ? -8.057  14.286  -12.622 1.00 22.04 ? 95  THR A CG2 1 
ATOM   741  N  N   . LYS A 1 96  ? -6.412  11.175  -12.280 1.00 19.98 ? 96  LYS A N   1 
ATOM   742  C  CA  . LYS A 1 96  ? -5.600  10.613  -13.344 1.00 20.47 ? 96  LYS A CA  1 
ATOM   743  C  C   . LYS A 1 96  ? -5.762  9.104   -13.488 1.00 19.84 ? 96  LYS A C   1 
ATOM   744  O  O   . LYS A 1 96  ? -5.921  8.594   -14.594 1.00 19.51 ? 96  LYS A O   1 
ATOM   745  C  CB  . LYS A 1 96  ? -4.131  11.033  -13.216 1.00 20.61 ? 96  LYS A CB  1 
ATOM   746  C  CG  . LYS A 1 96  ? -3.376  10.948  -14.547 1.00 23.28 ? 96  LYS A CG  1 
ATOM   747  C  CD  . LYS A 1 96  ? -2.342  12.090  -14.727 1.00 27.48 ? 96  LYS A CD  1 
ATOM   748  C  CE  . LYS A 1 96  ? -2.123  12.434  -16.223 1.00 28.44 ? 96  LYS A CE  1 
ATOM   749  N  NZ  . LYS A 1 96  ? -1.042  11.617  -16.927 1.00 27.76 ? 96  LYS A NZ  1 
ATOM   750  N  N   . HIS A 1 97  ? -5.761  8.390   -12.366 1.00 18.90 ? 97  HIS A N   1 
ATOM   751  C  CA  . HIS A 1 97  ? -5.761  6.932   -12.408 1.00 19.07 ? 97  HIS A CA  1 
ATOM   752  C  C   . HIS A 1 97  ? -7.138  6.303   -12.154 1.00 18.75 ? 97  HIS A C   1 
ATOM   753  O  O   . HIS A 1 97  ? -7.349  5.107   -12.436 1.00 19.62 ? 97  HIS A O   1 
ATOM   754  C  CB  . HIS A 1 97  ? -4.688  6.392   -11.430 1.00 18.97 ? 97  HIS A CB  1 
ATOM   755  C  CG  . HIS A 1 97  ? -3.376  7.126   -11.523 1.00 20.19 ? 97  HIS A CG  1 
ATOM   756  N  ND1 . HIS A 1 97  ? -2.668  7.240   -12.703 1.00 21.17 ? 97  HIS A ND1 1 
ATOM   757  C  CD2 . HIS A 1 97  ? -2.660  7.802   -10.592 1.00 18.80 ? 97  HIS A CD2 1 
ATOM   758  C  CE1 . HIS A 1 97  ? -1.576  7.955   -12.495 1.00 20.61 ? 97  HIS A CE1 1 
ATOM   759  N  NE2 . HIS A 1 97  ? -1.543  8.308   -11.222 1.00 20.17 ? 97  HIS A NE2 1 
ATOM   760  N  N   . LYS A 1 98  ? -8.074  7.095   -11.634 1.00 17.74 ? 98  LYS A N   1 
ATOM   761  C  CA  . LYS A 1 98  ? -9.466  6.637   -11.366 1.00 16.78 ? 98  LYS A CA  1 
ATOM   762  C  C   . LYS A 1 98  ? -9.589  5.405   -10.437 1.00 15.46 ? 98  LYS A C   1 
ATOM   763  O  O   . LYS A 1 98  ? -10.287 4.421   -10.751 1.00 14.95 ? 98  LYS A O   1 
ATOM   764  C  CB  . LYS A 1 98  ? -10.236 6.370   -12.670 1.00 18.37 ? 98  LYS A CB  1 
ATOM   765  C  CG  . LYS A 1 98  ? -10.046 7.391   -13.789 1.00 20.88 ? 98  LYS A CG  1 
ATOM   766  C  CD  . LYS A 1 98  ? -10.774 8.716   -13.581 1.00 27.60 ? 98  LYS A CD  1 
ATOM   767  C  CE  . LYS A 1 98  ? -10.701 9.596   -14.869 1.00 28.25 ? 98  LYS A CE  1 
ATOM   768  N  NZ  . LYS A 1 98  ? -10.771 11.086  -14.622 1.00 30.48 ? 98  LYS A NZ  1 
ATOM   769  N  N   . ILE A 1 99  ? -8.959  5.504   -9.274  1.00 13.54 ? 99  ILE A N   1 
ATOM   770  C  CA  . ILE A 1 99  ? -8.819  4.374   -8.364  1.00 12.02 ? 99  ILE A CA  1 
ATOM   771  C  C   . ILE A 1 99  ? -9.858  4.442   -7.259  1.00 11.41 ? 99  ILE A C   1 
ATOM   772  O  O   . ILE A 1 99  ? -9.765  5.332   -6.394  1.00 10.64 ? 99  ILE A O   1 
ATOM   773  C  CB  . ILE A 1 99  ? -7.392  4.343   -7.697  1.00 12.18 ? 99  ILE A CB  1 
ATOM   774  C  CG1 . ILE A 1 99  ? -6.278  4.380   -8.768  1.00 13.57 ? 99  ILE A CG1 1 
ATOM   775  C  CG2 . ILE A 1 99  ? -7.258  3.122   -6.776  1.00 11.27 ? 99  ILE A CG2 1 
ATOM   776  C  CD1 . ILE A 1 99  ? -6.439  3.332   -9.874  1.00 13.77 ? 99  ILE A CD1 1 
ATOM   777  N  N   . PRO A 1 100 ? -10.820 3.497   -7.243  1.00 11.63 ? 100 PRO A N   1 
ATOM   778  C  CA  . PRO A 1 100 ? -11.767 3.556   -6.132  1.00 10.52 ? 100 PRO A CA  1 
ATOM   779  C  C   . PRO A 1 100 ? -11.085 3.374   -4.757  1.00 9.89  ? 100 PRO A C   1 
ATOM   780  O  O   . PRO A 1 100 ? -10.083 2.662   -4.623  1.00 8.11  ? 100 PRO A O   1 
ATOM   781  C  CB  . PRO A 1 100 ? -12.751 2.395   -6.416  1.00 11.19 ? 100 PRO A CB  1 
ATOM   782  C  CG  . PRO A 1 100 ? -12.498 1.932   -7.736  1.00 11.32 ? 100 PRO A CG  1 
ATOM   783  C  CD  . PRO A 1 100 ? -11.103 2.360   -8.140  1.00 11.38 ? 100 PRO A CD  1 
ATOM   784  N  N   . ILE A 1 101 ? -11.639 4.041   -3.747  1.00 10.00 ? 101 ILE A N   1 
ATOM   785  C  CA  . ILE A 1 101 ? -11.203 3.835   -2.373  1.00 11.47 ? 101 ILE A CA  1 
ATOM   786  C  C   . ILE A 1 101 ? -11.121 2.338   -2.019  1.00 9.40  ? 101 ILE A C   1 
ATOM   787  O  O   . ILE A 1 101 ? -10.207 1.927   -1.309  1.00 8.95  ? 101 ILE A O   1 
ATOM   788  C  CB  . ILE A 1 101 ? -12.030 4.675   -1.321  1.00 12.31 ? 101 ILE A CB  1 
ATOM   789  C  CG1 . ILE A 1 101 ? -11.579 4.336   0.102   1.00 13.84 ? 101 ILE A CG1 1 
ATOM   790  C  CG2 . ILE A 1 101 ? -13.505 4.450   -1.425  1.00 17.24 ? 101 ILE A CG2 1 
ATOM   791  C  CD1 . ILE A 1 101 ? -11.965 5.361   1.161   1.00 22.94 ? 101 ILE A CD1 1 
ATOM   792  N  N   . LYS A 1 102 ? -12.059 1.527   -2.518  1.00 8.70  ? 102 LYS A N   1 
ATOM   793  C  CA  . LYS A 1 102 ? -12.046 0.092   -2.191  1.00 8.74  ? 102 LYS A CA  1 
ATOM   794  C  C   . LYS A 1 102 ? -10.700 -0.546  -2.594  1.00 8.11  ? 102 LYS A C   1 
ATOM   795  O  O   . LYS A 1 102 ? -10.257 -1.485  -1.959  1.00 8.93  ? 102 LYS A O   1 
ATOM   796  C  CB  . LYS A 1 102 ? -13.176 -0.653  -2.928  1.00 8.97  ? 102 LYS A CB  1 
ATOM   797  C  CG  . LYS A 1 102 ? -13.380 -2.071  -2.475  1.00 12.12 ? 102 LYS A CG  1 
ATOM   798  C  CD  . LYS A 1 102 ? -13.824 -2.076  -1.022  1.00 16.46 ? 102 LYS A CD  1 
ATOM   799  C  CE  . LYS A 1 102 ? -14.538 -3.348  -0.600  1.00 19.74 ? 102 LYS A CE  1 
ATOM   800  N  NZ  . LYS A 1 102 ? -14.773 -3.212  0.856   1.00 18.08 ? 102 LYS A NZ  1 
ATOM   801  N  N   . TYR A 1 103 ? -10.082 -0.071  -3.676  1.00 7.43  ? 103 TYR A N   1 
ATOM   802  C  CA  . TYR A 1 103 ? -8.819  -0.678  -4.105  1.00 7.58  ? 103 TYR A CA  1 
ATOM   803  C  C   . TYR A 1 103 ? -7.691  -0.351  -3.108  1.00 7.68  ? 103 TYR A C   1 
ATOM   804  O  O   . TYR A 1 103 ? -6.760  -1.135  -2.944  1.00 6.57  ? 103 TYR A O   1 
ATOM   805  C  CB  . TYR A 1 103 ? -8.383  -0.163  -5.492  1.00 7.23  ? 103 TYR A CB  1 
ATOM   806  C  CG  . TYR A 1 103 ? -9.215  -0.614  -6.694  1.00 8.85  ? 103 TYR A CG  1 
ATOM   807  C  CD1 . TYR A 1 103 ? -10.506 -1.144  -6.555  1.00 9.20  ? 103 TYR A CD1 1 
ATOM   808  C  CD2 . TYR A 1 103 ? -8.693  -0.470  -7.969  1.00 7.23  ? 103 TYR A CD2 1 
ATOM   809  C  CE1 . TYR A 1 103 ? -11.253 -1.515  -7.676  1.00 9.30  ? 103 TYR A CE1 1 
ATOM   810  C  CE2 . TYR A 1 103 ? -9.406  -0.854  -9.086  1.00 11.19 ? 103 TYR A CE2 1 
ATOM   811  C  CZ  . TYR A 1 103 ? -10.679 -1.380  -8.938  1.00 11.20 ? 103 TYR A CZ  1 
ATOM   812  O  OH  . TYR A 1 103 ? -11.354 -1.740  -10.092 1.00 10.91 ? 103 TYR A OH  1 
ATOM   813  N  N   . LEU A 1 104 ? -7.762  0.829   -2.484  1.00 8.19  ? 104 LEU A N   1 
ATOM   814  C  CA  . LEU A 1 104 ? -6.802  1.186   -1.430  1.00 8.86  ? 104 LEU A CA  1 
ATOM   815  C  C   . LEU A 1 104 ? -6.985  0.260   -0.244  1.00 9.19  ? 104 LEU A C   1 
ATOM   816  O  O   . LEU A 1 104 ? -6.019  -0.159  0.397   1.00 9.27  ? 104 LEU A O   1 
ATOM   817  C  CB  . LEU A 1 104 ? -6.935  2.641   -1.005  1.00 9.51  ? 104 LEU A CB  1 
ATOM   818  C  CG  . LEU A 1 104 ? -6.836  3.744   -2.074  1.00 13.92 ? 104 LEU A CG  1 
ATOM   819  C  CD1 . LEU A 1 104 ? -6.795  5.086   -1.287  1.00 12.15 ? 104 LEU A CD1 1 
ATOM   820  C  CD2 . LEU A 1 104 ? -5.640  3.586   -2.978  1.00 16.77 ? 104 LEU A CD2 1 
ATOM   821  N  N   . GLU A 1 105 ? -8.234  -0.094  0.035   1.00 9.07  ? 105 GLU A N   1 
ATOM   822  C  CA  . GLU A 1 105 ? -8.508  -1.129  1.037   1.00 8.27  ? 105 GLU A CA  1 
ATOM   823  C  C   . GLU A 1 105 ? -7.884  -2.485  0.661   1.00 7.61  ? 105 GLU A C   1 
ATOM   824  O  O   . GLU A 1 105 ? -7.219  -3.127  1.496   1.00 6.30  ? 105 GLU A O   1 
ATOM   825  C  CB  . GLU A 1 105 ? -10.017 -1.277  1.269   1.00 8.66  ? 105 GLU A CB  1 
ATOM   826  C  CG  . GLU A 1 105 ? -10.292 -2.238  2.413   1.00 8.41  ? 105 GLU A CG  1 
ATOM   827  C  CD  . GLU A 1 105 ? -11.781 -2.556  2.610   1.00 12.56 ? 105 GLU A CD  1 
ATOM   828  O  OE1 . GLU A 1 105 ? -12.641 -2.077  1.838   1.00 12.75 ? 105 GLU A OE1 1 
ATOM   829  O  OE2 . GLU A 1 105 ? -12.079 -3.325  3.539   1.00 15.68 ? 105 GLU A OE2 1 
ATOM   830  N  N   . PHE A 1 106 ? -8.072  -2.903  -0.602  1.00 7.95  ? 106 PHE A N   1 
ATOM   831  C  CA  . PHE A 1 106 ? -7.442  -4.148  -1.102  1.00 7.61  ? 106 PHE A CA  1 
ATOM   832  C  C   . PHE A 1 106 ? -5.904  -4.155  -0.931  1.00 7.55  ? 106 PHE A C   1 
ATOM   833  O  O   . PHE A 1 106 ? -5.342  -5.145  -0.447  1.00 6.25  ? 106 PHE A O   1 
ATOM   834  C  CB  . PHE A 1 106 ? -7.762  -4.430  -2.577  1.00 8.60  ? 106 PHE A CB  1 
ATOM   835  C  CG  . PHE A 1 106 ? -9.243  -4.663  -2.873  1.00 8.21  ? 106 PHE A CG  1 
ATOM   836  C  CD1 . PHE A 1 106 ? -10.128 -5.102  -1.873  1.00 9.02  ? 106 PHE A CD1 1 
ATOM   837  C  CD2 . PHE A 1 106 ? -9.725  -4.472  -4.159  1.00 9.24  ? 106 PHE A CD2 1 
ATOM   838  C  CE1 . PHE A 1 106 ? -11.493 -5.332  -2.171  1.00 10.63 ? 106 PHE A CE1 1 
ATOM   839  C  CE2 . PHE A 1 106 ? -11.081 -4.670  -4.457  1.00 9.78  ? 106 PHE A CE2 1 
ATOM   840  C  CZ  . PHE A 1 106 ? -11.952 -5.113  -3.468  1.00 8.21  ? 106 PHE A CZ  1 
ATOM   841  N  N   . ILE A 1 107 ? -5.233  -3.086  -1.339  1.00 6.97  ? 107 ILE A N   1 
ATOM   842  C  CA  . ILE A 1 107 ? -3.759  -3.107  -1.242  1.00 7.32  ? 107 ILE A CA  1 
ATOM   843  C  C   . ILE A 1 107 ? -3.321  -3.066  0.231   1.00 7.44  ? 107 ILE A C   1 
ATOM   844  O  O   . ILE A 1 107 ? -2.308  -3.641  0.585   1.00 7.84  ? 107 ILE A O   1 
ATOM   845  C  CB  . ILE A 1 107 ? -3.053  -2.009  -2.091  1.00 8.00  ? 107 ILE A CB  1 
ATOM   846  C  CG1 . ILE A 1 107 ? -1.565  -2.393  -2.305  1.00 7.65  ? 107 ILE A CG1 1 
ATOM   847  C  CG2 . ILE A 1 107 ? -3.223  -0.600  -1.451  1.00 6.50  ? 107 ILE A CG2 1 
ATOM   848  C  CD1 . ILE A 1 107 ? -0.872  -1.564  -3.336  1.00 8.46  ? 107 ILE A CD1 1 
ATOM   849  N  N   . SER A 1 108 ? -4.128  -2.438  1.085   1.00 7.38  ? 108 SER A N   1 
ATOM   850  C  CA  . SER A 1 108 ? -3.818  -2.388  2.535   1.00 8.59  ? 108 SER A CA  1 
ATOM   851  C  C   . SER A 1 108 ? -3.866  -3.795  3.096   1.00 8.74  ? 108 SER A C   1 
ATOM   852  O  O   . SER A 1 108 ? -2.987  -4.224  3.823   1.00 7.56  ? 108 SER A O   1 
ATOM   853  C  CB  . SER A 1 108 ? -4.802  -1.444  3.235   1.00 8.46  ? 108 SER A CB  1 
ATOM   854  O  OG  . SER A 1 108 ? -4.511  -0.095  2.812   1.00 12.02 ? 108 SER A OG  1 
ATOM   855  N  N   . ASP A 1 109 ? -4.885  -4.539  2.694   1.00 9.64  ? 109 ASP A N   1 
ATOM   856  C  CA  . ASP A 1 109 ? -5.008  -5.930  3.118   1.00 11.14 ? 109 ASP A CA  1 
ATOM   857  C  C   . ASP A 1 109 ? -3.857  -6.779  2.586   1.00 9.69  ? 109 ASP A C   1 
ATOM   858  O  O   . ASP A 1 109 ? -3.347  -7.625  3.312   1.00 9.23  ? 109 ASP A O   1 
ATOM   859  C  CB  . ASP A 1 109 ? -6.363  -6.499  2.715   1.00 13.43 ? 109 ASP A CB  1 
ATOM   860  C  CG  . ASP A 1 109 ? -7.516  -5.967  3.598   1.00 13.47 ? 109 ASP A CG  1 
ATOM   861  O  OD1 . ASP A 1 109 ? -7.307  -5.211  4.552   1.00 22.64 ? 109 ASP A OD1 1 
ATOM   862  O  OD2 . ASP A 1 109 ? -8.656  -6.317  3.318   1.00 26.04 ? 109 ASP A OD2 1 
ATOM   863  N  N   . ALA A 1 110 ? -3.440  -6.527  1.339   1.00 9.27  ? 110 ALA A N   1 
ATOM   864  C  CA  . ALA A 1 110 ? -2.271  -7.215  0.743   1.00 8.26  ? 110 ALA A CA  1 
ATOM   865  C  C   . ALA A 1 110 ? -0.988  -6.923  1.523   1.00 8.11  ? 110 ALA A C   1 
ATOM   866  O  O   . ALA A 1 110 ? -0.182  -7.811  1.748   1.00 8.04  ? 110 ALA A O   1 
ATOM   867  C  CB  . ALA A 1 110 ? -2.094  -6.854  -0.752  1.00 7.91  ? 110 ALA A CB  1 
ATOM   868  N  N   . ILE A 1 111 ? -0.806  -5.681  1.920   1.00 7.22  ? 111 ILE A N   1 
ATOM   869  C  CA  . ILE A 1 111 ? 0.382   -5.274  2.711   1.00 7.02  ? 111 ILE A CA  1 
ATOM   870  C  C   . ILE A 1 111 ? 0.409   -6.016  4.052   1.00 7.86  ? 111 ILE A C   1 
ATOM   871  O  O   . ILE A 1 111 ? 1.423   -6.591  4.435   1.00 7.53  ? 111 ILE A O   1 
ATOM   872  C  CB  . ILE A 1 111 ? 0.402   -3.751  2.881   1.00 6.57  ? 111 ILE A CB  1 
ATOM   873  C  CG1 . ILE A 1 111 ? 0.716   -3.095  1.524   1.00 6.03  ? 111 ILE A CG1 1 
ATOM   874  C  CG2 . ILE A 1 111 ? 1.447   -3.309  3.969   1.00 5.88  ? 111 ILE A CG2 1 
ATOM   875  C  CD1 . ILE A 1 111 ? 0.320   -1.629  1.456   1.00 6.70  ? 111 ILE A CD1 1 
ATOM   876  N  N   . ILE A 1 112 ? -0.725  -6.012  4.737   1.00 8.30  ? 112 ILE A N   1 
ATOM   877  C  CA  . ILE A 1 112 ? -0.876  -6.741  5.999   1.00 9.66  ? 112 ILE A CA  1 
ATOM   878  C  C   . ILE A 1 112 ? -0.512  -8.227  5.814   1.00 9.92  ? 112 ILE A C   1 
ATOM   879  O  O   . ILE A 1 112 ? 0.316   -8.782  6.557   1.00 9.69  ? 112 ILE A O   1 
ATOM   880  C  CB  . ILE A 1 112 ? -2.313  -6.567  6.570   1.00 10.28 ? 112 ILE A CB  1 
ATOM   881  C  CG1 . ILE A 1 112 ? -2.594  -5.117  6.999   1.00 12.13 ? 112 ILE A CG1 1 
ATOM   882  C  CG2 . ILE A 1 112 ? -2.544  -7.545  7.731   1.00 12.74 ? 112 ILE A CG2 1 
ATOM   883  C  CD1 . ILE A 1 112 ? -1.683  -4.553  8.021   1.00 18.03 ? 112 ILE A CD1 1 
ATOM   884  N  N   . HIS A 1 113 ? -1.064  -8.854  4.780   1.00 9.63  ? 113 HIS A N   1 
ATOM   885  C  CA  . HIS A 1 113 ? -0.774  -10.263 4.528   1.00 11.61 ? 113 HIS A CA  1 
ATOM   886  C  C   . HIS A 1 113 ? 0.721   -10.553 4.352   1.00 11.13 ? 113 HIS A C   1 
ATOM   887  O  O   . HIS A 1 113 ? 1.286   -11.450 4.982   1.00 12.08 ? 113 HIS A O   1 
ATOM   888  C  CB  . HIS A 1 113 ? -1.496  -10.754 3.277   1.00 12.50 ? 113 HIS A CB  1 
ATOM   889  C  CG  . HIS A 1 113 ? -1.314  -12.225 3.063   1.00 16.57 ? 113 HIS A CG  1 
ATOM   890  N  ND1 . HIS A 1 113 ? -2.187  -13.153 3.575   1.00 20.30 ? 113 HIS A ND1 1 
ATOM   891  C  CD2 . HIS A 1 113 ? -0.301  -12.922 2.499   1.00 19.36 ? 113 HIS A CD2 1 
ATOM   892  C  CE1 . HIS A 1 113 ? -1.750  -14.368 3.283   1.00 21.73 ? 113 HIS A CE1 1 
ATOM   893  N  NE2 . HIS A 1 113 ? -0.602  -14.254 2.637   1.00 22.20 ? 113 HIS A NE2 1 
ATOM   894  N  N   . VAL A 1 114 ? 1.357   -9.788  3.483   1.00 10.30 ? 114 VAL A N   1 
ATOM   895  C  CA  . VAL A 1 114 ? 2.777   -9.937  3.185   1.00 9.68  ? 114 VAL A CA  1 
ATOM   896  C  C   . VAL A 1 114 ? 3.650   -9.695  4.437   1.00 10.26 ? 114 VAL A C   1 
ATOM   897  O  O   . VAL A 1 114 ? 4.534   -10.502 4.741   1.00 9.34  ? 114 VAL A O   1 
ATOM   898  C  CB  . VAL A 1 114 ? 3.188   -9.047  1.981   1.00 9.72  ? 114 VAL A CB  1 
ATOM   899  C  CG1 . VAL A 1 114 ? 4.743   -9.046  1.707   1.00 9.17  ? 114 VAL A CG1 1 
ATOM   900  C  CG2 . VAL A 1 114 ? 2.415   -9.486  0.708   1.00 10.10 ? 114 VAL A CG2 1 
ATOM   901  N  N   . LEU A 1 115 ? 3.359   -8.623  5.173   1.00 10.60 ? 115 LEU A N   1 
ATOM   902  C  CA  . LEU A 1 115 ? 4.154   -8.282  6.353   1.00 11.79 ? 115 LEU A CA  1 
ATOM   903  C  C   . LEU A 1 115 ? 4.032   -9.405  7.389   1.00 12.07 ? 115 LEU A C   1 
ATOM   904  O  O   . LEU A 1 115 ? 5.017   -9.775  8.029   1.00 13.18 ? 115 LEU A O   1 
ATOM   905  C  CB  . LEU A 1 115 ? 3.702   -6.950  6.942   1.00 11.97 ? 115 LEU A CB  1 
ATOM   906  C  CG  . LEU A 1 115 ? 4.383   -5.685  6.384   1.00 12.52 ? 115 LEU A CG  1 
ATOM   907  C  CD1 . LEU A 1 115 ? 4.521   -5.681  4.841   1.00 15.62 ? 115 LEU A CD1 1 
ATOM   908  C  CD2 . LEU A 1 115 ? 3.709   -4.423  6.895   1.00 12.86 ? 115 LEU A CD2 1 
ATOM   909  N  N   . HIS A 1 116 ? 2.843   -9.964  7.502   1.00 13.04 ? 116 HIS A N   1 
ATOM   910  C  CA  . HIS A 1 116 ? 2.586   -11.026 8.465   1.00 14.64 ? 116 HIS A CA  1 
ATOM   911  C  C   . HIS A 1 116 ? 3.300   -12.312 8.033   1.00 16.06 ? 116 HIS A C   1 
ATOM   912  O  O   . HIS A 1 116 ? 3.937   -12.961 8.856   1.00 15.65 ? 116 HIS A O   1 
ATOM   913  C  CB  . HIS A 1 116 ? 1.085   -11.240 8.676   1.00 13.74 ? 116 HIS A CB  1 
ATOM   914  C  CG  . HIS A 1 116 ? 0.760   -12.479 9.462   1.00 15.62 ? 116 HIS A CG  1 
ATOM   915  N  ND1 . HIS A 1 116 ? 0.930   -12.559 10.827  1.00 16.46 ? 116 HIS A ND1 1 
ATOM   916  C  CD2 . HIS A 1 116 ? 0.312   -13.696 9.068   1.00 13.65 ? 116 HIS A CD2 1 
ATOM   917  C  CE1 . HIS A 1 116 ? 0.571   -13.761 11.246  1.00 14.77 ? 116 HIS A CE1 1 
ATOM   918  N  NE2 . HIS A 1 116 ? 0.199   -14.472 10.196  1.00 18.43 ? 116 HIS A NE2 1 
ATOM   919  N  N   . SER A 1 117 ? 3.216   -12.633 6.741   1.00 16.85 ? 117 SER A N   1 
ATOM   920  C  CA  . SER A 1 117 ? 3.933   -13.757 6.140   1.00 19.60 ? 117 SER A CA  1 
ATOM   921  C  C   . SER A 1 117 ? 5.469   -13.718 6.310   1.00 18.87 ? 117 SER A C   1 
ATOM   922  O  O   . SER A 1 117 ? 6.098   -14.755 6.543   1.00 19.60 ? 117 SER A O   1 
ATOM   923  C  CB  . SER A 1 117 ? 3.567   -13.857 4.650   1.00 19.83 ? 117 SER A CB  1 
ATOM   924  O  OG  . SER A 1 117 ? 4.131   -15.031 4.082   1.00 25.90 ? 117 SER A OG  1 
ATOM   925  N  N   . LYS A 1 118 ? 6.068   -12.536 6.190   1.00 18.03 ? 118 LYS A N   1 
ATOM   926  C  CA  . LYS A 1 118 ? 7.509   -12.399 6.178   1.00 17.10 ? 118 LYS A CA  1 
ATOM   927  C  C   . LYS A 1 118 ? 8.085   -12.022 7.550   1.00 17.47 ? 118 LYS A C   1 
ATOM   928  O  O   . LYS A 1 118 ? 9.269   -12.236 7.803   1.00 16.91 ? 118 LYS A O   1 
ATOM   929  C  CB  . LYS A 1 118 ? 7.934   -11.340 5.157   1.00 17.90 ? 118 LYS A CB  1 
ATOM   930  C  CG  . LYS A 1 118 ? 7.538   -11.691 3.710   1.00 18.08 ? 118 LYS A CG  1 
ATOM   931  C  CD  . LYS A 1 118 ? 7.986   -10.577 2.739   1.00 21.75 ? 118 LYS A CD  1 
ATOM   932  C  CE  . LYS A 1 118 ? 9.361   -10.834 2.170   1.00 26.44 ? 118 LYS A CE  1 
ATOM   933  N  NZ  . LYS A 1 118 ? 9.310   -12.012 1.244   1.00 25.28 ? 118 LYS A NZ  1 
ATOM   934  N  N   . HIS A 1 119 ? 7.277   -11.419 8.419   1.00 16.30 ? 119 HIS A N   1 
ATOM   935  C  CA  . HIS A 1 119 ? 7.833   -10.855 9.667   1.00 16.86 ? 119 HIS A CA  1 
ATOM   936  C  C   . HIS A 1 119 ? 6.994   -11.170 10.856  1.00 17.70 ? 119 HIS A C   1 
ATOM   937  O  O   . HIS A 1 119 ? 6.638   -10.259 11.624  1.00 15.82 ? 119 HIS A O   1 
ATOM   938  C  CB  . HIS A 1 119 ? 7.974   -9.341  9.580   1.00 16.72 ? 119 HIS A CB  1 
ATOM   939  C  CG  . HIS A 1 119 ? 8.656   -8.890  8.347   1.00 18.26 ? 119 HIS A CG  1 
ATOM   940  N  ND1 . HIS A 1 119 ? 9.992   -9.134  8.112   1.00 16.18 ? 119 HIS A ND1 1 
ATOM   941  C  CD2 . HIS A 1 119 ? 8.183   -8.249  7.252   1.00 18.35 ? 119 HIS A CD2 1 
ATOM   942  C  CE1 . HIS A 1 119 ? 10.315  -8.635  6.931   1.00 18.85 ? 119 HIS A CE1 1 
ATOM   943  N  NE2 . HIS A 1 119 ? 9.232   -8.096  6.394   1.00 17.16 ? 119 HIS A NE2 1 
ATOM   944  N  N   . PRO A 1 120 ? 6.691   -12.456 11.048  1.00 19.19 ? 120 PRO A N   1 
ATOM   945  C  CA  . PRO A 1 120 ? 5.692   -12.740 12.071  1.00 19.69 ? 120 PRO A CA  1 
ATOM   946  C  C   . PRO A 1 120 ? 6.134   -12.273 13.451  1.00 19.13 ? 120 PRO A C   1 
ATOM   947  O  O   . PRO A 1 120 ? 5.285   -11.835 14.221  1.00 19.43 ? 120 PRO A O   1 
ATOM   948  C  CB  . PRO A 1 120 ? 5.515   -14.266 12.000  1.00 20.27 ? 120 PRO A CB  1 
ATOM   949  C  CG  . PRO A 1 120 ? 6.769   -14.775 11.397  1.00 20.60 ? 120 PRO A CG  1 
ATOM   950  C  CD  . PRO A 1 120 ? 7.220   -13.682 10.422  1.00 19.50 ? 120 PRO A CD  1 
ATOM   951  N  N   . GLY A 1 121 ? 7.444   -12.307 13.736  1.00 18.30 ? 121 GLY A N   1 
ATOM   952  C  CA  . GLY A 1 121 ? 7.971   -11.945 15.052  1.00 17.80 ? 121 GLY A CA  1 
ATOM   953  C  C   . GLY A 1 121 ? 7.897   -10.461 15.364  1.00 17.74 ? 121 GLY A C   1 
ATOM   954  O  O   . GLY A 1 121 ? 8.013   -10.046 16.528  1.00 18.07 ? 121 GLY A O   1 
ATOM   955  N  N   . ASP A 1 122 ? 7.726   -9.649  14.333  1.00 16.09 ? 122 ASP A N   1 
ATOM   956  C  CA  . ASP A 1 122 ? 7.542   -8.204  14.529  1.00 15.90 ? 122 ASP A CA  1 
ATOM   957  C  C   . ASP A 1 122 ? 6.170   -7.773  14.045  1.00 13.82 ? 122 ASP A C   1 
ATOM   958  O  O   . ASP A 1 122 ? 5.935   -6.593  13.782  1.00 14.56 ? 122 ASP A O   1 
ATOM   959  C  CB  . ASP A 1 122 ? 8.636   -7.401  13.804  1.00 16.47 ? 122 ASP A CB  1 
ATOM   960  C  CG  . ASP A 1 122 ? 9.987   -7.599  14.417  1.00 18.87 ? 122 ASP A CG  1 
ATOM   961  O  OD1 . ASP A 1 122 ? 10.705  -8.511  13.940  1.00 21.22 ? 122 ASP A OD1 1 
ATOM   962  O  OD2 . ASP A 1 122 ? 10.310  -6.867  15.393  1.00 19.34 ? 122 ASP A OD2 1 
ATOM   963  N  N   . PHE A 1 123 ? 5.263   -8.730  13.901  1.00 12.59 ? 123 PHE A N   1 
ATOM   964  C  CA  . PHE A 1 123 ? 3.961   -8.398  13.348  1.00 10.30 ? 123 PHE A CA  1 
ATOM   965  C  C   . PHE A 1 123 ? 2.906   -9.300  13.952  1.00 10.24 ? 123 PHE A C   1 
ATOM   966  O  O   . PHE A 1 123 ? 2.079   -9.858  13.237  1.00 9.48  ? 123 PHE A O   1 
ATOM   967  C  CB  . PHE A 1 123 ? 3.999   -8.480  11.808  1.00 10.30 ? 123 PHE A CB  1 
ATOM   968  C  CG  . PHE A 1 123 ? 2.995   -7.598  11.122  1.00 10.15 ? 123 PHE A CG  1 
ATOM   969  C  CD1 . PHE A 1 123 ? 3.094   -6.203  11.215  1.00 10.99 ? 123 PHE A CD1 1 
ATOM   970  C  CD2 . PHE A 1 123 ? 1.950   -8.163  10.374  1.00 10.02 ? 123 PHE A CD2 1 
ATOM   971  C  CE1 . PHE A 1 123 ? 2.159   -5.377  10.573  1.00 9.62  ? 123 PHE A CE1 1 
ATOM   972  C  CE2 . PHE A 1 123 ? 0.992   -7.341  9.736   1.00 9.13  ? 123 PHE A CE2 1 
ATOM   973  C  CZ  . PHE A 1 123 ? 1.094   -5.963  9.838   1.00 9.83  ? 123 PHE A CZ  1 
ATOM   974  N  N   . GLY A 1 124 ? 2.950   -9.419  15.281  1.00 10.08 ? 124 GLY A N   1 
ATOM   975  C  CA  . GLY A 1 124 ? 1.875   -10.060 16.052  1.00 10.34 ? 124 GLY A CA  1 
ATOM   976  C  C   . GLY A 1 124 ? 0.634   -9.193  15.997  1.00 10.23 ? 124 GLY A C   1 
ATOM   977  O  O   . GLY A 1 124 ? 0.633   -8.142  15.386  1.00 9.81  ? 124 GLY A O   1 
ATOM   978  N  N   . ALA A 1 125 ? -0.434  -9.653  16.624  1.00 9.55  ? 125 ALA A N   1 
ATOM   979  C  CA  . ALA A 1 125 ? -1.756  -9.051  16.474  1.00 9.43  ? 125 ALA A CA  1 
ATOM   980  C  C   . ALA A 1 125 ? -1.781  -7.549  16.772  1.00 8.88  ? 125 ALA A C   1 
ATOM   981  O  O   . ALA A 1 125 ? -2.486  -6.797  16.129  1.00 8.91  ? 125 ALA A O   1 
ATOM   982  C  CB  . ALA A 1 125 ? -2.737  -9.755  17.414  1.00 9.35  ? 125 ALA A CB  1 
ATOM   983  N  N   . ASP A 1 126 ? -1.054  -7.143  17.800  1.00 10.14 ? 126 ASP A N   1 
ATOM   984  C  CA  . ASP A 1 126 ? -1.104  -5.766  18.264  1.00 10.88 ? 126 ASP A CA  1 
ATOM   985  C  C   . ASP A 1 126 ? -0.434  -4.846  17.201  1.00 10.30 ? 126 ASP A C   1 
ATOM   986  O  O   . ASP A 1 126 ? -0.974  -3.778  16.835  1.00 9.22  ? 126 ASP A O   1 
ATOM   987  C  CB  . ASP A 1 126 ? -0.419  -5.681  19.640  1.00 12.94 ? 126 ASP A CB  1 
ATOM   988  C  CG  . ASP A 1 126 ? 0.988   -6.308  19.661  1.00 15.48 ? 126 ASP A CG  1 
ATOM   989  O  OD1 . ASP A 1 126 ? 1.436   -6.995  18.691  1.00 20.73 ? 126 ASP A OD1 1 
ATOM   990  O  OD2 . ASP A 1 126 ? 1.676   -6.096  20.678  1.00 24.51 ? 126 ASP A OD2 1 
ATOM   991  N  N   . ALA A 1 127 ? 0.732   -5.280  16.720  1.00 9.09  ? 127 ALA A N   1 
ATOM   992  C  CA  . ALA A 1 127 ? 1.477   -4.580  15.662  1.00 8.53  ? 127 ALA A CA  1 
ATOM   993  C  C   . ALA A 1 127 ? 0.672   -4.598  14.352  1.00 8.33  ? 127 ALA A C   1 
ATOM   994  O  O   . ALA A 1 127 ? 0.649   -3.608  13.628  1.00 8.59  ? 127 ALA A O   1 
ATOM   995  C  CB  . ALA A 1 127 ? 2.879   -5.202  15.472  1.00 8.48  ? 127 ALA A CB  1 
ATOM   996  N  N   . GLN A 1 128 ? -0.008  -5.710  14.063  1.00 7.86  ? 128 GLN A N   1 
ATOM   997  C  CA  . GLN A 1 128 ? -0.857  -5.780  12.885  1.00 7.94  ? 128 GLN A CA  1 
ATOM   998  C  C   . GLN A 1 128 ? -2.024  -4.794  13.002  1.00 7.79  ? 128 GLN A C   1 
ATOM   999  O  O   . GLN A 1 128 ? -2.355  -4.101  12.034  1.00 6.99  ? 128 GLN A O   1 
ATOM   1000 C  CB  . GLN A 1 128 ? -1.379  -7.208  12.665  1.00 9.05  ? 128 GLN A CB  1 
ATOM   1001 C  CG  . GLN A 1 128 ? -2.368  -7.266  11.477  1.00 11.59 ? 128 GLN A CG  1 
ATOM   1002 C  CD  . GLN A 1 128 ? -2.826  -8.658  11.090  1.00 13.75 ? 128 GLN A CD  1 
ATOM   1003 O  OE1 . GLN A 1 128 ? -4.011  -8.850  10.712  1.00 16.59 ? 128 GLN A OE1 1 
ATOM   1004 N  NE2 . GLN A 1 128 ? -1.915  -9.622  11.134  1.00 10.67 ? 128 GLN A NE2 1 
ATOM   1005 N  N   . GLY A 1 129 ? -2.602  -4.698  14.198  1.00 7.56  ? 129 GLY A N   1 
ATOM   1006 C  CA  . GLY A 1 129 ? -3.685  -3.747  14.464  1.00 7.87  ? 129 GLY A CA  1 
ATOM   1007 C  C   . GLY A 1 129 ? -3.200  -2.311  14.238  1.00 7.72  ? 129 GLY A C   1 
ATOM   1008 O  O   . GLY A 1 129 ? -3.913  -1.489  13.670  1.00 8.10  ? 129 GLY A O   1 
ATOM   1009 N  N   . ALA A 1 130 ? -1.963  -2.041  14.637  1.00 6.87  ? 130 ALA A N   1 
ATOM   1010 C  CA  . ALA A 1 130 ? -1.389  -0.715  14.506  1.00 6.85  ? 130 ALA A CA  1 
ATOM   1011 C  C   . ALA A 1 130 ? -1.168  -0.376  13.027  1.00 6.21  ? 130 ALA A C   1 
ATOM   1012 O  O   . ALA A 1 130 ? -1.509  0.731   12.586  1.00 7.11  ? 130 ALA A O   1 
ATOM   1013 C  CB  . ALA A 1 130 ? -0.052  -0.609  15.296  1.00 5.40  ? 130 ALA A CB  1 
ATOM   1014 N  N   . MET A 1 131 ? -0.604  -1.328  12.285  1.00 5.27  ? 131 MET A N   1 
ATOM   1015 C  CA  . MET A 1 131 ? -0.402  -1.124  10.848  1.00 7.25  ? 131 MET A CA  1 
ATOM   1016 C  C   . MET A 1 131 ? -1.747  -0.902  10.163  1.00 7.41  ? 131 MET A C   1 
ATOM   1017 O  O   . MET A 1 131 ? -1.893  0.003   9.339   1.00 7.09  ? 131 MET A O   1 
ATOM   1018 C  CB  . MET A 1 131 ? 0.358   -2.306  10.212  1.00 7.06  ? 131 MET A CB  1 
ATOM   1019 C  CG  . MET A 1 131 ? 0.650   -2.089  8.711   1.00 7.63  ? 131 MET A CG  1 
ATOM   1020 S  SD  . MET A 1 131 ? 1.601   -0.566  8.334   1.00 10.16 ? 131 MET A SD  1 
ATOM   1021 C  CE  . MET A 1 131 ? 3.212   -1.098  8.867   1.00 9.19  ? 131 MET A CE  1 
ATOM   1022 N  N   . THR A 1 132 ? -2.729  -1.719  10.520  1.00 7.65  ? 132 THR A N   1 
ATOM   1023 C  CA  . THR A 1 132 ? -4.050  -1.589  9.913   1.00 8.86  ? 132 THR A CA  1 
ATOM   1024 C  C   . THR A 1 132 ? -4.603  -0.179  10.164  1.00 7.94  ? 132 THR A C   1 
ATOM   1025 O  O   . THR A 1 132 ? -5.103  0.451   9.233   1.00 6.99  ? 132 THR A O   1 
ATOM   1026 C  CB  . THR A 1 132 ? -5.021  -2.674  10.396  1.00 9.34  ? 132 THR A CB  1 
ATOM   1027 O  OG1 . THR A 1 132 ? -4.493  -3.972  10.069  1.00 10.85 ? 132 THR A OG1 1 
ATOM   1028 C  CG2 . THR A 1 132 ? -6.385  -2.504  9.702   1.00 11.43 ? 132 THR A CG2 1 
ATOM   1029 N  N   . LYS A 1 133 ? -4.478  0.311   11.398  1.00 8.18  ? 133 LYS A N   1 
ATOM   1030 C  CA  . LYS A 1 133 ? -4.930  1.699   11.752  1.00 8.57  ? 133 LYS A CA  1 
ATOM   1031 C  C   . LYS A 1 133 ? -4.203  2.783   10.968  1.00 7.73  ? 133 LYS A C   1 
ATOM   1032 O  O   . LYS A 1 133 ? -4.827  3.763   10.514  1.00 7.39  ? 133 LYS A O   1 
ATOM   1033 C  CB  . LYS A 1 133 ? -4.807  1.997   13.246  1.00 10.16 ? 133 LYS A CB  1 
ATOM   1034 C  CG  . LYS A 1 133 ? -5.717  1.152   14.144  1.00 14.24 ? 133 LYS A CG  1 
ATOM   1035 C  CD  . LYS A 1 133 ? -5.331  1.283   15.663  1.00 19.36 ? 133 LYS A CD  1 
ATOM   1036 C  CE  . LYS A 1 133 ? -5.575  2.668   16.224  1.00 23.82 ? 133 LYS A CE  1 
ATOM   1037 N  NZ  . LYS A 1 133 ? -5.555  2.674   17.765  1.00 24.42 ? 133 LYS A NZ  1 
ATOM   1038 N  N   . ALA A 1 134 ? -2.886  2.617   10.817  1.00 6.37  ? 134 ALA A N   1 
ATOM   1039 C  CA  . ALA A 1 134 ? -2.080  3.564   10.013  1.00 6.84  ? 134 ALA A CA  1 
ATOM   1040 C  C   . ALA A 1 134 ? -2.566  3.644   8.563   1.00 5.81  ? 134 ALA A C   1 
ATOM   1041 O  O   . ALA A 1 134 ? -2.666  4.743   7.995   1.00 6.51  ? 134 ALA A O   1 
ATOM   1042 C  CB  . ALA A 1 134 ? -0.574  3.161   10.062  1.00 5.49  ? 134 ALA A CB  1 
ATOM   1043 N  N   . LEU A 1 135 ? -2.813  2.490   7.951   1.00 6.88  ? 135 LEU A N   1 
ATOM   1044 C  CA  . LEU A 1 135 ? -3.280  2.411   6.557   1.00 7.08  ? 135 LEU A CA  1 
ATOM   1045 C  C   . LEU A 1 135 ? -4.703  2.961   6.430   1.00 7.65  ? 135 LEU A C   1 
ATOM   1046 O  O   . LEU A 1 135 ? -5.008  3.675   5.461   1.00 8.07  ? 135 LEU A O   1 
ATOM   1047 C  CB  . LEU A 1 135 ? -3.195  0.968   6.027   1.00 6.65  ? 135 LEU A CB  1 
ATOM   1048 C  CG  . LEU A 1 135 ? -1.748  0.398   6.061   1.00 7.49  ? 135 LEU A CG  1 
ATOM   1049 C  CD1 . LEU A 1 135 ? -1.691  -1.072  5.653   1.00 10.66 ? 135 LEU A CD1 1 
ATOM   1050 C  CD2 . LEU A 1 135 ? -0.758  1.241   5.248   1.00 11.09 ? 135 LEU A CD2 1 
ATOM   1051 N  N   . GLU A 1 136 ? -5.525  2.688   7.437   1.00 7.66  ? 136 GLU A N   1 
ATOM   1052 C  CA  . GLU A 1 136 ? -6.900  3.241   7.485   1.00 8.30  ? 136 GLU A CA  1 
ATOM   1053 C  C   . GLU A 1 136 ? -6.876  4.778   7.569   1.00 7.88  ? 136 GLU A C   1 
ATOM   1054 O  O   . GLU A 1 136 ? -7.662  5.445   6.887   1.00 7.28  ? 136 GLU A O   1 
ATOM   1055 C  CB  . GLU A 1 136 ? -7.703  2.628   8.643   1.00 8.80  ? 136 GLU A CB  1 
ATOM   1056 C  CG  . GLU A 1 136 ? -8.259  1.208   8.335   1.00 11.78 ? 136 GLU A CG  1 
ATOM   1057 C  CD  . GLU A 1 136 ? -8.848  0.490   9.557   1.00 15.30 ? 136 GLU A CD  1 
ATOM   1058 O  OE1 . GLU A 1 136 ? -8.834  1.044   10.675  1.00 15.82 ? 136 GLU A OE1 1 
ATOM   1059 O  OE2 . GLU A 1 136 ? -9.278  -0.682  9.411   1.00 19.29 ? 136 GLU A OE2 1 
ATOM   1060 N  N   . LEU A 1 137 ? -5.948  5.324   8.348   1.00 7.11  ? 137 LEU A N   1 
ATOM   1061 C  CA  . LEU A 1 137 ? -5.820  6.780   8.505   1.00 8.67  ? 137 LEU A CA  1 
ATOM   1062 C  C   . LEU A 1 137 ? -5.548  7.414   7.133   1.00 8.55  ? 137 LEU A C   1 
ATOM   1063 O  O   . LEU A 1 137 ? -6.234  8.369   6.729   1.00 8.57  ? 137 LEU A O   1 
ATOM   1064 C  CB  . LEU A 1 137 ? -4.719  7.134   9.536   1.00 8.63  ? 137 LEU A CB  1 
ATOM   1065 C  CG  . LEU A 1 137 ? -4.417  8.620   9.790   1.00 11.42 ? 137 LEU A CG  1 
ATOM   1066 C  CD1 . LEU A 1 137 ? -5.699  9.446   10.186  1.00 13.79 ? 137 LEU A CD1 1 
ATOM   1067 C  CD2 . LEU A 1 137 ? -3.265  8.829   10.831  1.00 11.94 ? 137 LEU A CD2 1 
ATOM   1068 N  N   . PHE A 1 138 ? -4.562  6.840   6.441   1.00 8.82  ? 138 PHE A N   1 
ATOM   1069 C  CA  . PHE A 1 138 ? -4.167  7.263   5.113   1.00 10.21 ? 138 PHE A CA  1 
ATOM   1070 C  C   . PHE A 1 138 ? -5.386  7.224   4.158   1.00 8.75  ? 138 PHE A C   1 
ATOM   1071 O  O   . PHE A 1 138 ? -5.728  8.238   3.529   1.00 8.32  ? 138 PHE A O   1 
ATOM   1072 C  CB  . PHE A 1 138 ? -3.015  6.351   4.619   1.00 11.20 ? 138 PHE A CB  1 
ATOM   1073 C  CG  . PHE A 1 138 ? -2.633  6.593   3.168   1.00 16.57 ? 138 PHE A CG  1 
ATOM   1074 C  CD1 . PHE A 1 138 ? -2.154  7.835   2.765   1.00 22.08 ? 138 PHE A CD1 1 
ATOM   1075 C  CD2 . PHE A 1 138 ? -2.787  5.583   2.209   1.00 22.11 ? 138 PHE A CD2 1 
ATOM   1076 C  CE1 . PHE A 1 138 ? -1.809  8.077   1.415   1.00 22.40 ? 138 PHE A CE1 1 
ATOM   1077 C  CE2 . PHE A 1 138 ? -2.442  5.807   0.858   1.00 23.29 ? 138 PHE A CE2 1 
ATOM   1078 C  CZ  . PHE A 1 138 ? -1.951  7.074   0.472   1.00 23.93 ? 138 PHE A CZ  1 
ATOM   1079 N  N   . ARG A 1 139 ? -6.043  6.063   4.077   1.00 9.10  ? 139 ARG A N   1 
ATOM   1080 C  CA  . ARG A 1 139 ? -7.236  5.879   3.236   1.00 9.28  ? 139 ARG A CA  1 
ATOM   1081 C  C   . ARG A 1 139 ? -8.353  6.892   3.593   1.00 8.70  ? 139 ARG A C   1 
ATOM   1082 O  O   . ARG A 1 139 ? -9.056  7.424   2.707   1.00 7.92  ? 139 ARG A O   1 
ATOM   1083 C  CB  . ARG A 1 139 ? -7.724  4.440   3.408   1.00 10.64 ? 139 ARG A CB  1 
ATOM   1084 C  CG  . ARG A 1 139 ? -8.750  3.971   2.441   1.00 14.05 ? 139 ARG A CG  1 
ATOM   1085 C  CD  . ARG A 1 139 ? -8.686  2.460   2.356   1.00 12.96 ? 139 ARG A CD  1 
ATOM   1086 N  NE  . ARG A 1 139 ? -9.300  1.721   3.457   1.00 10.22 ? 139 ARG A NE  1 
ATOM   1087 C  CZ  . ARG A 1 139 ? -8.651  0.934   4.309   1.00 10.74 ? 139 ARG A CZ  1 
ATOM   1088 N  NH1 . ARG A 1 139 ? -7.315  0.846   4.288   1.00 10.00 ? 139 ARG A NH1 1 
ATOM   1089 N  NH2 . ARG A 1 139 ? -9.328  0.243   5.214   1.00 10.62 ? 139 ARG A NH2 1 
ATOM   1090 N  N   . ASN A 1 140 ? -8.521  7.132   4.890   1.00 7.83  ? 140 ASN A N   1 
ATOM   1091 C  CA  . ASN A 1 140 ? -9.599  7.962   5.363   1.00 7.78  ? 140 ASN A CA  1 
ATOM   1092 C  C   . ASN A 1 140 ? -9.356  9.416   4.935   1.00 8.16  ? 140 ASN A C   1 
ATOM   1093 O  O   . ASN A 1 140 ? -10.288 10.132  4.532   1.00 7.71  ? 140 ASN A O   1 
ATOM   1094 C  CB  . ASN A 1 140 ? -9.753  7.827   6.872   1.00 8.43  ? 140 ASN A CB  1 
ATOM   1095 C  CG  . ASN A 1 140 ? -11.072 8.434   7.371   1.00 12.16 ? 140 ASN A CG  1 
ATOM   1096 O  OD1 . ASN A 1 140 ? -12.159 7.888   7.140   1.00 14.52 ? 140 ASN A OD1 1 
ATOM   1097 N  ND2 . ASN A 1 140 ? -10.968 9.554   8.043   1.00 9.11  ? 140 ASN A ND2 1 
ATOM   1098 N  N   . ASP A 1 141 ? -8.103  9.842   5.038   1.00 7.66  ? 141 ASP A N   1 
ATOM   1099 C  CA  . ASP A 1 141 ? -7.723  11.182  4.595   1.00 7.79  ? 141 ASP A CA  1 
ATOM   1100 C  C   . ASP A 1 141 ? -7.881  11.333  3.072   1.00 8.10  ? 141 ASP A C   1 
ATOM   1101 O  O   . ASP A 1 141 ? -8.391  12.357  2.594   1.00 9.37  ? 141 ASP A O   1 
ATOM   1102 C  CB  . ASP A 1 141 ? -6.294  11.470  5.055   1.00 8.02  ? 141 ASP A CB  1 
ATOM   1103 C  CG  . ASP A 1 141 ? -6.200  11.810  6.543   1.00 10.05 ? 141 ASP A CG  1 
ATOM   1104 O  OD1 . ASP A 1 141 ? -7.250  12.024  7.216   1.00 12.70 ? 141 ASP A OD1 1 
ATOM   1105 O  OD2 . ASP A 1 141 ? -5.051  11.897  7.046   1.00 12.08 ? 141 ASP A OD2 1 
ATOM   1106 N  N   . ILE A 1 142 ? -7.478  10.305  2.320   1.00 7.51  ? 142 ILE A N   1 
ATOM   1107 C  CA  . ILE A 1 142 ? -7.635  10.307  0.838   1.00 7.93  ? 142 ILE A CA  1 
ATOM   1108 C  C   . ILE A 1 142 ? -9.134  10.370  0.489   1.00 8.58  ? 142 ILE A C   1 
ATOM   1109 O  O   . ILE A 1 142 ? -9.537  11.081  -0.448  1.00 8.68  ? 142 ILE A O   1 
ATOM   1110 C  CB  . ILE A 1 142 ? -7.011  9.048   0.178   1.00 7.83  ? 142 ILE A CB  1 
ATOM   1111 C  CG1 . ILE A 1 142 ? -5.487  9.074   0.319   1.00 10.27 ? 142 ILE A CG1 1 
ATOM   1112 C  CG2 . ILE A 1 142 ? -7.453  8.904   -1.332  1.00 8.40  ? 142 ILE A CG2 1 
ATOM   1113 C  CD1 . ILE A 1 142 ? -4.850  7.749   0.145   1.00 13.51 ? 142 ILE A CD1 1 
ATOM   1114 N  N   . ALA A 1 143 ? -9.944  9.597   1.223   1.00 7.64  ? 143 ALA A N   1 
ATOM   1115 C  CA  . ALA A 1 143 ? -11.412 9.577   1.000   1.00 8.58  ? 143 ALA A CA  1 
ATOM   1116 C  C   . ALA A 1 143 ? -11.990 10.994  1.110   1.00 8.93  ? 143 ALA A C   1 
ATOM   1117 O  O   . ALA A 1 143 ? -12.865 11.366  0.336   1.00 9.56  ? 143 ALA A O   1 
ATOM   1118 C  CB  . ALA A 1 143 ? -12.110 8.670   1.973   1.00 8.12  ? 143 ALA A CB  1 
ATOM   1119 N  N   . ALA A 1 144 ? -11.544 11.759  2.101   1.00 8.63  ? 144 ALA A N   1 
ATOM   1120 C  CA  . ALA A 1 144 ? -11.997 13.153  2.230   1.00 9.01  ? 144 ALA A CA  1 
ATOM   1121 C  C   . ALA A 1 144 ? -11.651 13.965  0.972   1.00 9.63  ? 144 ALA A C   1 
ATOM   1122 O  O   . ALA A 1 144 ? -12.492 14.745  0.495   1.00 10.07 ? 144 ALA A O   1 
ATOM   1123 C  CB  . ALA A 1 144 ? -11.428 13.813  3.483   1.00 8.26  ? 144 ALA A CB  1 
ATOM   1124 N  N   . LYS A 1 145 ? -10.452 13.753  0.414   1.00 9.25  ? 145 LYS A N   1 
ATOM   1125 C  CA  . LYS A 1 145 ? -10.041 14.441  -0.801  1.00 9.50  ? 145 LYS A CA  1 
ATOM   1126 C  C   . LYS A 1 145 ? -10.891 14.000  -1.996  1.00 9.79  ? 145 LYS A C   1 
ATOM   1127 O  O   . LYS A 1 145 ? -11.247 14.824  -2.832  1.00 10.35 ? 145 LYS A O   1 
ATOM   1128 C  CB  . LYS A 1 145 ? -8.537  14.253  -1.093  1.00 10.28 ? 145 LYS A CB  1 
ATOM   1129 C  CG  . LYS A 1 145 ? -7.576  14.750  0.006   1.00 12.48 ? 145 LYS A CG  1 
ATOM   1130 C  CD  . LYS A 1 145 ? -7.681  16.234  0.294   1.00 14.99 ? 145 LYS A CD  1 
ATOM   1131 C  CE  . LYS A 1 145 ? -6.551  16.650  1.239   1.00 18.63 ? 145 LYS A CE  1 
ATOM   1132 N  NZ  . LYS A 1 145 ? -6.785  18.030  1.754   1.00 20.63 ? 145 LYS A NZ  1 
ATOM   1133 N  N   . TYR A 1 146 ? -11.188 12.700  -2.072  1.00 8.83  ? 146 TYR A N   1 
ATOM   1134 C  CA  . TYR A 1 146 ? -12.077 12.161  -3.092  1.00 8.97  ? 146 TYR A CA  1 
ATOM   1135 C  C   . TYR A 1 146 ? -13.436 12.850  -2.986  1.00 9.93  ? 146 TYR A C   1 
ATOM   1136 O  O   . TYR A 1 146 ? -13.991 13.301  -3.995  1.00 10.85 ? 146 TYR A O   1 
ATOM   1137 C  CB  . TYR A 1 146 ? -12.223 10.645  -2.926  1.00 8.05  ? 146 TYR A CB  1 
ATOM   1138 C  CG  . TYR A 1 146 ? -11.156 9.794   -3.603  1.00 9.93  ? 146 TYR A CG  1 
ATOM   1139 C  CD1 . TYR A 1 146 ? -9.844  10.228  -3.750  1.00 8.60  ? 146 TYR A CD1 1 
ATOM   1140 C  CD2 . TYR A 1 146 ? -11.474 8.517   -4.043  1.00 11.09 ? 146 TYR A CD2 1 
ATOM   1141 C  CE1 . TYR A 1 146 ? -8.868  9.415   -4.394  1.00 9.07  ? 146 TYR A CE1 1 
ATOM   1142 C  CE2 . TYR A 1 146 ? -10.530 7.693   -4.664  1.00 11.23 ? 146 TYR A CE2 1 
ATOM   1143 C  CZ  . TYR A 1 146 ? -9.236  8.140   -4.848  1.00 10.77 ? 146 TYR A CZ  1 
ATOM   1144 O  OH  . TYR A 1 146 ? -8.351  7.304   -5.476  1.00 10.42 ? 146 TYR A OH  1 
ATOM   1145 N  N   . LYS A 1 147 ? -13.966 12.944  -1.764  1.00 9.82  ? 147 LYS A N   1 
ATOM   1146 C  CA  . LYS A 1 147 ? -15.275 13.570  -1.587  1.00 11.09 ? 147 LYS A CA  1 
ATOM   1147 C  C   . LYS A 1 147 ? -15.260 15.030  -2.041  1.00 11.04 ? 147 LYS A C   1 
ATOM   1148 O  O   . LYS A 1 147 ? -16.154 15.461  -2.769  1.00 11.70 ? 147 LYS A O   1 
ATOM   1149 C  CB  . LYS A 1 147 ? -15.798 13.428  -0.159  1.00 11.72 ? 147 LYS A CB  1 
ATOM   1150 C  CG  . LYS A 1 147 ? -17.274 13.768  -0.029  1.00 13.91 ? 147 LYS A CG  1 
ATOM   1151 C  CD  . LYS A 1 147 ? -17.681 13.782  1.428   1.00 17.47 ? 147 LYS A CD  1 
ATOM   1152 C  CE  . LYS A 1 147 ? -19.090 14.352  1.665   1.00 22.91 ? 147 LYS A CE  1 
ATOM   1153 N  NZ  . LYS A 1 147 ? -19.214 15.855  1.604   1.00 23.15 ? 147 LYS A NZ  1 
ATOM   1154 N  N   . GLU A 1 148 ? -14.237 15.768  -1.645  1.00 10.30 ? 148 GLU A N   1 
ATOM   1155 C  CA  . GLU A 1 148 ? -14.043 17.147  -2.109  1.00 12.20 ? 148 GLU A CA  1 
ATOM   1156 C  C   . GLU A 1 148 ? -14.136 17.258  -3.644  1.00 12.53 ? 148 GLU A C   1 
ATOM   1157 O  O   . GLU A 1 148 ? -14.887 18.107  -4.169  1.00 12.53 ? 148 GLU A O   1 
ATOM   1158 C  CB  . GLU A 1 148 ? -12.710 17.687  -1.608  1.00 11.91 ? 148 GLU A CB  1 
ATOM   1159 C  CG  . GLU A 1 148 ? -12.386 19.097  -2.052  1.00 14.94 ? 148 GLU A CG  1 
ATOM   1160 C  CD  . GLU A 1 148 ? -10.952 19.475  -1.756  1.00 19.51 ? 148 GLU A CD  1 
ATOM   1161 O  OE1 . GLU A 1 148 ? -10.312 18.826  -0.913  1.00 22.34 ? 148 GLU A OE1 1 
ATOM   1162 O  OE2 . GLU A 1 148 ? -10.457 20.427  -2.376  1.00 22.66 ? 148 GLU A OE2 1 
ATOM   1163 N  N   . LEU A 1 149 ? -13.396 16.395  -4.346  1.00 11.68 ? 149 LEU A N   1 
ATOM   1164 C  CA  . LEU A 1 149 ? -13.373 16.352  -5.822  1.00 11.76 ? 149 LEU A CA  1 
ATOM   1165 C  C   . LEU A 1 149 ? -14.662 15.774  -6.438  1.00 13.06 ? 149 LEU A C   1 
ATOM   1166 O  O   . LEU A 1 149 ? -14.862 15.893  -7.657  1.00 13.11 ? 149 LEU A O   1 
ATOM   1167 C  CB  . LEU A 1 149 ? -12.169 15.518  -6.307  1.00 12.06 ? 149 LEU A CB  1 
ATOM   1168 C  CG  . LEU A 1 149 ? -10.782 16.033  -5.934  1.00 11.89 ? 149 LEU A CG  1 
ATOM   1169 C  CD1 . LEU A 1 149 ? -9.750  14.962  -6.242  1.00 14.10 ? 149 LEU A CD1 1 
ATOM   1170 C  CD2 . LEU A 1 149 ? -10.436 17.379  -6.633  1.00 15.46 ? 149 LEU A CD2 1 
ATOM   1171 N  N   . GLY A 1 150 ? -15.516 15.132  -5.631  1.00 12.66 ? 150 GLY A N   1 
ATOM   1172 C  CA  . GLY A 1 150 ? -16.730 14.499  -6.180  1.00 14.30 ? 150 GLY A CA  1 
ATOM   1173 C  C   . GLY A 1 150 ? -16.438 13.224  -6.952  1.00 14.84 ? 150 GLY A C   1 
ATOM   1174 O  O   . GLY A 1 150 ? -17.189 12.824  -7.832  1.00 13.70 ? 150 GLY A O   1 
ATOM   1175 N  N   . PHE A 1 151 ? -15.307 12.604  -6.656  1.00 17.32 ? 151 PHE A N   1 
ATOM   1176 C  CA  . PHE A 1 151 ? -14.971 11.339  -7.274  1.00 21.20 ? 151 PHE A CA  1 
ATOM   1177 C  C   . PHE A 1 151 ? -15.667 10.224  -6.534  1.00 24.05 ? 151 PHE A C   1 
ATOM   1178 O  O   . PHE A 1 151 ? -15.480 10.085  -5.299  1.00 24.28 ? 151 PHE A O   1 
ATOM   1179 C  CB  . PHE A 1 151 ? -13.468 11.082  -7.214  1.00 22.12 ? 151 PHE A CB  1 
ATOM   1180 C  CG  . PHE A 1 151 ? -13.051 9.759   -7.822  1.00 23.10 ? 151 PHE A CG  1 
ATOM   1181 C  CD1 . PHE A 1 151 ? -13.027 9.583   -9.189  1.00 25.37 ? 151 PHE A CD1 1 
ATOM   1182 C  CD2 . PHE A 1 151 ? -12.677 8.702   -7.024  1.00 25.55 ? 151 PHE A CD2 1 
ATOM   1183 C  CE1 . PHE A 1 151 ? -12.644 8.369   -9.747  1.00 24.76 ? 151 PHE A CE1 1 
ATOM   1184 C  CE2 . PHE A 1 151 ? -12.281 7.487   -7.582  1.00 26.83 ? 151 PHE A CE2 1 
ATOM   1185 C  CZ  . PHE A 1 151 ? -12.275 7.327   -8.949  1.00 23.80 ? 151 PHE A CZ  1 
ATOM   1186 N  N   . GLN A 1 152 ? -16.481 9.455   -7.263  1.00 25.88 ? 152 GLN A N   1 
ATOM   1187 C  CA  . GLN A 1 152 ? -16.852 8.091   -6.806  1.00 28.64 ? 152 GLN A CA  1 
ATOM   1188 C  C   . GLN A 1 152 ? -16.394 6.959   -7.745  1.00 29.19 ? 152 GLN A C   1 
ATOM   1189 O  O   . GLN A 1 152 ? -16.014 7.190   -8.907  1.00 30.56 ? 152 GLN A O   1 
ATOM   1190 C  CB  . GLN A 1 152 ? -18.348 7.966   -6.523  1.00 28.81 ? 152 GLN A CB  1 
ATOM   1191 C  CG  . GLN A 1 152 ? -18.810 8.665   -5.214  1.00 32.62 ? 152 GLN A CG  1 
ATOM   1192 C  CD  . GLN A 1 152 ? -18.557 7.851   -3.931  1.00 36.44 ? 152 GLN A CD  1 
ATOM   1193 O  OE1 . GLN A 1 152 ? -17.761 6.905   -3.914  1.00 39.28 ? 152 GLN A OE1 1 
ATOM   1194 N  NE2 . GLN A 1 152 ? -19.245 8.225   -2.851  1.00 36.52 ? 152 GLN A NE2 1 
HETATM 1195 S  S   . SO4 B 2 .   ? 9.428   -6.872  -17.897 1.00 15.26 ? 154 SO4 A S   1 
HETATM 1196 O  O1  . SO4 B 2 .   ? 7.975   -7.042  -17.591 1.00 17.72 ? 154 SO4 A O1  1 
HETATM 1197 O  O2  . SO4 B 2 .   ? 9.998   -5.739  -17.195 1.00 12.16 ? 154 SO4 A O2  1 
HETATM 1198 O  O3  . SO4 B 2 .   ? 10.102  -8.066  -17.401 1.00 13.33 ? 154 SO4 A O3  1 
HETATM 1199 O  O4  . SO4 B 2 .   ? 9.592   -6.747  -19.329 1.00 14.06 ? 154 SO4 A O4  1 
HETATM 1200 S  S   . SO4 C 2 .   ? 0.067   18.101  8.342   1.00 39.14 ? 155 SO4 A S   1 
HETATM 1201 O  O1  . SO4 C 2 .   ? -0.635  19.346  8.009   1.00 39.96 ? 155 SO4 A O1  1 
HETATM 1202 O  O2  . SO4 C 2 .   ? 0.265   18.007  9.798   1.00 38.49 ? 155 SO4 A O2  1 
HETATM 1203 O  O3  . SO4 C 2 .   ? -0.732  16.979  7.867   1.00 40.31 ? 155 SO4 A O3  1 
HETATM 1204 O  O4  . SO4 C 2 .   ? 1.366   18.077  7.671   1.00 39.43 ? 155 SO4 A O4  1 
HETATM 1205 S  S   . SO4 D 2 .   ? 14.045  -12.286 -7.677  1.00 39.87 ? 156 SO4 A S   1 
HETATM 1206 O  O1  . SO4 D 2 .   ? 13.741  -12.893 -8.965  1.00 39.61 ? 156 SO4 A O1  1 
HETATM 1207 O  O2  . SO4 D 2 .   ? 13.207  -11.097 -7.515  1.00 40.61 ? 156 SO4 A O2  1 
HETATM 1208 O  O3  . SO4 D 2 .   ? 13.761  -13.269 -6.627  1.00 39.21 ? 156 SO4 A O3  1 
HETATM 1209 O  O4  . SO4 D 2 .   ? 15.448  -11.882 -7.664  1.00 38.01 ? 156 SO4 A O4  1 
HETATM 1210 C  C   . CYN E 3 .   ? 0.615   2.821   -7.092  1.00 19.29 ? 157 CYN A C   1 
HETATM 1211 N  N   . CYN E 3 .   ? 0.922   1.749   -7.283  1.00 22.15 ? 157 CYN A N   1 
HETATM 1212 N  N1  . HKL F 4 .   ? -0.535  4.238   -4.662  1.00 12.43 ? 158 HKL A N1  1 
HETATM 1213 C  C1  . HKL F 4 .   ? 0.387   4.908   -3.935  1.00 12.92 ? 158 HKL A C1  1 
HETATM 1214 C  C2  . HKL F 4 .   ? 0.397   4.663   -2.571  1.00 13.33 ? 158 HKL A C2  1 
HETATM 1215 C  C7  . HKL F 4 .   ? -1.256  3.565   -3.754  1.00 11.32 ? 158 HKL A C7  1 
HETATM 1216 C  C6  . HKL F 4 .   ? -0.515  2.097   -0.790  1.00 15.73 ? 158 HKL A C6  1 
HETATM 1217 C  C5  . HKL F 4 .   ? -1.288  3.110   -1.200  1.00 14.09 ? 158 HKL A C5  1 
HETATM 1218 C  C4  . HKL F 4 .   ? -0.776  3.730   -2.456  1.00 12.68 ? 158 HKL A C4  1 
HETATM 1219 C  C3  . HKL F 4 .   ? 1.295   5.234   -1.505  1.00 13.76 ? 158 HKL A C3  1 
HETATM 1220 N  N2  . HKL F 4 .   ? -2.371  2.941   -6.597  1.00 10.72 ? 158 HKL A N2  1 
HETATM 1221 O  O1  . HKL F 4 .   ? 0.329   5.624   -12.832 1.00 20.41 ? 158 HKL A O1  1 
HETATM 1222 C  C21 . HKL F 4 .   ? 0.277   5.538   -11.560 1.00 17.97 ? 158 HKL A C21 1 
HETATM 1223 C  C20 . HKL F 4 .   ? -0.613  4.754   -10.868 1.00 15.47 ? 158 HKL A C20 1 
HETATM 1224 C  C23 . HKL F 4 .   ? -0.318  4.973   -9.598  1.00 16.30 ? 158 HKL A C23 1 
HETATM 1225 C  C24 . HKL F 4 .   ? 0.773   5.890   -9.392  1.00 15.19 ? 158 HKL A C24 1 
HETATM 1226 C  C22 . HKL F 4 .   ? 1.146   6.264   -10.701 1.00 18.03 ? 158 HKL A C22 1 
HETATM 1227 C  C18 . HKL F 4 .   ? -1.731  3.752   -10.924 1.00 14.78 ? 158 HKL A C18 1 
HETATM 1228 C  C19 . HKL F 4 .   ? -2.411  3.224   -12.133 1.00 11.77 ? 158 HKL A C19 1 
HETATM 1229 C  C17 . HKL F 4 .   ? -1.932  3.539   -9.556  1.00 13.48 ? 158 HKL A C17 1 
HETATM 1230 N  N3  . HKL F 4 .   ? -1.101  4.243   -8.785  1.00 12.60 ? 158 HKL A N3  1 
HETATM 1231 C  C16 . HKL F 4 .   ? -2.711  2.777   -8.808  1.00 11.39 ? 158 HKL A C16 1 
HETATM 1232 C  C15 . HKL F 4 .   ? -3.051  2.335   -7.587  1.00 12.08 ? 158 HKL A C15 1 
HETATM 1233 C  C12 . HKL F 4 .   ? -3.998  1.383   -7.189  1.00 12.88 ? 158 HKL A C12 1 
HETATM 1234 C  C13 . HKL F 4 .   ? -4.929  0.544   -8.039  1.00 16.30 ? 158 HKL A C13 1 
HETATM 1235 C  C14 . HKL F 4 .   ? -4.226  -0.763  -8.294  1.00 18.30 ? 158 HKL A C14 1 
HETATM 1236 C  C10 . HKL F 4 .   ? -3.882  1.393   -5.707  1.00 10.79 ? 158 HKL A C10 1 
HETATM 1237 C  C11 . HKL F 4 .   ? -4.656  0.599   -4.696  1.00 12.72 ? 158 HKL A C11 1 
HETATM 1238 C  C9  . HKL F 4 .   ? -2.843  2.420   -5.470  1.00 9.84  ? 158 HKL A C9  1 
HETATM 1239 C  C8  . HKL F 4 .   ? -2.229  2.858   -4.347  1.00 11.45 ? 158 HKL A C8  1 
HETATM 1240 C  C34 . HKL F 4 .   ? 1.184   5.603   -4.746  1.00 13.98 ? 158 HKL A C34 1 
HETATM 1241 FE FE  . HKL F 4 .   ? -0.800  4.356   -6.766  1.00 13.67 ? 158 HKL A FE  1 
HETATM 1242 N  N4  . HKL F 4 .   ? 0.735   5.593   -6.909  1.00 13.25 ? 158 HKL A N4  1 
HETATM 1243 C  C25 . HKL F 4 .   ? 1.175   6.185   -7.993  1.00 15.27 ? 158 HKL A C25 1 
HETATM 1244 C  C33 . HKL F 4 .   ? 1.523   5.989   -5.895  1.00 12.90 ? 158 HKL A C33 1 
HETATM 1245 C  C31 . HKL F 4 .   ? 2.680   6.860   -6.324  1.00 13.77 ? 158 HKL A C31 1 
HETATM 1246 C  C32 . HKL F 4 .   ? 3.975   6.040   -6.342  1.00 13.34 ? 158 HKL A C32 1 
HETATM 1247 C  C26 . HKL F 4 .   ? 2.231   7.249   -7.727  1.00 14.86 ? 158 HKL A C26 1 
HETATM 1248 C  C27 . HKL F 4 .   ? 1.661   8.681   -7.773  1.00 13.95 ? 158 HKL A C27 1 
HETATM 1249 C  C28 . HKL F 4 .   ? 2.608   9.759   -7.164  1.00 15.37 ? 158 HKL A C28 1 
HETATM 1250 C  C29 . HKL F 4 .   ? 1.926   11.091  -6.881  1.00 14.42 ? 158 HKL A C29 1 
HETATM 1251 O  O4  . HKL F 4 .   ? 0.659   11.316  -7.183  1.00 13.37 ? 158 HKL A O4  1 
HETATM 1252 O  O2  . HKL F 4 .   ? 2.668   12.203  -6.313  1.00 15.72 ? 158 HKL A O2  1 
HETATM 1253 C  C30 . HKL F 4 .   ? 1.957   13.378  -5.936  1.00 13.52 ? 158 HKL A C30 1 
HETATM 1254 O  O   . HOH G 5 .   ? 6.433   -5.154  -18.804 1.00 10.80 ? 159 HOH A O   1 
HETATM 1255 O  O   . HOH G 5 .   ? 0.637   -4.365  -20.865 1.00 14.28 ? 160 HOH A O   1 
HETATM 1256 O  O   . HOH G 5 .   ? 6.368   -8.811  -18.497 1.00 17.70 ? 161 HOH A O   1 
HETATM 1257 O  O   . HOH G 5 .   ? 1.217   8.929   8.042   1.00 9.99  ? 162 HOH A O   1 
HETATM 1258 O  O   . HOH G 5 .   ? -12.917 10.545  5.185   1.00 11.73 ? 163 HOH A O   1 
HETATM 1259 O  O   . HOH G 5 .   ? 8.372   -16.592 -12.868 1.00 10.34 ? 164 HOH A O   1 
HETATM 1260 O  O   . HOH G 5 .   ? -0.560  -10.666 13.432  1.00 9.93  ? 165 HOH A O   1 
HETATM 1261 O  O   . HOH G 5 .   ? 11.636  -10.532 9.662   1.00 9.54  ? 166 HOH A O   1 
HETATM 1262 O  O   . HOH G 5 .   ? -7.997  14.600  3.965   1.00 14.41 ? 167 HOH A O   1 
HETATM 1263 O  O   . HOH G 5 .   ? 0.016   -13.809 6.161   1.00 18.73 ? 168 HOH A O   1 
HETATM 1264 O  O   . HOH G 5 .   ? 4.673   -8.000  17.303  1.00 17.84 ? 169 HOH A O   1 
HETATM 1265 O  O   . HOH G 5 .   ? -10.726 23.123  -2.468  1.00 11.14 ? 170 HOH A O   1 
HETATM 1266 O  O   . HOH G 5 .   ? -5.605  -11.340 9.104   1.00 10.53 ? 171 HOH A O   1 
HETATM 1267 O  O   . HOH G 5 .   ? -7.338  -8.468  -14.549 1.00 14.68 ? 172 HOH A O   1 
HETATM 1268 O  O   . HOH G 5 .   ? 8.714   8.254   -2.625  1.00 10.45 ? 173 HOH A O   1 
HETATM 1269 O  O   . HOH G 5 .   ? 8.055   -9.180  -10.272 1.00 12.89 ? 174 HOH A O   1 
HETATM 1270 O  O   . HOH G 5 .   ? 5.447   9.501   0.053   1.00 15.52 ? 175 HOH A O   1 
HETATM 1271 O  O   . HOH G 5 .   ? -12.472 -8.082  -5.353  1.00 14.95 ? 176 HOH A O   1 
HETATM 1272 O  O   . HOH G 5 .   ? -0.117  -12.290 17.616  1.00 11.98 ? 177 HOH A O   1 
HETATM 1273 O  O   . HOH G 5 .   ? 12.433  -9.691  -12.745 1.00 17.30 ? 178 HOH A O   1 
HETATM 1274 O  O   . HOH G 5 .   ? 7.067   12.792  16.440  1.00 15.49 ? 179 HOH A O   1 
HETATM 1275 O  O   . HOH G 5 .   ? 8.718   10.992  5.534   1.00 20.48 ? 180 HOH A O   1 
HETATM 1276 O  O   . HOH G 5 .   ? -14.787 9.348   -0.635  1.00 15.49 ? 181 HOH A O   1 
HETATM 1277 O  O   . HOH G 5 .   ? -14.816 -3.438  3.767   1.00 14.40 ? 182 HOH A O   1 
HETATM 1278 O  O   . HOH G 5 .   ? 10.436  2.540   9.189   1.00 17.77 ? 183 HOH A O   1 
HETATM 1279 O  O   . HOH G 5 .   ? 3.149   -18.625 -16.843 1.00 11.18 ? 184 HOH A O   1 
HETATM 1280 O  O   . HOH G 5 .   ? -8.579  -1.870  7.076   1.00 16.53 ? 185 HOH A O   1 
HETATM 1281 O  O   . HOH G 5 .   ? -12.055 -9.634  -7.161  1.00 13.79 ? 186 HOH A O   1 
HETATM 1282 O  O   . HOH G 5 .   ? 8.528   6.076   -4.403  1.00 11.82 ? 187 HOH A O   1 
HETATM 1283 O  O   . HOH G 5 .   ? -1.452  -12.754 15.128  1.00 12.30 ? 188 HOH A O   1 
HETATM 1284 O  O   . HOH G 5 .   ? -5.029  -11.509 -11.880 1.00 15.39 ? 189 HOH A O   1 
HETATM 1285 O  O   . HOH G 5 .   ? 10.441  5.442   2.036   1.00 17.62 ? 190 HOH A O   1 
HETATM 1286 O  O   . HOH G 5 .   ? 0.215   1.862   -16.769 1.00 18.92 ? 191 HOH A O   1 
HETATM 1287 O  O   . HOH G 5 .   ? -14.190 5.562   -4.379  1.00 20.77 ? 192 HOH A O   1 
HETATM 1288 O  O   . HOH G 5 .   ? 16.228  -3.605  -12.132 1.00 16.43 ? 193 HOH A O   1 
HETATM 1289 O  O   . HOH G 5 .   ? 5.672   8.977   18.105  1.00 22.65 ? 194 HOH A O   1 
HETATM 1290 O  O   . HOH G 5 .   ? 4.706   -12.421 16.811  1.00 17.35 ? 195 HOH A O   1 
HETATM 1291 O  O   . HOH G 5 .   ? 6.502   -4.095  15.013  1.00 16.03 ? 196 HOH A O   1 
HETATM 1292 O  O   . HOH G 5 .   ? 3.185   -15.662 9.548   1.00 18.96 ? 197 HOH A O   1 
HETATM 1293 O  O   . HOH G 5 .   ? -18.567 11.925  -10.112 1.00 25.54 ? 198 HOH A O   1 
HETATM 1294 O  O   . HOH G 5 .   ? -11.940 11.001  -11.978 1.00 23.24 ? 199 HOH A O   1 
HETATM 1295 O  O   . HOH G 5 .   ? 10.292  -9.931  12.071  1.00 20.62 ? 200 HOH A O   1 
HETATM 1296 O  O   . HOH G 5 .   ? -15.362 14.152  3.835   1.00 19.77 ? 201 HOH A O   1 
HETATM 1297 O  O   . HOH G 5 .   ? 11.186  5.200   -5.370  1.00 17.74 ? 202 HOH A O   1 
HETATM 1298 O  O   . HOH G 5 .   ? -8.401  -8.358  0.444   1.00 21.39 ? 203 HOH A O   1 
HETATM 1299 O  O   . HOH G 5 .   ? -5.427  -7.851  -1.379  1.00 23.73 ? 204 HOH A O   1 
HETATM 1300 O  O   . HOH G 5 .   ? 10.608  2.954   3.147   1.00 24.65 ? 205 HOH A O   1 
HETATM 1301 O  O   . HOH G 5 .   ? -13.771 -2.329  -10.407 1.00 18.25 ? 206 HOH A O   1 
HETATM 1302 O  O   . HOH G 5 .   ? 0.551   8.480   22.099  1.00 19.46 ? 207 HOH A O   1 
HETATM 1303 O  O   . HOH G 5 .   ? -14.698 11.522  3.233   1.00 17.10 ? 208 HOH A O   1 
HETATM 1304 O  O   . HOH G 5 .   ? 6.573   6.549   18.848  1.00 16.33 ? 209 HOH A O   1 
HETATM 1305 O  O   . HOH G 5 .   ? 9.975   1.976   15.212  1.00 21.14 ? 210 HOH A O   1 
HETATM 1306 O  O   . HOH G 5 .   ? -5.004  -9.964  0.852   1.00 26.94 ? 211 HOH A O   1 
HETATM 1307 O  O   . HOH G 5 .   ? 7.020   7.778   -5.936  1.00 22.45 ? 212 HOH A O   1 
HETATM 1308 O  O   . HOH G 5 .   ? -10.950 17.804  1.506   1.00 21.51 ? 213 HOH A O   1 
HETATM 1309 O  O   . HOH G 5 .   ? 13.381  2.934   -2.638  1.00 23.29 ? 214 HOH A O   1 
HETATM 1310 O  O   . HOH G 5 .   ? 1.833   11.142  23.583  1.00 23.83 ? 215 HOH A O   1 
HETATM 1311 O  O   . HOH G 5 .   ? 13.142  -2.303  12.353  1.00 23.21 ? 216 HOH A O   1 
HETATM 1312 O  O   . HOH G 5 .   ? 6.958   11.292  1.668   1.00 20.94 ? 217 HOH A O   1 
HETATM 1313 O  O   . HOH G 5 .   ? -1.794  18.017  -6.941  1.00 18.36 ? 218 HOH A O   1 
HETATM 1314 O  O   . HOH G 5 .   ? 5.476   -2.942  -17.429 1.00 16.94 ? 219 HOH A O   1 
HETATM 1315 O  O   . HOH G 5 .   ? -6.751  -1.991  13.810  1.00 19.88 ? 220 HOH A O   1 
HETATM 1316 O  O   . HOH G 5 .   ? -6.008  -0.926  6.511   1.00 27.56 ? 221 HOH A O   1 
HETATM 1317 O  O   . HOH G 5 .   ? 8.841   -17.716 -15.341 1.00 20.74 ? 222 HOH A O   1 
HETATM 1318 O  O   . HOH G 5 .   ? -1.405  15.447  -8.127  1.00 18.91 ? 223 HOH A O   1 
HETATM 1319 O  O   . HOH G 5 .   ? 3.327   12.243  20.606  1.00 24.68 ? 224 HOH A O   1 
HETATM 1320 O  O   . HOH G 5 .   ? 9.461   -10.887 -17.992 1.00 23.52 ? 225 HOH A O   1 
HETATM 1321 O  O   . HOH G 5 .   ? 2.377   11.844  15.066  1.00 32.56 ? 226 HOH A O   1 
HETATM 1322 O  O   . HOH G 5 .   ? -9.142  -13.872 -6.978  1.00 22.43 ? 227 HOH A O   1 
HETATM 1323 O  O   . HOH G 5 .   ? -5.090  2.314   2.864   1.00 17.05 ? 228 HOH A O   1 
HETATM 1324 O  O   . HOH G 5 .   ? 1.827   3.354   23.991  1.00 41.28 ? 229 HOH A O   1 
HETATM 1325 O  O   . HOH G 5 .   ? -2.831  2.629   -16.251 1.00 25.80 ? 230 HOH A O   1 
HETATM 1326 O  O   . HOH G 5 .   ? 7.625   6.061   21.388  1.00 21.07 ? 231 HOH A O   1 
HETATM 1327 O  O   . HOH G 5 .   ? -8.865  10.988  9.272   1.00 24.32 ? 232 HOH A O   1 
HETATM 1328 O  O   . HOH G 5 .   ? -10.719 -1.993  -12.709 1.00 24.43 ? 233 HOH A O   1 
HETATM 1329 O  O   . HOH G 5 .   ? -14.377 -6.260  0.921   1.00 30.11 ? 234 HOH A O   1 
HETATM 1330 O  O   . HOH G 5 .   ? 7.087   2.160   -11.698 1.00 24.99 ? 235 HOH A O   1 
HETATM 1331 O  O   . HOH G 5 .   ? -9.128  16.776  -3.110  1.00 23.42 ? 236 HOH A O   1 
HETATM 1332 O  O   . HOH G 5 .   ? -5.918  3.726   -14.394 1.00 23.36 ? 237 HOH A O   1 
HETATM 1333 O  O   . HOH G 5 .   ? -4.866  -9.294  4.859   1.00 26.50 ? 238 HOH A O   1 
HETATM 1334 O  O   . HOH G 5 .   ? -5.406  -14.177 -15.116 1.00 25.52 ? 239 HOH A O   1 
HETATM 1335 O  O   . HOH G 5 .   ? 5.653   -17.985 -17.690 1.00 22.11 ? 240 HOH A O   1 
HETATM 1336 O  O   . HOH G 5 .   ? 11.568  6.880   3.687   1.00 27.46 ? 241 HOH A O   1 
HETATM 1337 O  O   . HOH G 5 .   ? -10.315 6.917   -1.257  1.00 33.51 ? 242 HOH A O   1 
HETATM 1338 O  O   . HOH G 5 .   ? 5.111   13.250  18.144  1.00 24.00 ? 243 HOH A O   1 
HETATM 1339 O  O   . HOH G 5 .   ? -9.384  13.820  6.741   1.00 26.81 ? 244 HOH A O   1 
HETATM 1340 O  O   . HOH G 5 .   ? 3.159   10.271  17.311  1.00 23.84 ? 245 HOH A O   1 
HETATM 1341 O  O   . HOH G 5 .   ? -7.585  19.627  -0.736  1.00 34.26 ? 246 HOH A O   1 
HETATM 1342 O  O   . HOH G 5 .   ? 9.769   12.670  7.431   1.00 25.59 ? 247 HOH A O   1 
HETATM 1343 O  O   . HOH G 5 .   ? -0.232  2.156   22.652  1.00 27.77 ? 248 HOH A O   1 
HETATM 1344 O  O   . HOH G 5 .   ? 9.555   8.480   0.449   1.00 23.48 ? 249 HOH A O   1 
HETATM 1345 O  O   . HOH G 5 .   ? -9.373  -6.381  1.153   1.00 29.79 ? 250 HOH A O   1 
HETATM 1346 O  O   . HOH G 5 .   ? 15.085  -3.757  -2.536  1.00 31.77 ? 251 HOH A O   1 
HETATM 1347 O  O   . HOH G 5 .   ? 2.439   -12.376 -3.061  1.00 22.92 ? 252 HOH A O   1 
HETATM 1348 O  O   . HOH G 5 .   ? 12.616  -8.922  -17.265 1.00 24.27 ? 253 HOH A O   1 
HETATM 1349 O  O   . HOH G 5 .   ? 13.254  -2.264  -7.595  1.00 25.11 ? 254 HOH A O   1 
HETATM 1350 O  O   . HOH G 5 .   ? 12.022  -11.691 -10.976 1.00 24.43 ? 255 HOH A O   1 
HETATM 1351 O  O   . HOH G 5 .   ? 5.212   13.690  14.538  1.00 25.16 ? 256 HOH A O   1 
HETATM 1352 O  O   . HOH G 5 .   ? -2.275  -11.588 9.398   1.00 32.55 ? 257 HOH A O   1 
HETATM 1353 O  O   . HOH G 5 .   ? 5.696   4.095   23.147  1.00 30.72 ? 258 HOH A O   1 
HETATM 1354 O  O   . HOH G 5 .   ? -11.618 -5.826  2.147   1.00 30.39 ? 259 HOH A O   1 
HETATM 1355 O  O   . HOH G 5 .   ? 12.166  1.161   -8.472  1.00 31.07 ? 260 HOH A O   1 
HETATM 1356 O  O   . HOH G 5 .   ? 15.729  1.430   4.007   1.00 36.58 ? 261 HOH A O   1 
HETATM 1357 O  O   . HOH G 5 .   ? 6.010   13.409  11.664  1.00 26.59 ? 262 HOH A O   1 
HETATM 1358 O  O   . HOH G 5 .   ? 11.426  -1.416  -16.185 1.00 31.25 ? 263 HOH A O   1 
HETATM 1359 O  O   . HOH G 5 .   ? 12.989  2.448   8.082   1.00 26.45 ? 264 HOH A O   1 
HETATM 1360 O  O   . HOH G 5 .   ? 6.693   -11.513 -17.071 1.00 20.37 ? 265 HOH A O   1 
HETATM 1361 O  O   . HOH G 5 .   ? -1.322  7.323   7.925   1.00 16.70 ? 266 HOH A O   1 
HETATM 1362 O  O   . HOH G 5 .   ? -1.848  9.544   14.654  1.00 33.86 ? 267 HOH A O   1 
# 
